data_3EZQ
#
_entry.id   3EZQ
#
_cell.length_a   126.218
_cell.length_b   126.218
_cell.length_c   299.274
_cell.angle_alpha   90.00
_cell.angle_beta   90.00
_cell.angle_gamma   120.00
#
_symmetry.space_group_name_H-M   'P 61'
#
loop_
_entity.id
_entity.type
_entity.pdbx_description
1 polymer 'Tumor necrosis factor receptor superfamily member 6'
2 polymer 'Protein FADD'
3 non-polymer 'SULFATE ION'
4 non-polymer 'SODIUM ION'
5 water water
#
loop_
_entity_poly.entity_id
_entity_poly.type
_entity_poly.pdbx_seq_one_letter_code
_entity_poly.pdbx_strand_id
1 'polypeptide(L)'
;NLSDVDLSKYITTIAGVMTLSQVKGFVRKNGVNEAKIDEIKNDNVQDTAEQKVQLLRNWHQLHGKKEAYDTLIKDLKKAN
LCTLAEKIQTIILKDITSDSENSNFRNEIQSLVLE
;
A,C,E,G,I,K,M,O
2 'polypeptide(L)'
;GEEDLCAAFNVICDNVGKDWRRLARQLKVSDTKIDSIEDRYPRNLTERVRESLRIWKNTEKENATVAHLVGALRSCQMNL
VADLVQEVQQARDLQNRSGAMSPMSWNSDASTSEASHHHHHH
;
B,D,F,H,J,L,N,P
#
loop_
_chem_comp.id
_chem_comp.type
_chem_comp.name
_chem_comp.formula
NA non-polymer 'SODIUM ION' 'Na 1'
SO4 non-polymer 'SULFATE ION' 'O4 S -2'
#
# COMPACT_ATOMS: atom_id res chain seq x y z
N ASN A 1 7.13 -12.03 -32.45
CA ASN A 1 7.80 -11.38 -33.62
C ASN A 1 8.66 -10.18 -33.20
N LEU A 2 8.07 -9.22 -32.49
CA LEU A 2 8.83 -8.04 -32.00
C LEU A 2 9.13 -8.12 -30.50
N SER A 3 8.87 -9.28 -29.91
CA SER A 3 9.06 -9.43 -28.49
C SER A 3 10.48 -9.03 -28.11
N ASP A 4 11.46 -9.53 -28.85
CA ASP A 4 12.86 -9.28 -28.52
C ASP A 4 13.35 -7.87 -28.89
N VAL A 5 12.75 -7.24 -29.90
CA VAL A 5 13.10 -5.87 -30.23
C VAL A 5 12.61 -4.96 -29.11
N ASP A 6 11.37 -5.14 -28.69
CA ASP A 6 10.83 -4.33 -27.62
C ASP A 6 11.54 -4.60 -26.32
N LEU A 7 11.94 -5.85 -26.08
CA LEU A 7 12.73 -6.13 -24.87
C LEU A 7 14.07 -5.44 -24.98
N SER A 8 14.64 -5.39 -26.19
CA SER A 8 15.91 -4.71 -26.38
C SER A 8 15.80 -3.20 -26.20
N LYS A 9 14.77 -2.61 -26.78
CA LYS A 9 14.58 -1.16 -26.59
C LYS A 9 14.46 -0.82 -25.12
N TYR A 10 13.68 -1.60 -24.38
CA TYR A 10 13.52 -1.40 -22.95
C TYR A 10 14.83 -1.53 -22.20
N ILE A 11 15.51 -2.66 -22.32
CA ILE A 11 16.77 -2.85 -21.59
C ILE A 11 17.85 -1.86 -22.01
N THR A 12 17.81 -1.41 -23.25
CA THR A 12 18.73 -0.35 -23.67
C THR A 12 18.42 0.92 -22.90
N THR A 13 17.14 1.24 -22.75
CA THR A 13 16.78 2.43 -22.00
C THR A 13 17.27 2.38 -20.53
N ILE A 14 17.12 1.23 -19.87
CA ILE A 14 17.68 1.09 -18.53
C ILE A 14 19.20 1.19 -18.57
N ALA A 15 19.84 0.51 -19.51
CA ALA A 15 21.31 0.58 -19.60
C ALA A 15 21.81 2.02 -19.68
N GLY A 16 21.08 2.84 -20.40
CA GLY A 16 21.52 4.20 -20.69
C GLY A 16 21.49 5.08 -19.47
N VAL A 17 20.79 4.64 -18.43
CA VAL A 17 20.67 5.44 -17.21
C VAL A 17 21.45 4.80 -16.07
N MET A 18 22.39 3.92 -16.34
CA MET A 18 23.24 3.30 -15.33
C MET A 18 24.67 3.19 -15.87
N THR A 19 25.66 3.28 -15.00
CA THR A 19 27.05 3.09 -15.42
C THR A 19 27.40 1.61 -15.40
N LEU A 20 28.46 1.24 -16.13
CA LEU A 20 28.88 -0.16 -16.22
C LEU A 20 29.10 -0.76 -14.83
N SER A 21 29.75 0.00 -13.97
CA SER A 21 30.03 -0.50 -12.62
C SER A 21 28.72 -0.63 -11.84
N GLN A 22 27.85 0.34 -12.01
CA GLN A 22 26.55 0.27 -11.38
C GLN A 22 25.73 -0.96 -11.86
N VAL A 23 25.75 -1.26 -13.16
CA VAL A 23 25.05 -2.45 -13.66
C VAL A 23 25.67 -3.72 -13.13
N LYS A 24 26.99 -3.76 -13.14
CA LYS A 24 27.72 -4.93 -12.67
C LYS A 24 27.37 -5.19 -11.22
N GLY A 25 27.35 -4.10 -10.43
CA GLY A 25 27.00 -4.17 -9.00
C GLY A 25 25.60 -4.74 -8.78
N PHE A 26 24.64 -4.20 -9.53
CA PHE A 26 23.26 -4.61 -9.41
C PHE A 26 23.04 -6.07 -9.77
N VAL A 27 23.47 -6.49 -10.96
CA VAL A 27 23.27 -7.85 -11.40
C VAL A 27 23.99 -8.86 -10.50
N ARG A 28 25.14 -8.45 -9.97
CA ARG A 28 25.85 -9.30 -9.00
C ARG A 28 24.99 -9.56 -7.77
N LYS A 29 24.35 -8.52 -7.26
CA LYS A 29 23.48 -8.64 -6.10
C LYS A 29 22.24 -9.46 -6.39
N ASN A 30 21.84 -9.59 -7.65
CA ASN A 30 20.58 -10.24 -8.00
C ASN A 30 20.72 -11.41 -8.97
N GLY A 31 21.68 -12.29 -8.68
CA GLY A 31 21.73 -13.62 -9.27
C GLY A 31 22.60 -13.87 -10.49
N VAL A 32 23.37 -12.88 -10.94
CA VAL A 32 24.33 -13.10 -12.04
C VAL A 32 25.74 -13.27 -11.47
N ASN A 33 26.17 -14.51 -11.40
CA ASN A 33 27.48 -14.85 -10.83
C ASN A 33 28.65 -14.29 -11.65
N GLU A 34 29.71 -13.90 -10.95
CA GLU A 34 31.00 -13.50 -11.56
C GLU A 34 31.46 -14.36 -12.76
N ALA A 35 31.01 -15.61 -12.84
CA ALA A 35 31.25 -16.38 -14.05
C ALA A 35 30.64 -15.62 -15.22
N LYS A 36 29.30 -15.50 -15.22
CA LYS A 36 28.54 -14.89 -16.35
C LYS A 36 29.03 -13.50 -16.68
N ILE A 37 29.46 -12.77 -15.66
CA ILE A 37 29.93 -11.41 -15.89
C ILE A 37 31.17 -11.41 -16.77
N ASP A 38 32.15 -12.23 -16.41
CA ASP A 38 33.42 -12.28 -17.15
C ASP A 38 33.21 -12.74 -18.58
N GLU A 39 32.39 -13.79 -18.75
CA GLU A 39 32.00 -14.28 -20.07
C GLU A 39 31.45 -13.13 -20.94
N ILE A 40 30.59 -12.30 -20.32
CA ILE A 40 30.02 -11.14 -21.00
C ILE A 40 31.07 -10.06 -21.22
N LYS A 41 31.91 -9.84 -20.22
CA LYS A 41 32.95 -8.81 -20.27
C LYS A 41 33.95 -9.04 -21.41
N ASN A 42 34.27 -10.30 -21.69
CA ASN A 42 35.22 -10.67 -22.75
C ASN A 42 34.59 -10.79 -24.14
N ASP A 43 33.26 -10.82 -24.19
CA ASP A 43 32.53 -10.85 -25.46
C ASP A 43 32.41 -9.46 -26.06
N ASN A 44 32.62 -8.45 -25.24
CA ASN A 44 32.42 -7.07 -25.65
C ASN A 44 33.48 -6.16 -25.02
N VAL A 45 34.74 -6.38 -25.40
CA VAL A 45 35.88 -5.66 -24.80
C VAL A 45 35.87 -4.17 -25.18
N GLN A 46 35.54 -3.91 -26.44
CA GLN A 46 35.41 -2.54 -26.96
C GLN A 46 34.07 -1.90 -26.58
N ASP A 47 32.99 -2.68 -26.60
CA ASP A 47 31.62 -2.15 -26.47
C ASP A 47 31.04 -2.21 -25.04
N THR A 48 31.31 -1.19 -24.24
CA THR A 48 30.81 -1.16 -22.86
C THR A 48 29.28 -0.97 -22.77
N ALA A 49 28.70 -0.34 -23.79
CA ALA A 49 27.25 -0.20 -23.88
C ALA A 49 26.59 -1.56 -24.00
N GLU A 50 27.14 -2.40 -24.89
CA GLU A 50 26.60 -3.75 -25.11
C GLU A 50 26.82 -4.65 -23.90
N GLN A 51 27.91 -4.41 -23.17
CA GLN A 51 28.20 -5.09 -21.91
C GLN A 51 27.03 -4.89 -20.93
N LYS A 52 26.65 -3.63 -20.73
CA LYS A 52 25.53 -3.30 -19.84
C LYS A 52 24.24 -3.97 -20.29
N VAL A 53 23.98 -3.97 -21.60
CA VAL A 53 22.76 -4.56 -22.11
C VAL A 53 22.73 -6.08 -21.91
N GLN A 54 23.82 -6.75 -22.24
CA GLN A 54 23.90 -8.21 -22.05
C GLN A 54 23.75 -8.55 -20.56
N LEU A 55 24.47 -7.81 -19.71
CA LEU A 55 24.39 -8.01 -18.26
C LEU A 55 22.95 -7.91 -17.78
N LEU A 56 22.25 -6.87 -18.22
CA LEU A 56 20.86 -6.68 -17.84
C LEU A 56 19.96 -7.74 -18.46
N ARG A 57 20.28 -8.15 -19.69
CA ARG A 57 19.53 -9.22 -20.35
C ARG A 57 19.58 -10.51 -19.55
N ASN A 58 20.81 -10.89 -19.16
CA ASN A 58 21.03 -12.08 -18.37
C ASN A 58 20.27 -11.98 -17.04
N TRP A 59 20.35 -10.83 -16.38
CA TRP A 59 19.63 -10.59 -15.13
C TRP A 59 18.13 -10.68 -15.34
N HIS A 60 17.64 -10.10 -16.43
CA HIS A 60 16.21 -9.98 -16.66
C HIS A 60 15.53 -11.35 -16.82
N GLN A 61 16.24 -12.31 -17.42
CA GLN A 61 15.68 -13.65 -17.69
C GLN A 61 15.93 -14.63 -16.55
N LEU A 62 15.87 -14.12 -15.32
CA LEU A 62 16.16 -14.89 -14.13
C LEU A 62 15.14 -14.63 -13.02
N HIS A 63 14.11 -13.82 -13.28
CA HIS A 63 13.32 -13.27 -12.19
C HIS A 63 11.84 -13.03 -12.50
N GLY A 64 11.00 -13.35 -11.51
CA GLY A 64 9.60 -12.93 -11.52
C GLY A 64 9.49 -11.40 -11.57
N LYS A 65 8.46 -10.93 -12.25
CA LYS A 65 8.22 -9.50 -12.43
C LYS A 65 8.26 -8.74 -11.11
N LYS A 66 7.48 -9.16 -10.12
CA LYS A 66 7.44 -8.46 -8.82
C LYS A 66 8.83 -8.28 -8.22
N GLU A 67 9.71 -9.25 -8.41
CA GLU A 67 11.08 -9.21 -7.90
C GLU A 67 11.95 -8.35 -8.80
N ALA A 68 11.85 -8.54 -10.11
CA ALA A 68 12.58 -7.70 -11.06
C ALA A 68 12.24 -6.21 -10.90
N TYR A 69 10.96 -5.91 -10.72
CA TYR A 69 10.52 -4.54 -10.48
C TYR A 69 11.13 -3.99 -9.22
N ASP A 70 10.80 -4.61 -8.08
CA ASP A 70 11.19 -4.06 -6.78
C ASP A 70 12.68 -3.81 -6.76
N THR A 71 13.44 -4.80 -7.21
CA THR A 71 14.88 -4.75 -7.18
C THR A 71 15.45 -3.60 -8.02
N LEU A 72 15.03 -3.51 -9.28
CA LEU A 72 15.49 -2.45 -10.19
C LEU A 72 15.02 -1.06 -9.73
N ILE A 73 13.76 -0.93 -9.36
CA ILE A 73 13.23 0.34 -8.88
C ILE A 73 14.00 0.85 -7.67
N LYS A 74 14.23 -0.04 -6.71
CA LYS A 74 15.04 0.27 -5.53
C LYS A 74 16.43 0.73 -5.93
N ASP A 75 17.02 0.03 -6.90
CA ASP A 75 18.37 0.34 -7.30
C ASP A 75 18.45 1.73 -7.93
N LEU A 76 17.51 2.03 -8.83
CA LEU A 76 17.49 3.34 -9.50
C LEU A 76 17.18 4.46 -8.50
N LYS A 77 16.26 4.18 -7.59
CA LYS A 77 15.88 5.13 -6.54
C LYS A 77 17.10 5.57 -5.74
N LYS A 78 17.88 4.62 -5.25
CA LYS A 78 19.06 4.97 -4.47
C LYS A 78 20.12 5.66 -5.31
N ALA A 79 20.32 5.21 -6.55
CA ALA A 79 21.32 5.86 -7.37
C ALA A 79 20.85 7.29 -7.57
N ASN A 80 19.58 7.48 -7.92
CA ASN A 80 19.05 8.83 -8.12
C ASN A 80 19.21 9.70 -6.88
N LEU A 81 18.88 9.16 -5.73
CA LEU A 81 18.97 9.94 -4.51
C LEU A 81 20.40 10.34 -4.20
N CYS A 82 21.38 9.46 -4.41
CA CYS A 82 22.79 9.87 -4.25
C CYS A 82 23.21 10.96 -5.26
N THR A 83 22.81 10.85 -6.52
CA THR A 83 23.24 11.83 -7.48
C THR A 83 22.59 13.18 -7.19
N LEU A 84 21.31 13.17 -6.82
CA LEU A 84 20.63 14.40 -6.42
C LEU A 84 21.35 15.07 -5.25
N ALA A 85 21.71 14.28 -4.25
CA ALA A 85 22.39 14.79 -3.09
C ALA A 85 23.72 15.43 -3.54
N GLU A 86 24.42 14.82 -4.49
CA GLU A 86 25.74 15.37 -4.86
C GLU A 86 25.56 16.65 -5.66
N LYS A 87 24.61 16.62 -6.57
CA LYS A 87 24.40 17.75 -7.41
C LYS A 87 23.79 18.93 -6.67
N ILE A 88 22.88 18.68 -5.74
CA ILE A 88 22.30 19.77 -4.96
C ILE A 88 23.35 20.33 -3.99
N GLN A 89 24.16 19.47 -3.40
CA GLN A 89 25.23 19.99 -2.53
C GLN A 89 26.17 20.91 -3.28
N THR A 90 26.52 20.56 -4.51
CA THR A 90 27.39 21.39 -5.28
C THR A 90 26.78 22.77 -5.55
N ILE A 91 25.51 22.80 -5.95
CA ILE A 91 24.84 24.08 -6.18
C ILE A 91 24.85 24.95 -4.91
N ILE A 92 24.43 24.36 -3.81
CA ILE A 92 24.36 25.06 -2.53
C ILE A 92 25.71 25.62 -2.08
N LEU A 93 26.76 24.78 -2.06
CA LEU A 93 28.09 25.29 -1.67
C LEU A 93 28.59 26.37 -2.62
N LYS A 94 28.30 26.21 -3.89
CA LYS A 94 28.70 27.20 -4.86
C LYS A 94 28.01 28.53 -4.53
N ASP A 95 26.69 28.52 -4.38
CA ASP A 95 25.97 29.75 -4.08
C ASP A 95 26.19 30.35 -2.69
N ILE A 96 26.48 29.52 -1.70
CA ILE A 96 26.62 29.98 -0.32
C ILE A 96 27.98 30.64 -0.15
N THR A 97 28.89 30.43 -1.07
CA THR A 97 30.25 30.95 -0.95
C THR A 97 30.54 32.01 -2.00
N SER A 98 29.54 32.28 -2.84
CA SER A 98 29.60 33.35 -3.83
C SER A 98 29.19 34.70 -3.24
N ASP A 99 29.72 35.76 -3.80
CA ASP A 99 29.37 37.13 -3.42
C ASP A 99 28.30 37.72 -4.35
N SER A 100 28.16 37.15 -5.52
CA SER A 100 27.17 37.65 -6.47
C SER A 100 25.81 37.07 -6.14
N GLU A 101 24.79 37.60 -6.80
CA GLU A 101 23.46 37.02 -6.77
C GLU A 101 23.45 35.65 -7.42
N ASN A 102 22.61 34.73 -6.94
CA ASN A 102 22.37 33.48 -7.68
C ASN A 102 20.89 33.26 -7.93
N SER A 103 20.31 34.17 -8.71
CA SER A 103 18.92 34.07 -9.18
C SER A 103 18.64 32.76 -9.95
N ASN A 104 19.68 31.96 -10.18
CA ASN A 104 19.56 30.69 -10.91
C ASN A 104 19.27 29.48 -10.00
N PHE A 105 19.37 29.65 -8.68
CA PHE A 105 19.22 28.50 -7.77
C PHE A 105 17.91 27.71 -7.98
N ARG A 106 16.79 28.41 -8.00
CA ARG A 106 15.49 27.78 -8.19
C ARG A 106 15.44 27.02 -9.52
N ASN A 107 15.90 27.66 -10.58
CA ASN A 107 15.92 27.04 -11.92
C ASN A 107 16.79 25.82 -11.87
N GLU A 108 17.96 25.95 -11.26
CA GLU A 108 18.86 24.83 -11.18
C GLU A 108 18.20 23.63 -10.51
N ILE A 109 17.66 23.83 -9.31
CA ILE A 109 16.99 22.74 -8.62
C ILE A 109 15.85 22.18 -9.48
N GLN A 110 15.04 23.04 -10.08
CA GLN A 110 13.88 22.56 -10.82
C GLN A 110 14.27 21.67 -11.98
N SER A 111 15.39 21.97 -12.64
CA SER A 111 15.83 21.16 -13.77
C SER A 111 16.26 19.77 -13.34
N LEU A 112 16.78 19.63 -12.12
CA LEU A 112 17.23 18.33 -11.61
C LEU A 112 16.05 17.39 -11.40
N VAL A 113 14.84 17.94 -11.26
CA VAL A 113 13.65 17.12 -10.97
C VAL A 113 12.57 17.26 -12.06
N LEU A 114 13.00 17.65 -13.26
CA LEU A 114 12.09 17.85 -14.37
C LEU A 114 11.31 16.59 -14.72
N GLU A 115 10.01 16.72 -14.92
CA GLU A 115 9.19 15.55 -15.25
C GLU A 115 8.00 15.89 -16.15
N GLY B 1 11.81 15.86 -22.95
CA GLY B 1 10.86 16.18 -24.07
C GLY B 1 10.72 15.00 -25.02
N GLU B 2 11.35 15.10 -26.19
CA GLU B 2 11.29 14.03 -27.21
C GLU B 2 11.90 12.72 -26.69
N GLU B 3 13.19 12.74 -26.38
CA GLU B 3 13.90 11.55 -25.93
C GLU B 3 13.37 11.03 -24.57
N ASP B 4 12.90 11.92 -23.69
CA ASP B 4 12.29 11.51 -22.41
C ASP B 4 11.04 10.66 -22.66
N LEU B 5 10.15 11.13 -23.52
CA LEU B 5 8.93 10.39 -23.82
C LEU B 5 9.24 9.03 -24.45
N CYS B 6 10.28 8.97 -25.27
CA CYS B 6 10.75 7.72 -25.83
C CYS B 6 11.17 6.73 -24.73
N ALA B 7 11.97 7.22 -23.79
CA ALA B 7 12.41 6.40 -22.68
C ALA B 7 11.19 5.87 -21.94
N ALA B 8 10.25 6.75 -21.60
CA ALA B 8 9.04 6.35 -20.89
C ALA B 8 8.28 5.30 -21.71
N PHE B 9 8.11 5.57 -23.00
CA PHE B 9 7.38 4.65 -23.88
C PHE B 9 7.99 3.26 -23.89
N ASN B 10 9.32 3.19 -23.96
CA ASN B 10 10.00 1.88 -23.94
C ASN B 10 9.76 1.11 -22.65
N VAL B 11 9.72 1.82 -21.53
CA VAL B 11 9.47 1.19 -20.26
C VAL B 11 8.02 0.68 -20.21
N ILE B 12 7.08 1.52 -20.64
CA ILE B 12 5.66 1.18 -20.57
C ILE B 12 5.32 0.01 -21.49
N CYS B 13 5.75 0.14 -22.75
CA CYS B 13 5.51 -0.87 -23.79
C CYS B 13 5.80 -2.32 -23.39
N ASP B 14 6.94 -2.51 -22.74
CA ASP B 14 7.44 -3.83 -22.45
C ASP B 14 6.97 -4.31 -21.08
N ASN B 15 6.14 -3.54 -20.40
CA ASN B 15 5.74 -3.88 -19.04
C ASN B 15 4.24 -3.80 -18.73
N VAL B 16 3.44 -3.20 -19.61
CA VAL B 16 1.99 -3.06 -19.36
C VAL B 16 1.26 -4.36 -19.67
N GLY B 17 1.03 -4.65 -20.95
CA GLY B 17 0.45 -5.92 -21.37
C GLY B 17 -1.07 -6.09 -21.27
N LYS B 18 -1.51 -6.83 -20.24
CA LYS B 18 -2.87 -7.39 -20.21
C LYS B 18 -3.97 -6.32 -20.22
N ASP B 19 -3.79 -5.27 -19.41
CA ASP B 19 -4.84 -4.25 -19.22
C ASP B 19 -4.52 -2.95 -19.95
N TRP B 20 -3.94 -3.07 -21.15
CA TRP B 20 -3.53 -1.90 -21.91
C TRP B 20 -4.72 -1.02 -22.33
N ARG B 21 -5.87 -1.64 -22.61
CA ARG B 21 -7.08 -0.90 -23.00
C ARG B 21 -7.54 0.03 -21.87
N ARG B 22 -7.37 -0.42 -20.63
CA ARG B 22 -7.62 0.41 -19.45
C ARG B 22 -6.73 1.66 -19.48
N LEU B 23 -5.46 1.48 -19.83
CA LEU B 23 -4.51 2.59 -19.90
C LEU B 23 -4.88 3.56 -21.04
N ALA B 24 -5.16 3.00 -22.21
CA ALA B 24 -5.58 3.81 -23.37
C ALA B 24 -6.74 4.74 -22.99
N ARG B 25 -7.70 4.20 -22.24
CA ARG B 25 -8.85 4.96 -21.79
C ARG B 25 -8.46 6.15 -20.92
N GLN B 26 -7.51 5.94 -20.01
CA GLN B 26 -7.08 7.01 -19.13
C GLN B 26 -6.33 8.11 -19.87
N LEU B 27 -5.67 7.75 -20.97
CA LEU B 27 -4.97 8.73 -21.81
C LEU B 27 -5.95 9.45 -22.74
N LYS B 28 -7.24 9.34 -22.43
CA LYS B 28 -8.31 9.91 -23.26
C LYS B 28 -8.17 9.51 -24.74
N VAL B 29 -7.79 8.26 -24.97
CA VAL B 29 -7.77 7.70 -26.32
C VAL B 29 -9.15 7.12 -26.59
N SER B 30 -9.84 7.67 -27.60
CA SER B 30 -11.21 7.27 -27.91
C SER B 30 -11.32 5.78 -28.22
N ASP B 31 -12.51 5.21 -27.99
CA ASP B 31 -12.77 3.81 -28.30
C ASP B 31 -12.72 3.57 -29.82
N THR B 32 -13.11 4.58 -30.59
CA THR B 32 -13.02 4.53 -32.04
C THR B 32 -11.58 4.28 -32.51
N LYS B 33 -10.62 4.80 -31.74
CA LYS B 33 -9.21 4.59 -32.02
C LYS B 33 -8.71 3.25 -31.44
N ILE B 34 -9.16 2.91 -30.23
CA ILE B 34 -8.77 1.67 -29.55
C ILE B 34 -9.24 0.42 -30.31
N ASP B 35 -10.44 0.48 -30.89
CA ASP B 35 -10.91 -0.59 -31.76
C ASP B 35 -9.94 -0.81 -32.92
N SER B 36 -9.51 0.29 -33.54
CA SER B 36 -8.62 0.23 -34.70
C SER B 36 -7.21 -0.24 -34.34
N ILE B 37 -6.73 0.06 -33.14
CA ILE B 37 -5.43 -0.44 -32.67
C ILE B 37 -5.48 -1.97 -32.48
N GLU B 38 -6.62 -2.49 -32.03
CA GLU B 38 -6.81 -3.94 -31.90
C GLU B 38 -6.75 -4.60 -33.27
N ASP B 39 -7.23 -3.87 -34.26
CA ASP B 39 -7.27 -4.37 -35.60
C ASP B 39 -5.88 -4.30 -36.28
N ARG B 40 -5.18 -3.17 -36.14
CA ARG B 40 -3.88 -2.91 -36.79
C ARG B 40 -2.75 -3.84 -36.36
N TYR B 41 -2.75 -4.23 -35.10
CA TYR B 41 -1.66 -5.00 -34.53
C TYR B 41 -2.17 -6.15 -33.66
N PRO B 42 -2.78 -7.17 -34.29
CA PRO B 42 -3.31 -8.30 -33.54
C PRO B 42 -2.19 -9.22 -33.02
N ARG B 43 -1.02 -9.17 -33.65
CA ARG B 43 0.09 -10.06 -33.27
C ARG B 43 0.70 -9.70 -31.92
N ASN B 44 1.36 -8.53 -31.83
CA ASN B 44 2.07 -8.18 -30.61
C ASN B 44 1.39 -7.18 -29.65
N LEU B 45 1.16 -7.64 -28.43
CA LEU B 45 0.57 -6.82 -27.37
C LEU B 45 1.40 -5.57 -27.12
N THR B 46 2.72 -5.72 -27.22
CA THR B 46 3.65 -4.59 -26.99
C THR B 46 3.51 -3.50 -28.06
N GLU B 47 3.22 -3.92 -29.29
CA GLU B 47 3.06 -2.99 -30.39
C GLU B 47 1.75 -2.20 -30.26
N ARG B 48 0.73 -2.84 -29.70
CA ARG B 48 -0.55 -2.19 -29.47
C ARG B 48 -0.43 -1.09 -28.42
N VAL B 49 0.32 -1.39 -27.37
CA VAL B 49 0.58 -0.43 -26.31
C VAL B 49 1.28 0.82 -26.86
N ARG B 50 2.30 0.61 -27.69
CA ARG B 50 3.07 1.73 -28.25
C ARG B 50 2.21 2.69 -29.09
N GLU B 51 1.41 2.15 -30.00
CA GLU B 51 0.57 2.98 -30.86
C GLU B 51 -0.45 3.80 -30.06
N SER B 52 -0.97 3.21 -28.98
CA SER B 52 -1.85 3.94 -28.04
C SER B 52 -1.16 5.19 -27.48
N LEU B 53 0.11 5.04 -27.12
CA LEU B 53 0.88 6.17 -26.60
C LEU B 53 1.17 7.17 -27.72
N ARG B 54 1.54 6.68 -28.89
CA ARG B 54 1.84 7.57 -30.01
C ARG B 54 0.67 8.49 -30.32
N ILE B 55 -0.54 7.92 -30.36
CA ILE B 55 -1.76 8.71 -30.59
C ILE B 55 -1.90 9.79 -29.50
N TRP B 56 -1.62 9.40 -28.25
CA TRP B 56 -1.69 10.33 -27.13
C TRP B 56 -0.72 11.51 -27.26
N LYS B 57 0.51 11.23 -27.73
CA LYS B 57 1.51 12.29 -27.94
C LYS B 57 1.08 13.24 -29.08
N ASN B 58 0.52 12.68 -30.14
CA ASN B 58 -0.01 13.47 -31.24
C ASN B 58 -1.25 14.26 -30.82
N THR B 59 -1.91 13.82 -29.75
CA THR B 59 -3.15 14.46 -29.29
C THR B 59 -2.87 15.71 -28.45
N GLU B 60 -1.68 15.79 -27.84
CA GLU B 60 -1.20 17.03 -27.22
C GLU B 60 0.28 17.24 -27.53
N LYS B 61 0.54 18.06 -28.55
CA LYS B 61 1.92 18.35 -28.97
C LYS B 61 2.75 18.87 -27.78
N GLU B 62 2.28 19.95 -27.16
CA GLU B 62 3.02 20.63 -26.11
C GLU B 62 2.77 20.07 -24.70
N ASN B 63 1.61 19.46 -24.47
CA ASN B 63 1.25 19.04 -23.10
C ASN B 63 1.43 17.54 -22.83
N ALA B 64 2.02 16.82 -23.79
CA ALA B 64 2.34 15.39 -23.60
C ALA B 64 3.58 15.26 -22.70
N THR B 65 3.34 15.28 -21.40
CA THR B 65 4.41 15.25 -20.42
C THR B 65 4.50 13.88 -19.75
N VAL B 66 5.71 13.51 -19.30
CA VAL B 66 5.92 12.26 -18.57
C VAL B 66 5.11 12.28 -17.29
N ALA B 67 5.03 13.45 -16.64
CA ALA B 67 4.23 13.63 -15.42
C ALA B 67 2.81 13.11 -15.63
N HIS B 68 2.21 13.46 -16.77
CA HIS B 68 0.85 13.03 -17.06
C HIS B 68 0.76 11.55 -17.39
N LEU B 69 1.79 11.01 -18.04
CA LEU B 69 1.88 9.57 -18.26
C LEU B 69 1.81 8.82 -16.93
N VAL B 70 2.54 9.35 -15.94
CA VAL B 70 2.63 8.74 -14.63
C VAL B 70 1.29 8.80 -13.90
N GLY B 71 0.58 9.93 -14.05
CA GLY B 71 -0.78 10.02 -13.52
C GLY B 71 -1.69 8.96 -14.11
N ALA B 72 -1.68 8.89 -15.45
CA ALA B 72 -2.43 7.87 -16.18
C ALA B 72 -2.18 6.49 -15.58
N LEU B 73 -0.91 6.09 -15.51
CA LEU B 73 -0.54 4.79 -14.98
C LEU B 73 -1.10 4.55 -13.57
N ARG B 74 -0.96 5.55 -12.71
CA ARG B 74 -1.37 5.40 -11.31
C ARG B 74 -2.87 5.30 -11.16
N SER B 75 -3.63 5.96 -12.03
CA SER B 75 -5.09 5.90 -11.97
C SER B 75 -5.62 4.53 -12.40
N CYS B 76 -4.81 3.74 -13.12
CA CYS B 76 -5.17 2.36 -13.47
C CYS B 76 -4.46 1.32 -12.58
N GLN B 77 -3.98 1.77 -11.42
CA GLN B 77 -3.28 0.92 -10.45
C GLN B 77 -2.04 0.22 -11.04
N MET B 78 -1.42 0.85 -12.04
CA MET B 78 -0.19 0.34 -12.66
C MET B 78 0.98 1.05 -11.99
N ASN B 79 1.06 0.90 -10.68
CA ASN B 79 1.93 1.72 -9.84
C ASN B 79 3.40 1.38 -10.00
N LEU B 80 3.72 0.08 -10.00
CA LEU B 80 5.09 -0.35 -10.22
C LEU B 80 5.66 0.15 -11.55
N VAL B 81 4.83 0.21 -12.60
CA VAL B 81 5.27 0.74 -13.90
C VAL B 81 5.48 2.25 -13.79
N ALA B 82 4.55 2.93 -13.12
CA ALA B 82 4.68 4.36 -12.85
C ALA B 82 5.99 4.65 -12.09
N ASP B 83 6.23 3.88 -11.03
CA ASP B 83 7.46 4.00 -10.27
C ASP B 83 8.67 3.92 -11.18
N LEU B 84 8.73 2.88 -12.00
CA LEU B 84 9.87 2.67 -12.87
C LEU B 84 10.03 3.83 -13.89
N VAL B 85 8.92 4.32 -14.46
CA VAL B 85 8.98 5.45 -15.37
C VAL B 85 9.52 6.69 -14.66
N GLN B 86 9.07 6.92 -13.44
CA GLN B 86 9.53 8.06 -12.67
C GLN B 86 11.03 7.96 -12.42
N GLU B 87 11.50 6.81 -11.94
CA GLU B 87 12.91 6.65 -11.62
C GLU B 87 13.76 6.80 -12.88
N VAL B 88 13.28 6.31 -14.03
CA VAL B 88 14.08 6.47 -15.26
C VAL B 88 14.11 7.94 -15.65
N GLN B 89 12.98 8.60 -15.54
CA GLN B 89 12.93 10.03 -15.85
C GLN B 89 13.86 10.80 -14.93
N GLN B 90 13.87 10.44 -13.64
CA GLN B 90 14.69 11.15 -12.68
C GLN B 90 16.16 10.89 -12.98
N ALA B 91 16.48 9.65 -13.31
CA ALA B 91 17.84 9.28 -13.71
C ALA B 91 18.24 10.16 -14.89
N ARG B 92 17.37 10.27 -15.86
CA ARG B 92 17.69 11.06 -17.06
C ARG B 92 17.92 12.52 -16.75
N ASP B 93 17.14 13.08 -15.81
CA ASP B 93 17.36 14.45 -15.39
C ASP B 93 18.75 14.67 -14.81
N LEU B 94 19.33 13.64 -14.23
CA LEU B 94 20.59 13.78 -13.55
C LEU B 94 21.78 13.56 -14.47
N GLN B 95 21.51 13.13 -15.69
CA GLN B 95 22.59 12.95 -16.67
C GLN B 95 22.80 14.18 -17.52
N ASN B 96 21.73 14.88 -17.89
CA ASN B 96 21.84 16.12 -18.66
C ASN B 96 22.95 17.06 -18.13
N ARG B 97 23.04 17.16 -16.80
CA ARG B 97 24.06 17.99 -16.13
C ARG B 97 25.48 17.37 -16.23
N SER B 98 25.61 16.11 -15.85
CA SER B 98 26.91 15.42 -15.88
C SER B 98 27.27 15.01 -17.32
N GLY B 99 26.34 14.35 -18.01
CA GLY B 99 26.52 13.95 -19.42
C GLY B 99 25.75 14.82 -20.41
N ASN C 1 4.16 61.73 4.26
CA ASN C 1 2.84 61.41 4.86
C ASN C 1 2.79 59.91 5.17
N LEU C 2 2.95 59.06 4.16
CA LEU C 2 2.99 57.60 4.37
C LEU C 2 4.40 57.00 4.33
N SER C 3 5.44 57.84 4.32
CA SER C 3 6.80 57.33 4.21
C SER C 3 7.10 56.32 5.28
N ASP C 4 6.71 56.64 6.50
CA ASP C 4 7.01 55.79 7.64
C ASP C 4 6.12 54.55 7.73
N VAL C 5 4.90 54.63 7.21
CA VAL C 5 4.01 53.48 7.17
C VAL C 5 4.57 52.45 6.19
N ASP C 6 4.94 52.94 5.01
CA ASP C 6 5.51 52.08 3.98
C ASP C 6 6.90 51.54 4.37
N LEU C 7 7.66 52.34 5.11
CA LEU C 7 8.92 51.85 5.64
C LEU C 7 8.66 50.78 6.70
N SER C 8 7.59 50.96 7.47
CA SER C 8 7.23 49.98 8.50
C SER C 8 6.72 48.68 7.90
N LYS C 9 5.87 48.77 6.89
CA LYS C 9 5.38 47.59 6.18
C LYS C 9 6.54 46.77 5.61
N TYR C 10 7.47 47.47 4.97
CA TYR C 10 8.67 46.87 4.41
C TYR C 10 9.53 46.17 5.47
N ILE C 11 9.93 46.90 6.49
CA ILE C 11 10.75 46.35 7.55
C ILE C 11 10.06 45.22 8.30
N THR C 12 8.75 45.30 8.45
CA THR C 12 8.01 44.18 9.04
C THR C 12 8.12 42.94 8.16
N THR C 13 8.04 43.12 6.85
CA THR C 13 8.17 42.00 5.95
C THR C 13 9.52 41.33 6.12
N ILE C 14 10.60 42.09 6.14
CA ILE C 14 11.92 41.52 6.35
C ILE C 14 11.99 40.85 7.74
N ALA C 15 11.49 41.53 8.75
CA ALA C 15 11.49 40.96 10.10
C ALA C 15 10.81 39.58 10.17
N GLY C 16 9.76 39.41 9.37
CA GLY C 16 8.97 38.18 9.40
C GLY C 16 9.68 36.99 8.80
N VAL C 17 10.76 37.24 8.08
CA VAL C 17 11.50 36.17 7.42
C VAL C 17 12.87 35.99 8.06
N MET C 18 13.07 36.50 9.27
CA MET C 18 14.32 36.34 10.01
C MET C 18 13.99 36.00 11.47
N THR C 19 14.86 35.26 12.14
CA THR C 19 14.67 35.01 13.58
C THR C 19 15.33 36.14 14.35
N LEU C 20 14.93 36.30 15.61
CA LEU C 20 15.48 37.36 16.45
C LEU C 20 17.01 37.26 16.55
N SER C 21 17.55 36.04 16.68
CA SER C 21 19.00 35.89 16.77
C SER C 21 19.64 36.22 15.43
N GLN C 22 19.00 35.79 14.36
CA GLN C 22 19.50 36.13 13.04
C GLN C 22 19.53 37.66 12.81
N VAL C 23 18.47 38.38 13.20
CA VAL C 23 18.46 39.83 13.05
C VAL C 23 19.54 40.48 13.91
N LYS C 24 19.68 39.99 15.15
CA LYS C 24 20.68 40.51 16.09
C LYS C 24 22.06 40.31 15.49
N GLY C 25 22.30 39.13 14.91
CA GLY C 25 23.58 38.80 14.26
C GLY C 25 23.89 39.76 13.13
N PHE C 26 22.91 39.95 12.26
CA PHE C 26 23.02 40.81 11.09
C PHE C 26 23.34 42.25 11.42
N VAL C 27 22.50 42.87 12.25
CA VAL C 27 22.69 44.29 12.55
C VAL C 27 23.98 44.50 13.34
N ARG C 28 24.40 43.50 14.13
CA ARG C 28 25.67 43.59 14.85
C ARG C 28 26.82 43.69 13.85
N LYS C 29 26.76 42.87 12.81
CA LYS C 29 27.78 42.87 11.77
C LYS C 29 27.78 44.15 10.95
N ASN C 30 26.66 44.88 10.95
CA ASN C 30 26.50 46.04 10.08
C ASN C 30 26.17 47.34 10.83
N GLY C 31 26.89 47.59 11.92
CA GLY C 31 26.93 48.93 12.53
C GLY C 31 26.02 49.26 13.70
N VAL C 32 25.26 48.27 14.20
CA VAL C 32 24.45 48.48 15.40
C VAL C 32 25.16 47.87 16.60
N ASN C 33 25.79 48.74 17.41
CA ASN C 33 26.55 48.30 18.58
C ASN C 33 25.69 47.70 19.69
N GLU C 34 26.24 46.69 20.37
CA GLU C 34 25.64 46.07 21.56
C GLU C 34 24.95 47.05 22.54
N ALA C 35 25.37 48.31 22.56
CA ALA C 35 24.63 49.31 23.29
C ALA C 35 23.19 49.32 22.78
N LYS C 36 23.03 49.75 21.52
CA LYS C 36 21.69 49.97 20.93
C LYS C 36 20.84 48.71 20.98
N ILE C 37 21.48 47.55 20.90
CA ILE C 37 20.74 46.30 20.92
C ILE C 37 20.06 46.12 22.28
N ASP C 38 20.81 46.32 23.36
CA ASP C 38 20.27 46.12 24.70
C ASP C 38 19.18 47.14 25.04
N GLU C 39 19.40 48.38 24.65
CA GLU C 39 18.37 49.43 24.78
C GLU C 39 17.07 48.99 24.11
N ILE C 40 17.19 48.40 22.92
CA ILE C 40 16.05 47.89 22.14
C ILE C 40 15.47 46.64 22.82
N LYS C 41 16.35 45.76 23.30
CA LYS C 41 15.95 44.51 23.95
C LYS C 41 15.10 44.72 25.20
N ASN C 42 15.41 45.77 25.97
CA ASN C 42 14.70 46.05 27.20
C ASN C 42 13.47 46.93 27.00
N ASP C 43 13.33 47.50 25.81
CA ASP C 43 12.15 48.29 25.48
C ASP C 43 11.00 47.39 25.03
N ASN C 44 11.30 46.13 24.70
CA ASN C 44 10.29 45.21 24.21
C ASN C 44 10.58 43.80 24.73
N VAL C 45 10.44 43.61 26.04
CA VAL C 45 10.77 42.33 26.69
C VAL C 45 9.80 41.24 26.26
N GLN C 46 8.52 41.61 26.19
CA GLN C 46 7.46 40.70 25.75
C GLN C 46 7.41 40.52 24.24
N ASP C 47 7.64 41.61 23.51
CA ASP C 47 7.38 41.68 22.06
C ASP C 47 8.65 41.43 21.20
N THR C 48 8.96 40.17 20.94
CA THR C 48 10.14 39.83 20.13
C THR C 48 10.01 40.29 18.67
N ALA C 49 8.78 40.33 18.17
CA ALA C 49 8.52 40.81 16.82
C ALA C 49 8.92 42.29 16.69
N GLU C 50 8.55 43.08 17.69
CA GLU C 50 8.90 44.51 17.67
C GLU C 50 10.41 44.72 17.86
N GLN C 51 11.04 43.82 18.60
CA GLN C 51 12.49 43.87 18.76
C GLN C 51 13.17 43.80 17.40
N LYS C 52 12.78 42.81 16.61
CA LYS C 52 13.31 42.63 15.26
C LYS C 52 13.09 43.88 14.41
N VAL C 53 11.90 44.47 14.50
CA VAL C 53 11.59 45.64 13.67
C VAL C 53 12.41 46.86 14.10
N GLN C 54 12.50 47.12 15.41
CA GLN C 54 13.31 48.26 15.89
C GLN C 54 14.78 48.01 15.48
N LEU C 55 15.28 46.81 15.73
CA LEU C 55 16.65 46.47 15.35
C LEU C 55 16.91 46.80 13.87
N LEU C 56 16.03 46.32 12.99
CA LEU C 56 16.16 46.57 11.57
C LEU C 56 16.00 48.04 11.26
N ARG C 57 15.10 48.71 11.97
CA ARG C 57 14.90 50.15 11.79
C ARG C 57 16.17 50.92 12.06
N ASN C 58 16.78 50.62 13.20
CA ASN C 58 18.04 51.25 13.57
C ASN C 58 19.11 50.96 12.51
N TRP C 59 19.24 49.72 12.08
CA TRP C 59 20.18 49.36 11.02
C TRP C 59 19.89 50.12 9.73
N HIS C 60 18.62 50.21 9.37
CA HIS C 60 18.24 50.77 8.08
C HIS C 60 18.64 52.21 7.95
N GLN C 61 18.56 52.96 9.04
CA GLN C 61 18.83 54.41 9.02
C GLN C 61 20.31 54.71 9.29
N LEU C 62 21.20 53.87 8.77
CA LEU C 62 22.64 53.99 8.98
C LEU C 62 23.45 53.77 7.70
N HIS C 63 22.79 53.60 6.56
CA HIS C 63 23.47 53.02 5.42
C HIS C 63 23.00 53.47 4.05
N GLY C 64 23.95 53.68 3.16
CA GLY C 64 23.65 53.89 1.75
C GLY C 64 22.94 52.68 1.14
N LYS C 65 22.02 52.96 0.22
CA LYS C 65 21.19 51.92 -0.41
C LYS C 65 22.02 50.75 -0.93
N LYS C 66 23.04 51.04 -1.74
CA LYS C 66 23.93 50.01 -2.31
C LYS C 66 24.50 49.07 -1.23
N GLU C 67 24.83 49.62 -0.07
CA GLU C 67 25.38 48.84 1.05
C GLU C 67 24.26 48.10 1.76
N ALA C 68 23.16 48.80 2.05
CA ALA C 68 22.01 48.17 2.69
C ALA C 68 21.54 46.98 1.86
N TYR C 69 21.43 47.17 0.55
CA TYR C 69 21.02 46.09 -0.35
C TYR C 69 21.97 44.92 -0.28
N ASP C 70 23.22 45.17 -0.67
CA ASP C 70 24.21 44.09 -0.79
C ASP C 70 24.24 43.28 0.49
N THR C 71 24.36 43.95 1.64
CA THR C 71 24.47 43.24 2.92
C THR C 71 23.20 42.43 3.25
N LEU C 72 22.02 43.03 3.14
CA LEU C 72 20.76 42.34 3.45
C LEU C 72 20.49 41.18 2.52
N ILE C 73 20.66 41.39 1.20
CA ILE C 73 20.48 40.33 0.20
C ILE C 73 21.41 39.15 0.50
N LYS C 74 22.70 39.45 0.70
CA LYS C 74 23.70 38.45 1.02
C LYS C 74 23.30 37.68 2.26
N ASP C 75 22.78 38.39 3.25
CA ASP C 75 22.41 37.75 4.50
C ASP C 75 21.22 36.80 4.32
N LEU C 76 20.20 37.25 3.60
CA LEU C 76 19.06 36.39 3.31
C LEU C 76 19.43 35.20 2.41
N LYS C 77 20.35 35.41 1.47
CA LYS C 77 20.77 34.34 0.55
C LYS C 77 21.40 33.22 1.36
N LYS C 78 22.35 33.57 2.22
CA LYS C 78 23.01 32.54 3.01
C LYS C 78 22.03 31.83 3.94
N ALA C 79 21.15 32.56 4.58
CA ALA C 79 20.20 31.91 5.49
C ALA C 79 19.29 30.98 4.69
N ASN C 80 18.79 31.44 3.55
CA ASN C 80 17.99 30.58 2.66
C ASN C 80 18.77 29.31 2.22
N LEU C 81 20.03 29.47 1.82
CA LEU C 81 20.77 28.35 1.33
C LEU C 81 20.93 27.34 2.49
N CYS C 82 21.26 27.80 3.67
CA CYS C 82 21.36 26.89 4.82
C CYS C 82 20.08 26.11 5.09
N THR C 83 18.96 26.81 5.06
CA THR C 83 17.69 26.19 5.38
C THR C 83 17.26 25.21 4.30
N LEU C 84 17.49 25.55 3.03
CA LEU C 84 17.31 24.59 1.92
C LEU C 84 18.16 23.33 2.14
N ALA C 85 19.44 23.52 2.45
CA ALA C 85 20.33 22.41 2.60
C ALA C 85 19.78 21.50 3.68
N GLU C 86 19.27 22.07 4.75
CA GLU C 86 18.79 21.22 5.87
C GLU C 86 17.55 20.51 5.44
N LYS C 87 16.66 21.23 4.81
CA LYS C 87 15.37 20.66 4.48
C LYS C 87 15.49 19.63 3.40
N ILE C 88 16.31 19.89 2.38
CA ILE C 88 16.51 18.86 1.35
C ILE C 88 17.24 17.64 1.90
N GLN C 89 18.24 17.87 2.73
CA GLN C 89 18.91 16.73 3.33
C GLN C 89 17.93 15.81 4.05
N THR C 90 16.99 16.38 4.79
CA THR C 90 16.06 15.57 5.52
C THR C 90 15.18 14.75 4.57
N ILE C 91 14.66 15.38 3.51
CA ILE C 91 13.82 14.62 2.56
C ILE C 91 14.65 13.44 2.00
N ILE C 92 15.88 13.74 1.53
CA ILE C 92 16.70 12.71 0.89
C ILE C 92 17.05 11.56 1.82
N LEU C 93 17.51 11.86 3.03
CA LEU C 93 17.72 10.79 4.04
C LEU C 93 16.46 10.05 4.41
N LYS C 94 15.34 10.73 4.51
CA LYS C 94 14.10 10.03 4.78
C LYS C 94 13.81 9.05 3.62
N ASP C 95 13.81 9.54 2.39
CA ASP C 95 13.50 8.69 1.26
C ASP C 95 14.50 7.59 1.02
N ILE C 96 15.77 7.86 1.28
CA ILE C 96 16.82 6.91 0.89
C ILE C 96 16.83 5.77 1.85
N THR C 97 16.11 5.91 2.93
CA THR C 97 16.14 4.97 4.01
C THR C 97 14.78 4.28 4.17
N SER C 98 13.80 4.69 3.37
CA SER C 98 12.47 4.15 3.33
C SER C 98 12.41 2.96 2.42
N ASP C 99 11.50 2.05 2.69
CA ASP C 99 11.25 0.94 1.77
C ASP C 99 10.08 1.23 0.81
N SER C 100 9.20 2.14 1.20
CA SER C 100 8.03 2.46 0.38
C SER C 100 8.46 3.35 -0.76
N GLU C 101 7.57 3.55 -1.71
CA GLU C 101 7.77 4.54 -2.76
C GLU C 101 7.70 5.93 -2.17
N ASN C 102 8.44 6.87 -2.75
CA ASN C 102 8.30 8.27 -2.36
C ASN C 102 8.03 9.15 -3.58
N SER C 103 6.88 8.90 -4.20
CA SER C 103 6.37 9.69 -5.34
C SER C 103 6.21 11.19 -5.01
N ASN C 104 6.42 11.53 -3.75
CA ASN C 104 6.30 12.90 -3.28
C ASN C 104 7.58 13.74 -3.42
N PHE C 105 8.72 13.08 -3.67
CA PHE C 105 10.00 13.79 -3.65
C PHE C 105 10.04 15.05 -4.53
N ARG C 106 9.66 14.90 -5.81
CA ARG C 106 9.66 16.03 -6.73
C ARG C 106 8.80 17.16 -6.19
N ASN C 107 7.59 16.82 -5.75
CA ASN C 107 6.67 17.84 -5.25
C ASN C 107 7.28 18.50 -4.04
N GLU C 108 7.91 17.71 -3.18
CA GLU C 108 8.54 18.25 -1.99
C GLU C 108 9.57 19.28 -2.38
N ILE C 109 10.53 18.88 -3.21
CA ILE C 109 11.56 19.82 -3.67
C ILE C 109 10.94 21.06 -4.33
N GLN C 110 9.96 20.86 -5.20
CA GLN C 110 9.35 21.97 -5.89
C GLN C 110 8.75 23.01 -4.94
N SER C 111 8.10 22.56 -3.86
CA SER C 111 7.50 23.48 -2.87
C SER C 111 8.52 24.36 -2.21
N LEU C 112 9.74 23.81 -2.02
CA LEU C 112 10.77 24.53 -1.28
C LEU C 112 11.26 25.73 -2.07
N VAL C 113 10.98 25.72 -3.35
CA VAL C 113 11.55 26.65 -4.28
C VAL C 113 10.45 27.45 -5.03
N LEU C 114 9.24 27.41 -4.49
CA LEU C 114 8.07 28.02 -5.13
C LEU C 114 8.20 29.53 -5.36
N GLU C 115 7.87 29.99 -6.56
CA GLU C 115 7.95 31.43 -6.84
C GLU C 115 6.95 31.93 -7.88
N GLY D 1 0.63 33.38 -2.66
CA GLY D 1 -0.49 34.02 -3.41
C GLY D 1 -0.79 35.43 -2.90
N GLU D 2 -1.79 35.53 -2.03
CA GLU D 2 -2.24 36.81 -1.50
C GLU D 2 -1.13 37.46 -0.65
N GLU D 3 -0.76 36.79 0.44
CA GLU D 3 0.24 37.30 1.37
C GLU D 3 1.63 37.44 0.74
N ASP D 4 1.96 36.54 -0.19
CA ASP D 4 3.23 36.61 -0.91
C ASP D 4 3.34 37.90 -1.72
N LEU D 5 2.28 38.23 -2.45
CA LEU D 5 2.26 39.47 -3.24
C LEU D 5 2.35 40.71 -2.34
N CYS D 6 1.72 40.67 -1.17
CA CYS D 6 1.87 41.74 -0.18
C CYS D 6 3.31 41.96 0.19
N ALA D 7 3.96 40.86 0.56
CA ALA D 7 5.37 40.89 0.94
C ALA D 7 6.20 41.49 -0.18
N ALA D 8 5.97 41.04 -1.40
CA ALA D 8 6.68 41.59 -2.54
C ALA D 8 6.41 43.10 -2.68
N PHE D 9 5.14 43.48 -2.62
CA PHE D 9 4.75 44.89 -2.77
C PHE D 9 5.43 45.78 -1.73
N ASN D 10 5.47 45.31 -0.48
CA ASN D 10 6.11 46.05 0.60
C ASN D 10 7.59 46.28 0.33
N VAL D 11 8.27 45.29 -0.23
CA VAL D 11 9.69 45.45 -0.56
C VAL D 11 9.85 46.44 -1.71
N ILE D 12 9.03 46.28 -2.75
CA ILE D 12 9.12 47.11 -3.96
C ILE D 12 8.79 48.59 -3.67
N CYS D 13 7.66 48.82 -2.99
CA CYS D 13 7.21 50.16 -2.61
C CYS D 13 8.25 51.06 -1.98
N ASP D 14 8.99 50.50 -1.04
CA ASP D 14 9.89 51.30 -0.25
C ASP D 14 11.28 51.35 -0.83
N ASN D 15 11.49 50.77 -2.02
CA ASN D 15 12.82 50.68 -2.58
C ASN D 15 12.96 51.07 -4.06
N VAL D 16 11.84 51.27 -4.77
CA VAL D 16 11.89 51.67 -6.18
C VAL D 16 12.16 53.16 -6.34
N GLY D 17 11.14 53.98 -6.12
CA GLY D 17 11.32 55.42 -6.13
C GLY D 17 11.38 56.11 -7.48
N LYS D 18 12.59 56.51 -7.89
CA LYS D 18 12.78 57.53 -8.94
C LYS D 18 12.20 57.11 -10.29
N ASP D 19 12.42 55.85 -10.67
CA ASP D 19 12.09 55.33 -11.99
C ASP D 19 10.85 54.43 -11.97
N TRP D 20 9.88 54.77 -11.13
CA TRP D 20 8.69 53.95 -10.96
C TRP D 20 7.85 53.86 -12.25
N ARG D 21 7.81 54.95 -13.01
CA ARG D 21 7.06 54.99 -14.27
C ARG D 21 7.59 53.95 -15.26
N ARG D 22 8.90 53.78 -15.27
CA ARG D 22 9.54 52.73 -16.05
C ARG D 22 9.01 51.36 -15.66
N LEU D 23 8.87 51.12 -14.36
CA LEU D 23 8.36 49.84 -13.86
C LEU D 23 6.89 49.65 -14.22
N ALA D 24 6.07 50.69 -14.02
CA ALA D 24 4.66 50.66 -14.39
C ALA D 24 4.48 50.21 -15.84
N ARG D 25 5.34 50.73 -16.71
CA ARG D 25 5.30 50.39 -18.13
C ARG D 25 5.57 48.90 -18.36
N GLN D 26 6.56 48.34 -17.66
CA GLN D 26 6.87 46.92 -17.80
C GLN D 26 5.73 46.01 -17.34
N LEU D 27 4.97 46.49 -16.35
CA LEU D 27 3.83 45.74 -15.84
C LEU D 27 2.60 45.92 -16.72
N LYS D 28 2.83 46.42 -17.93
CA LYS D 28 1.76 46.70 -18.90
C LYS D 28 0.65 47.55 -18.29
N VAL D 29 1.04 48.54 -17.48
CA VAL D 29 0.10 49.51 -16.94
C VAL D 29 0.02 50.65 -17.94
N SER D 30 -1.17 50.88 -18.50
CA SER D 30 -1.36 51.91 -19.53
C SER D 30 -0.96 53.30 -19.07
N ASP D 31 -0.58 54.15 -20.02
CA ASP D 31 -0.25 55.55 -19.73
C ASP D 31 -1.45 56.31 -19.21
N THR D 32 -2.64 55.94 -19.72
CA THR D 32 -3.90 56.50 -19.24
C THR D 32 -4.08 56.32 -17.75
N LYS D 33 -3.57 55.20 -17.23
CA LYS D 33 -3.62 54.92 -15.79
C LYS D 33 -2.45 55.55 -15.04
N ILE D 34 -1.26 55.55 -15.65
CA ILE D 34 -0.06 56.14 -15.02
C ILE D 34 -0.20 57.65 -14.85
N ASP D 35 -0.82 58.32 -15.82
CA ASP D 35 -1.15 59.73 -15.69
C ASP D 35 -2.00 59.99 -14.46
N SER D 36 -3.04 59.17 -14.28
CA SER D 36 -3.97 59.33 -13.16
C SER D 36 -3.34 58.97 -11.80
N ILE D 37 -2.37 58.06 -11.78
CA ILE D 37 -1.63 57.77 -10.55
C ILE D 37 -0.78 58.96 -10.12
N GLU D 38 -0.22 59.67 -11.09
CA GLU D 38 0.53 60.90 -10.79
C GLU D 38 -0.39 61.98 -10.19
N ASP D 39 -1.64 61.98 -10.64
CA ASP D 39 -2.63 62.93 -10.13
C ASP D 39 -3.11 62.56 -8.72
N ARG D 40 -3.45 61.29 -8.53
CA ARG D 40 -4.08 60.85 -7.28
C ARG D 40 -3.16 60.96 -6.06
N TYR D 41 -1.86 60.75 -6.26
CA TYR D 41 -0.91 60.68 -5.16
C TYR D 41 0.34 61.51 -5.44
N PRO D 42 0.20 62.83 -5.53
CA PRO D 42 1.35 63.69 -5.78
C PRO D 42 2.31 63.78 -4.60
N ARG D 43 1.82 63.51 -3.37
CA ARG D 43 2.64 63.64 -2.18
C ARG D 43 3.71 62.57 -2.05
N ASN D 44 3.32 61.31 -1.97
CA ASN D 44 4.26 60.27 -1.64
C ASN D 44 4.61 59.36 -2.82
N LEU D 45 5.90 59.33 -3.16
CA LEU D 45 6.41 58.48 -4.24
C LEU D 45 6.17 56.99 -3.98
N THR D 46 6.21 56.59 -2.72
CA THR D 46 5.94 55.19 -2.33
C THR D 46 4.48 54.81 -2.53
N GLU D 47 3.56 55.75 -2.34
CA GLU D 47 2.14 55.47 -2.53
C GLU D 47 1.82 55.31 -4.02
N ARG D 48 2.55 56.03 -4.87
CA ARG D 48 2.36 55.94 -6.31
C ARG D 48 2.78 54.58 -6.83
N VAL D 49 3.91 54.10 -6.31
CA VAL D 49 4.41 52.78 -6.70
C VAL D 49 3.41 51.69 -6.29
N ARG D 50 2.83 51.78 -5.09
CA ARG D 50 1.88 50.78 -4.62
C ARG D 50 0.65 50.67 -5.52
N GLU D 51 0.03 51.80 -5.83
CA GLU D 51 -1.17 51.80 -6.68
C GLU D 51 -0.89 51.19 -8.06
N SER D 52 0.29 51.47 -8.60
CA SER D 52 0.76 50.87 -9.84
C SER D 52 0.69 49.35 -9.79
N LEU D 53 1.16 48.79 -8.68
CA LEU D 53 1.15 47.34 -8.48
C LEU D 53 -0.27 46.83 -8.27
N ARG D 54 -1.06 47.55 -7.49
CA ARG D 54 -2.44 47.14 -7.23
C ARG D 54 -3.23 46.98 -8.54
N ILE D 55 -3.08 47.96 -9.45
CA ILE D 55 -3.72 47.89 -10.78
C ILE D 55 -3.28 46.65 -11.53
N TRP D 56 -1.98 46.34 -11.46
CA TRP D 56 -1.41 45.18 -12.12
C TRP D 56 -1.98 43.86 -11.57
N LYS D 57 -2.19 43.78 -10.26
CA LYS D 57 -2.79 42.60 -9.61
C LYS D 57 -4.25 42.43 -10.04
N ASN D 58 -4.99 43.53 -10.12
CA ASN D 58 -6.37 43.51 -10.61
C ASN D 58 -6.45 43.20 -12.10
N THR D 59 -5.34 43.42 -12.81
CA THR D 59 -5.30 43.21 -14.27
C THR D 59 -5.12 41.73 -14.63
N GLU D 60 -4.52 40.95 -13.73
CA GLU D 60 -4.50 39.48 -13.85
C GLU D 60 -4.79 38.82 -12.51
N LYS D 61 -6.05 38.46 -12.28
CA LYS D 61 -6.45 37.81 -11.03
C LYS D 61 -5.58 36.59 -10.75
N GLU D 62 -5.55 35.65 -11.69
CA GLU D 62 -4.88 34.36 -11.49
C GLU D 62 -3.40 34.37 -11.87
N ASN D 63 -3.01 35.28 -12.77
CA ASN D 63 -1.66 35.28 -13.35
C ASN D 63 -0.70 36.27 -12.69
N ALA D 64 -1.17 37.00 -11.68
CA ALA D 64 -0.33 37.97 -10.96
C ALA D 64 0.64 37.25 -10.01
N THR D 65 1.76 36.80 -10.57
CA THR D 65 2.72 36.01 -9.80
C THR D 65 3.97 36.83 -9.44
N VAL D 66 4.60 36.45 -8.34
CA VAL D 66 5.85 37.08 -7.89
C VAL D 66 6.96 36.87 -8.92
N ALA D 67 6.95 35.71 -9.57
CA ALA D 67 7.88 35.39 -10.66
C ALA D 67 7.84 36.47 -11.74
N HIS D 68 6.64 36.89 -12.12
CA HIS D 68 6.50 37.90 -13.16
C HIS D 68 6.83 39.31 -12.65
N LEU D 69 6.58 39.59 -11.37
CA LEU D 69 7.05 40.85 -10.76
C LEU D 69 8.57 40.96 -10.89
N VAL D 70 9.25 39.84 -10.67
CA VAL D 70 10.71 39.79 -10.69
C VAL D 70 11.24 39.97 -12.12
N GLY D 71 10.53 39.41 -13.09
CA GLY D 71 10.86 39.68 -14.50
C GLY D 71 10.76 41.17 -14.80
N ALA D 72 9.61 41.76 -14.47
CA ALA D 72 9.38 43.19 -14.63
C ALA D 72 10.57 43.98 -14.11
N LEU D 73 10.90 43.75 -12.84
CA LEU D 73 12.00 44.47 -12.19
C LEU D 73 13.32 44.32 -12.94
N ARG D 74 13.63 43.11 -13.36
CA ARG D 74 14.91 42.85 -14.03
C ARG D 74 15.00 43.48 -15.43
N SER D 75 13.87 43.59 -16.12
CA SER D 75 13.83 44.25 -17.43
C SER D 75 14.04 45.77 -17.34
N CYS D 76 13.82 46.33 -16.14
CA CYS D 76 14.10 47.75 -15.87
C CYS D 76 15.44 47.97 -15.16
N GLN D 77 16.29 46.95 -15.17
CA GLN D 77 17.59 46.98 -14.48
C GLN D 77 17.48 47.27 -12.99
N MET D 78 16.34 46.92 -12.39
CA MET D 78 16.12 47.08 -10.95
C MET D 78 16.44 45.74 -10.31
N ASN D 79 17.68 45.33 -10.49
CA ASN D 79 18.10 43.97 -10.18
C ASN D 79 18.25 43.70 -8.70
N LEU D 80 18.84 44.65 -7.97
CA LEU D 80 18.94 44.56 -6.52
C LEU D 80 17.58 44.44 -5.83
N VAL D 81 16.57 45.13 -6.34
CA VAL D 81 15.21 45.00 -5.80
C VAL D 81 14.64 43.63 -6.11
N ALA D 82 14.84 43.20 -7.35
CA ALA D 82 14.45 41.86 -7.80
C ALA D 82 15.05 40.78 -6.90
N ASP D 83 16.35 40.90 -6.66
CA ASP D 83 17.07 40.00 -5.79
C ASP D 83 16.39 39.90 -4.44
N LEU D 84 16.12 41.06 -3.85
CA LEU D 84 15.51 41.13 -2.52
C LEU D 84 14.12 40.50 -2.53
N VAL D 85 13.33 40.79 -3.56
CA VAL D 85 12.00 40.20 -3.67
C VAL D 85 12.10 38.70 -3.74
N GLN D 86 13.06 38.20 -4.53
CA GLN D 86 13.25 36.74 -4.68
C GLN D 86 13.63 36.10 -3.34
N GLU D 87 14.59 36.70 -2.64
CA GLU D 87 15.03 36.16 -1.38
C GLU D 87 13.92 36.18 -0.33
N VAL D 88 13.10 37.22 -0.33
CA VAL D 88 12.00 37.28 0.65
C VAL D 88 11.01 36.18 0.28
N GLN D 89 10.70 36.03 -1.00
CA GLN D 89 9.77 34.98 -1.42
C GLN D 89 10.30 33.59 -1.05
N GLN D 90 11.59 33.39 -1.26
CA GLN D 90 12.23 32.12 -0.96
C GLN D 90 12.16 31.84 0.54
N ALA D 91 12.47 32.86 1.34
CA ALA D 91 12.33 32.77 2.80
C ALA D 91 10.92 32.37 3.19
N ARG D 92 9.95 33.00 2.57
CA ARG D 92 8.56 32.68 2.88
C ARG D 92 8.22 31.24 2.51
N ASP D 93 8.72 30.76 1.37
CA ASP D 93 8.52 29.35 1.01
C ASP D 93 9.00 28.37 2.05
N LEU D 94 10.04 28.74 2.77
CA LEU D 94 10.66 27.83 3.71
C LEU D 94 10.04 27.91 5.09
N GLN D 95 9.12 28.85 5.30
CA GLN D 95 8.40 28.96 6.56
C GLN D 95 7.10 28.19 6.56
N ASN D 96 6.39 28.21 5.43
CA ASN D 96 5.14 27.44 5.29
C ASN D 96 5.24 26.02 5.87
N ARG D 97 6.36 25.35 5.60
CA ARG D 97 6.63 24.00 6.08
C ARG D 97 6.95 23.96 7.60
N SER D 98 7.88 24.81 8.05
CA SER D 98 8.25 24.91 9.47
C SER D 98 7.16 25.62 10.29
N GLY D 99 6.80 26.82 9.84
CA GLY D 99 5.77 27.64 10.49
C GLY D 99 4.43 27.65 9.76
N ASN E 1 69.18 38.18 1.69
CA ASN E 1 69.87 37.03 1.05
C ASN E 1 68.92 35.86 0.77
N LEU E 2 68.22 35.34 1.78
CA LEU E 2 67.26 34.24 1.56
C LEU E 2 65.80 34.68 1.57
N SER E 3 65.56 35.99 1.54
CA SER E 3 64.20 36.49 1.63
C SER E 3 63.32 35.91 0.55
N ASP E 4 63.81 35.88 -0.67
CA ASP E 4 63.03 35.40 -1.78
C ASP E 4 62.92 33.88 -1.87
N VAL E 5 63.89 33.16 -1.34
CA VAL E 5 63.85 31.70 -1.30
C VAL E 5 62.77 31.29 -0.33
N ASP E 6 62.78 31.90 0.84
CA ASP E 6 61.76 31.61 1.85
C ASP E 6 60.38 32.09 1.42
N LEU E 7 60.32 33.20 0.69
CA LEU E 7 59.04 33.62 0.14
C LEU E 7 58.57 32.62 -0.91
N SER E 8 59.50 32.07 -1.68
CA SER E 8 59.17 31.08 -2.70
C SER E 8 58.72 29.75 -2.11
N LYS E 9 59.42 29.29 -1.08
CA LYS E 9 59.02 28.08 -0.39
C LYS E 9 57.60 28.19 0.17
N TYR E 10 57.32 29.32 0.80
CA TYR E 10 56.01 29.64 1.33
C TYR E 10 54.91 29.66 0.27
N ILE E 11 55.10 30.45 -0.77
CA ILE E 11 54.10 30.54 -1.85
C ILE E 11 53.94 29.23 -2.59
N THR E 12 55.00 28.46 -2.71
CA THR E 12 54.90 27.15 -3.30
C THR E 12 53.98 26.28 -2.46
N THR E 13 54.11 26.38 -1.13
CA THR E 13 53.31 25.58 -0.25
C THR E 13 51.83 25.90 -0.40
N ILE E 14 51.48 27.18 -0.46
CA ILE E 14 50.10 27.59 -0.73
C ILE E 14 49.68 27.13 -2.12
N ALA E 15 50.50 27.32 -3.12
CA ALA E 15 50.12 26.86 -4.47
C ALA E 15 49.78 25.37 -4.52
N GLY E 16 50.47 24.58 -3.71
CA GLY E 16 50.31 23.13 -3.73
C GLY E 16 48.99 22.67 -3.15
N VAL E 17 48.31 23.55 -2.44
CA VAL E 17 47.06 23.24 -1.81
C VAL E 17 45.89 23.95 -2.47
N MET E 18 46.07 24.47 -3.69
CA MET E 18 45.01 25.14 -4.45
C MET E 18 45.08 24.67 -5.89
N THR E 19 43.96 24.63 -6.60
CA THR E 19 43.97 24.32 -8.03
C THR E 19 44.19 25.60 -8.81
N LEU E 20 44.62 25.47 -10.07
CA LEU E 20 44.88 26.63 -10.93
C LEU E 20 43.65 27.54 -11.03
N SER E 21 42.47 26.95 -11.17
CA SER E 21 41.27 27.76 -11.31
C SER E 21 40.91 28.41 -9.97
N GLN E 22 41.13 27.68 -8.90
CA GLN E 22 40.97 28.25 -7.59
C GLN E 22 41.92 29.45 -7.35
N VAL E 23 43.20 29.32 -7.71
CA VAL E 23 44.15 30.44 -7.55
C VAL E 23 43.74 31.63 -8.41
N LYS E 24 43.35 31.34 -9.65
CA LYS E 24 42.93 32.38 -10.58
C LYS E 24 41.74 33.14 -10.00
N GLY E 25 40.79 32.38 -9.46
CA GLY E 25 39.60 32.96 -8.86
C GLY E 25 39.93 33.87 -7.71
N PHE E 26 40.80 33.40 -6.82
CA PHE E 26 41.19 34.14 -5.65
C PHE E 26 41.91 35.44 -5.98
N VAL E 27 42.99 35.37 -6.78
CA VAL E 27 43.76 36.58 -7.09
C VAL E 27 42.93 37.57 -7.92
N ARG E 28 41.98 37.06 -8.71
CA ARG E 28 41.07 37.92 -9.47
C ARG E 28 40.21 38.74 -8.51
N LYS E 29 39.74 38.11 -7.45
CA LYS E 29 38.93 38.79 -6.45
C LYS E 29 39.75 39.75 -5.60
N ASN E 30 41.07 39.60 -5.58
CA ASN E 30 41.92 40.41 -4.70
C ASN E 30 43.01 41.20 -5.41
N GLY E 31 42.64 41.84 -6.51
CA GLY E 31 43.48 42.88 -7.11
C GLY E 31 44.40 42.53 -8.27
N VAL E 32 44.38 41.30 -8.75
CA VAL E 32 45.14 40.92 -9.93
C VAL E 32 44.24 40.90 -11.17
N ASN E 33 44.33 41.97 -11.96
CA ASN E 33 43.54 42.12 -13.17
C ASN E 33 43.78 41.02 -14.20
N GLU E 34 42.72 40.63 -14.90
CA GLU E 34 42.80 39.77 -16.08
C GLU E 34 43.94 40.10 -17.08
N ALA E 35 44.42 41.34 -17.10
CA ALA E 35 45.64 41.61 -17.83
C ALA E 35 46.73 40.70 -17.26
N LYS E 36 47.12 40.94 -16.01
CA LYS E 36 48.28 40.25 -15.40
C LYS E 36 48.14 38.74 -15.46
N ILE E 37 46.91 38.26 -15.38
CA ILE E 37 46.68 36.83 -15.41
C ILE E 37 47.11 36.24 -16.75
N ASP E 38 46.69 36.87 -17.84
CA ASP E 38 46.99 36.37 -19.18
C ASP E 38 48.48 36.44 -19.49
N GLU E 39 49.11 37.54 -19.10
CA GLU E 39 50.55 37.71 -19.21
C GLU E 39 51.26 36.52 -18.51
N ILE E 40 50.78 36.16 -17.31
CA ILE E 40 51.33 35.04 -16.54
C ILE E 40 50.99 33.70 -17.21
N LYS E 41 49.76 33.58 -17.70
CA LYS E 41 49.27 32.37 -18.35
C LYS E 41 50.09 31.99 -19.59
N ASN E 42 50.53 33.00 -20.35
CA ASN E 42 51.29 32.74 -21.58
C ASN E 42 52.79 32.63 -21.35
N ASP E 43 53.26 33.00 -20.16
CA ASP E 43 54.67 32.83 -19.82
C ASP E 43 54.96 31.40 -19.34
N ASN E 44 53.91 30.64 -19.02
CA ASN E 44 54.06 29.30 -18.51
C ASN E 44 52.96 28.39 -19.04
N VAL E 45 52.98 28.16 -20.36
CA VAL E 45 51.92 27.38 -21.02
C VAL E 45 51.94 25.91 -20.59
N GLN E 46 53.16 25.39 -20.49
CA GLN E 46 53.40 24.02 -20.05
C GLN E 46 53.26 23.86 -18.54
N ASP E 47 53.78 24.84 -17.81
CA ASP E 47 53.99 24.74 -16.37
C ASP E 47 52.86 25.36 -15.53
N THR E 48 51.79 24.60 -15.28
CA THR E 48 50.66 25.11 -14.51
C THR E 48 51.04 25.36 -13.03
N ALA E 49 51.99 24.60 -12.49
CA ALA E 49 52.44 24.83 -11.12
C ALA E 49 53.09 26.20 -10.98
N GLU E 50 53.91 26.58 -11.96
CA GLU E 50 54.57 27.88 -11.92
C GLU E 50 53.57 29.01 -12.14
N GLN E 51 52.51 28.74 -12.90
CA GLN E 51 51.41 29.70 -13.10
C GLN E 51 50.80 30.08 -11.76
N LYS E 52 50.48 29.06 -10.98
CA LYS E 52 49.93 29.27 -9.64
C LYS E 52 50.86 30.10 -8.79
N VAL E 53 52.14 29.79 -8.84
CA VAL E 53 53.13 30.47 -8.02
C VAL E 53 53.31 31.94 -8.43
N GLN E 54 53.42 32.20 -9.72
CA GLN E 54 53.50 33.58 -10.21
C GLN E 54 52.25 34.37 -9.85
N LEU E 55 51.08 33.76 -10.07
CA LEU E 55 49.80 34.39 -9.74
C LEU E 55 49.78 34.78 -8.26
N LEU E 56 50.17 33.87 -7.38
CA LEU E 56 50.19 34.17 -5.96
C LEU E 56 51.27 35.18 -5.64
N ARG E 57 52.40 35.11 -6.33
CA ARG E 57 53.48 36.10 -6.14
C ARG E 57 52.97 37.50 -6.42
N ASN E 58 52.34 37.66 -7.59
CA ASN E 58 51.77 38.94 -7.97
C ASN E 58 50.75 39.44 -6.95
N TRP E 59 49.88 38.56 -6.50
CA TRP E 59 48.89 38.92 -5.48
C TRP E 59 49.56 39.29 -4.16
N HIS E 60 50.59 38.56 -3.79
CA HIS E 60 51.20 38.75 -2.48
C HIS E 60 51.86 40.10 -2.33
N GLN E 61 52.41 40.64 -3.43
CA GLN E 61 53.12 41.94 -3.41
C GLN E 61 52.18 43.10 -3.71
N LEU E 62 50.96 43.02 -3.20
CA LEU E 62 49.91 44.00 -3.45
C LEU E 62 49.15 44.38 -2.18
N HIS E 63 49.54 43.83 -1.03
CA HIS E 63 48.61 43.83 0.09
C HIS E 63 49.25 43.87 1.49
N GLY E 64 48.65 44.67 2.36
CA GLY E 64 48.97 44.65 3.79
C GLY E 64 48.72 43.27 4.40
N LYS E 65 49.58 42.88 5.34
CA LYS E 65 49.54 41.57 5.99
C LYS E 65 48.13 41.20 6.45
N LYS E 66 47.52 42.08 7.24
CA LYS E 66 46.18 41.86 7.79
C LYS E 66 45.16 41.50 6.71
N GLU E 67 45.30 42.13 5.54
CA GLU E 67 44.40 41.88 4.40
C GLU E 67 44.79 40.59 3.67
N ALA E 68 46.09 40.41 3.44
CA ALA E 68 46.58 39.18 2.82
C ALA E 68 46.13 37.97 3.63
N TYR E 69 46.31 38.05 4.95
CA TYR E 69 45.93 36.96 5.85
C TYR E 69 44.46 36.68 5.76
N ASP E 70 43.66 37.66 6.13
CA ASP E 70 42.22 37.48 6.22
C ASP E 70 41.72 36.84 4.93
N THR E 71 42.07 37.44 3.79
CA THR E 71 41.56 36.98 2.50
C THR E 71 41.99 35.55 2.19
N LEU E 72 43.27 35.25 2.33
CA LEU E 72 43.79 33.91 2.05
C LEU E 72 43.23 32.84 2.98
N ILE E 73 43.20 33.13 4.29
CA ILE E 73 42.64 32.21 5.28
C ILE E 73 41.18 31.91 4.94
N LYS E 74 40.39 32.95 4.70
CA LYS E 74 38.97 32.82 4.36
C LYS E 74 38.84 31.95 3.12
N ASP E 75 39.72 32.17 2.16
CA ASP E 75 39.63 31.43 0.91
C ASP E 75 39.89 29.95 1.12
N LEU E 76 40.95 29.64 1.87
CA LEU E 76 41.28 28.25 2.17
C LEU E 76 40.21 27.57 3.05
N LYS E 77 39.64 28.34 3.98
CA LYS E 77 38.59 27.84 4.89
C LYS E 77 37.42 27.37 4.05
N LYS E 78 36.93 28.22 3.16
CA LYS E 78 35.78 27.86 2.36
C LYS E 78 36.06 26.69 1.42
N ALA E 79 37.24 26.66 0.81
CA ALA E 79 37.57 25.57 -0.09
C ALA E 79 37.63 24.28 0.74
N ASN E 80 38.30 24.32 1.89
CA ASN E 80 38.34 23.17 2.77
C ASN E 80 36.97 22.67 3.17
N LEU E 81 36.11 23.60 3.58
CA LEU E 81 34.81 23.22 4.04
C LEU E 81 34.03 22.57 2.92
N CYS E 82 34.13 23.10 1.70
CA CYS E 82 33.47 22.46 0.53
C CYS E 82 33.98 21.05 0.23
N THR E 83 35.28 20.85 0.33
CA THR E 83 35.85 19.53 0.03
C THR E 83 35.49 18.52 1.13
N LEU E 84 35.53 18.96 2.39
CA LEU E 84 35.05 18.12 3.48
C LEU E 84 33.58 17.70 3.28
N ALA E 85 32.73 18.66 2.95
CA ALA E 85 31.32 18.39 2.73
C ALA E 85 31.15 17.33 1.64
N GLU E 86 31.96 17.41 0.58
CA GLU E 86 31.83 16.45 -0.52
C GLU E 86 32.35 15.10 -0.10
N LYS E 87 33.47 15.09 0.57
CA LYS E 87 34.08 13.85 0.93
C LYS E 87 33.30 13.13 1.99
N ILE E 88 32.81 13.85 3.01
CA ILE E 88 32.00 13.20 4.02
C ILE E 88 30.68 12.72 3.44
N GLN E 89 30.08 13.51 2.55
CA GLN E 89 28.86 13.05 1.93
C GLN E 89 29.02 11.75 1.21
N THR E 90 30.13 11.58 0.51
CA THR E 90 30.35 10.35 -0.19
C THR E 90 30.50 9.16 0.76
N ILE E 91 31.25 9.31 1.84
CA ILE E 91 31.38 8.21 2.80
C ILE E 91 29.97 7.85 3.32
N ILE E 92 29.22 8.85 3.81
CA ILE E 92 27.89 8.62 4.40
C ILE E 92 26.93 7.93 3.44
N LEU E 93 26.82 8.44 2.22
CA LEU E 93 26.00 7.77 1.18
C LEU E 93 26.48 6.38 0.83
N LYS E 94 27.78 6.18 0.77
CA LYS E 94 28.33 4.86 0.52
C LYS E 94 27.89 3.91 1.66
N ASP E 95 28.15 4.29 2.91
CA ASP E 95 27.82 3.44 4.05
C ASP E 95 26.33 3.26 4.31
N ILE E 96 25.52 4.26 4.00
CA ILE E 96 24.10 4.21 4.35
C ILE E 96 23.37 3.34 3.38
N THR E 97 24.02 2.98 2.32
CA THR E 97 23.40 2.26 1.23
C THR E 97 24.04 0.88 1.07
N SER E 98 25.03 0.58 1.91
CA SER E 98 25.71 -0.70 1.96
C SER E 98 24.99 -1.67 2.88
N ASP E 99 25.11 -2.96 2.62
CA ASP E 99 24.58 -3.97 3.53
C ASP E 99 25.63 -4.50 4.50
N SER E 100 26.91 -4.36 4.15
CA SER E 100 28.01 -4.84 4.98
C SER E 100 28.21 -3.89 6.14
N GLU E 101 29.03 -4.31 7.10
CA GLU E 101 29.51 -3.41 8.15
C GLU E 101 30.43 -2.39 7.54
N ASN E 102 30.45 -1.19 8.13
CA ASN E 102 31.45 -0.18 7.76
C ASN E 102 32.23 0.32 8.99
N SER E 103 32.92 -0.62 9.64
CA SER E 103 33.79 -0.34 10.79
C SER E 103 34.85 0.71 10.49
N ASN E 104 34.95 1.11 9.22
CA ASN E 104 35.92 2.07 8.74
C ASN E 104 35.47 3.55 8.86
N PHE E 105 34.18 3.77 9.08
CA PHE E 105 33.65 5.14 9.06
C PHE E 105 34.39 6.12 9.98
N ARG E 106 34.59 5.76 11.24
CA ARG E 106 35.30 6.63 12.17
C ARG E 106 36.70 6.94 11.67
N ASN E 107 37.42 5.92 11.24
CA ASN E 107 38.79 6.09 10.76
C ASN E 107 38.79 6.99 9.53
N GLU E 108 37.81 6.78 8.66
CA GLU E 108 37.71 7.60 7.47
C GLU E 108 37.51 9.06 7.85
N ILE E 109 36.52 9.37 8.67
CA ILE E 109 36.33 10.75 9.11
C ILE E 109 37.59 11.30 9.80
N GLN E 110 38.22 10.54 10.68
CA GLN E 110 39.38 11.07 11.40
C GLN E 110 40.53 11.43 10.47
N SER E 111 40.76 10.64 9.42
CA SER E 111 41.85 10.98 8.48
C SER E 111 41.60 12.26 7.72
N LEU E 112 40.33 12.61 7.48
CA LEU E 112 39.99 13.84 6.76
C LEU E 112 40.42 15.07 7.55
N VAL E 113 40.55 14.90 8.86
CA VAL E 113 40.69 16.02 9.76
C VAL E 113 42.02 15.93 10.56
N LEU E 114 42.92 15.10 10.07
CA LEU E 114 44.20 14.82 10.70
C LEU E 114 45.09 16.06 10.94
N GLU E 115 45.61 16.22 12.15
CA GLU E 115 46.47 17.36 12.45
C GLU E 115 47.53 17.11 13.52
N GLY F 1 53.31 14.20 8.40
CA GLY F 1 54.57 13.90 9.13
C GLY F 1 55.71 14.79 8.63
N GLU F 2 56.57 14.22 7.80
CA GLU F 2 57.74 14.92 7.28
C GLU F 2 57.31 16.11 6.43
N GLU F 3 56.62 15.84 5.34
CA GLU F 3 56.17 16.89 4.41
C GLU F 3 55.21 17.91 5.02
N ASP F 4 54.36 17.44 5.93
CA ASP F 4 53.41 18.32 6.64
C ASP F 4 54.16 19.35 7.45
N LEU F 5 55.18 18.93 8.20
CA LEU F 5 55.99 19.86 8.99
C LEU F 5 56.76 20.88 8.11
N CYS F 6 57.22 20.42 6.94
CA CYS F 6 57.82 21.33 5.97
C CYS F 6 56.84 22.41 5.58
N ALA F 7 55.63 21.99 5.20
CA ALA F 7 54.58 22.94 4.80
C ALA F 7 54.34 23.96 5.91
N ALA F 8 54.19 23.46 7.12
CA ALA F 8 53.97 24.31 8.26
C ALA F 8 55.14 25.27 8.42
N PHE F 9 56.37 24.76 8.35
CA PHE F 9 57.59 25.59 8.50
C PHE F 9 57.65 26.72 7.48
N ASN F 10 57.37 26.40 6.22
CA ASN F 10 57.37 27.38 5.15
C ASN F 10 56.39 28.51 5.42
N VAL F 11 55.23 28.17 5.97
CA VAL F 11 54.20 29.17 6.32
C VAL F 11 54.69 30.06 7.47
N ILE F 12 55.23 29.42 8.50
CA ILE F 12 55.68 30.15 9.70
C ILE F 12 56.88 31.06 9.42
N CYS F 13 57.89 30.50 8.76
CA CYS F 13 59.12 31.22 8.40
C CYS F 13 58.92 32.57 7.74
N ASP F 14 58.01 32.62 6.80
CA ASP F 14 57.85 33.81 5.99
C ASP F 14 56.82 34.76 6.56
N ASN F 15 56.27 34.44 7.73
CA ASN F 15 55.16 35.21 8.27
C ASN F 15 55.30 35.62 9.75
N VAL F 16 56.26 35.05 10.49
CA VAL F 16 56.46 35.38 11.89
C VAL F 16 57.21 36.70 12.05
N GLY F 17 58.53 36.67 11.88
CA GLY F 17 59.32 37.89 11.91
C GLY F 17 59.68 38.45 13.27
N LYS F 18 59.02 39.55 13.64
CA LYS F 18 59.52 40.45 14.71
C LYS F 18 59.69 39.75 16.06
N ASP F 19 58.69 38.94 16.43
CA ASP F 19 58.61 38.33 17.76
C ASP F 19 58.97 36.84 17.74
N TRP F 20 59.93 36.48 16.90
CA TRP F 20 60.32 35.07 16.74
C TRP F 20 60.89 34.47 18.04
N ARG F 21 61.62 35.29 18.81
CA ARG F 21 62.19 34.83 20.07
C ARG F 21 61.10 34.39 21.05
N ARG F 22 59.98 35.10 21.03
CA ARG F 22 58.80 34.71 21.79
C ARG F 22 58.33 33.31 21.41
N LEU F 23 58.31 33.05 20.10
CA LEU F 23 57.88 31.75 19.59
C LEU F 23 58.87 30.65 19.98
N ALA F 24 60.16 30.91 19.80
CA ALA F 24 61.20 29.96 20.17
C ALA F 24 61.01 29.51 21.63
N ARG F 25 60.71 30.47 22.50
CA ARG F 25 60.51 30.20 23.92
C ARG F 25 59.33 29.24 24.15
N GLN F 26 58.23 29.44 23.42
CA GLN F 26 57.06 28.57 23.57
C GLN F 26 57.35 27.14 23.11
N LEU F 27 58.25 27.00 22.14
CA LEU F 27 58.64 25.69 21.62
C LEU F 27 59.69 25.04 22.52
N LYS F 28 59.83 25.57 23.73
CA LYS F 28 60.78 25.08 24.70
C LYS F 28 62.21 25.01 24.13
N VAL F 29 62.56 26.01 23.33
CA VAL F 29 63.91 26.15 22.81
C VAL F 29 64.69 26.97 23.82
N SER F 30 65.74 26.38 24.39
CA SER F 30 66.52 27.03 25.43
C SER F 30 67.12 28.36 24.97
N ASP F 31 67.37 29.26 25.92
CA ASP F 31 68.02 30.55 25.63
C ASP F 31 69.45 30.34 25.15
N THR F 32 70.12 29.31 25.67
CA THR F 32 71.46 28.94 25.22
C THR F 32 71.49 28.64 23.72
N LYS F 33 70.38 28.13 23.18
CA LYS F 33 70.24 27.86 21.76
C LYS F 33 69.80 29.11 20.99
N ILE F 34 68.88 29.88 21.59
CA ILE F 34 68.34 31.10 20.95
C ILE F 34 69.43 32.19 20.79
N ASP F 35 70.33 32.28 21.78
CA ASP F 35 71.51 33.14 21.66
C ASP F 35 72.30 32.78 20.41
N SER F 36 72.56 31.48 20.25
CA SER F 36 73.39 30.99 19.14
C SER F 36 72.71 31.13 17.78
N ILE F 37 71.39 31.07 17.74
CA ILE F 37 70.64 31.31 16.50
C ILE F 37 70.76 32.77 16.07
N GLU F 38 70.82 33.68 17.05
CA GLU F 38 71.04 35.10 16.76
C GLU F 38 72.44 35.32 16.17
N ASP F 39 73.41 34.53 16.64
CA ASP F 39 74.78 34.67 16.13
C ASP F 39 74.95 34.01 14.75
N ARG F 40 74.35 32.84 14.54
CA ARG F 40 74.56 32.09 13.29
C ARG F 40 73.95 32.74 12.05
N TYR F 41 72.83 33.43 12.23
CA TYR F 41 72.09 33.99 11.10
C TYR F 41 71.65 35.43 11.37
N PRO F 42 72.62 36.36 11.47
CA PRO F 42 72.29 37.76 11.73
C PRO F 42 71.64 38.45 10.52
N ARG F 43 71.86 37.92 9.32
CA ARG F 43 71.34 38.53 8.09
C ARG F 43 69.82 38.40 7.97
N ASN F 44 69.30 37.19 7.85
CA ASN F 44 67.90 37.00 7.55
C ASN F 44 67.05 36.55 8.72
N LEU F 45 66.06 37.36 9.06
CA LEU F 45 65.09 37.05 10.09
C LEU F 45 64.33 35.73 9.82
N THR F 46 64.03 35.47 8.55
CA THR F 46 63.34 34.25 8.16
C THR F 46 64.20 33.00 8.38
N GLU F 47 65.51 33.12 8.21
CA GLU F 47 66.42 32.00 8.42
C GLU F 47 66.55 31.67 9.91
N ARG F 48 66.45 32.70 10.75
CA ARG F 48 66.51 32.51 12.20
C ARG F 48 65.30 31.74 12.68
N VAL F 49 64.14 32.10 12.15
CA VAL F 49 62.89 31.43 12.51
C VAL F 49 62.96 29.94 12.13
N ARG F 50 63.46 29.63 10.92
CA ARG F 50 63.54 28.24 10.45
C ARG F 50 64.41 27.36 11.35
N GLU F 51 65.60 27.83 11.71
CA GLU F 51 66.49 27.03 12.57
C GLU F 51 65.88 26.76 13.94
N SER F 52 65.15 27.74 14.47
CA SER F 52 64.40 27.58 15.72
C SER F 52 63.46 26.39 15.64
N LEU F 53 62.75 26.27 14.52
CA LEU F 53 61.82 25.16 14.32
C LEU F 53 62.58 23.85 14.13
N ARG F 54 63.67 23.89 13.35
CA ARG F 54 64.48 22.70 13.12
C ARG F 54 64.94 22.07 14.43
N ILE F 55 65.44 22.90 15.34
CA ILE F 55 65.88 22.44 16.68
C ILE F 55 64.71 21.77 17.41
N TRP F 56 63.54 22.38 17.31
CA TRP F 56 62.34 21.86 17.96
C TRP F 56 61.91 20.49 17.40
N LYS F 57 62.04 20.29 16.10
CA LYS F 57 61.74 18.98 15.47
C LYS F 57 62.74 17.91 15.92
N ASN F 58 64.02 18.28 16.00
CA ASN F 58 65.06 17.38 16.50
C ASN F 58 64.89 17.09 18.00
N THR F 59 64.18 17.98 18.69
CA THR F 59 63.98 17.86 20.14
C THR F 59 62.90 16.84 20.48
N GLU F 60 61.96 16.62 19.56
CA GLU F 60 60.98 15.53 19.69
C GLU F 60 60.80 14.84 18.34
N LYS F 61 61.51 13.74 18.14
CA LYS F 61 61.44 13.00 16.88
C LYS F 61 59.99 12.60 16.56
N GLU F 62 59.35 11.91 17.50
CA GLU F 62 58.01 11.36 17.30
C GLU F 62 56.88 12.33 17.66
N ASN F 63 57.14 13.28 18.56
CA ASN F 63 56.09 14.15 19.11
C ASN F 63 56.01 15.54 18.47
N ALA F 64 56.86 15.79 17.47
CA ALA F 64 56.85 17.06 16.74
C ALA F 64 55.67 17.10 15.79
N THR F 65 54.51 17.51 16.32
CA THR F 65 53.26 17.54 15.53
C THR F 65 52.88 18.96 15.15
N VAL F 66 52.17 19.09 14.04
CA VAL F 66 51.63 20.37 13.58
C VAL F 66 50.64 20.92 14.62
N ALA F 67 49.87 20.02 15.25
CA ALA F 67 48.94 20.40 16.31
C ALA F 67 49.64 21.19 17.40
N HIS F 68 50.83 20.74 17.79
CA HIS F 68 51.59 21.42 18.83
C HIS F 68 52.23 22.72 18.33
N LEU F 69 52.62 22.76 17.06
CA LEU F 69 53.07 24.03 16.46
C LEU F 69 51.99 25.10 16.59
N VAL F 70 50.75 24.68 16.33
CA VAL F 70 49.62 25.60 16.35
C VAL F 70 49.34 26.08 17.76
N GLY F 71 49.49 25.21 18.74
CA GLY F 71 49.39 25.61 20.14
C GLY F 71 50.42 26.68 20.46
N ALA F 72 51.68 26.38 20.14
CA ALA F 72 52.77 27.33 20.34
C ALA F 72 52.40 28.70 19.79
N LEU F 73 52.04 28.75 18.52
CA LEU F 73 51.67 30.01 17.86
C LEU F 73 50.58 30.75 18.62
N ARG F 74 49.53 30.04 19.01
CA ARG F 74 48.37 30.67 19.65
C ARG F 74 48.69 31.20 21.04
N SER F 75 49.59 30.54 21.76
CA SER F 75 50.02 31.00 23.07
C SER F 75 50.85 32.30 22.98
N CYS F 76 51.38 32.59 21.79
CA CYS F 76 52.10 33.83 21.50
C CYS F 76 51.24 34.87 20.79
N GLN F 77 49.92 34.67 20.79
CA GLN F 77 49.00 35.56 20.10
C GLN F 77 49.29 35.70 18.60
N MET F 78 49.91 34.67 18.01
CA MET F 78 50.20 34.64 16.58
C MET F 78 49.10 33.83 15.92
N ASN F 79 47.88 34.33 16.08
CA ASN F 79 46.70 33.54 15.75
C ASN F 79 46.44 33.42 14.26
N LEU F 80 46.61 34.52 13.54
CA LEU F 80 46.48 34.54 12.07
C LEU F 80 47.44 33.54 11.41
N VAL F 81 48.66 33.43 11.94
CA VAL F 81 49.63 32.47 11.42
C VAL F 81 49.18 31.06 11.74
N ALA F 82 48.74 30.85 12.98
CA ALA F 82 48.16 29.57 13.40
C ALA F 82 46.99 29.15 12.49
N ASP F 83 46.08 30.08 12.26
CA ASP F 83 44.95 29.85 11.36
C ASP F 83 45.43 29.35 10.02
N LEU F 84 46.43 30.03 9.45
CA LEU F 84 46.95 29.68 8.11
C LEU F 84 47.60 28.30 8.13
N VAL F 85 48.38 28.05 9.17
CA VAL F 85 49.01 26.74 9.31
C VAL F 85 47.96 25.62 9.36
N GLN F 86 46.89 25.86 10.13
CA GLN F 86 45.81 24.90 10.26
C GLN F 86 45.16 24.63 8.93
N GLU F 87 44.80 25.71 8.23
CA GLU F 87 44.11 25.57 6.95
C GLU F 87 44.99 24.88 5.89
N VAL F 88 46.29 25.14 5.91
CA VAL F 88 47.19 24.46 5.00
C VAL F 88 47.22 22.99 5.33
N GLN F 89 47.34 22.66 6.62
CA GLN F 89 47.35 21.26 7.04
C GLN F 89 46.05 20.56 6.68
N GLN F 90 44.95 21.24 6.88
CA GLN F 90 43.66 20.70 6.55
C GLN F 90 43.56 20.42 5.07
N ALA F 91 43.98 21.40 4.26
CA ALA F 91 44.02 21.26 2.81
C ALA F 91 44.87 20.05 2.41
N ARG F 92 46.02 19.89 3.04
CA ARG F 92 46.87 18.74 2.75
C ARG F 92 46.21 17.43 3.10
N ASP F 93 45.48 17.39 4.22
CA ASP F 93 44.71 16.17 4.60
C ASP F 93 43.71 15.76 3.54
N LEU F 94 43.18 16.71 2.81
CA LEU F 94 42.14 16.41 1.84
C LEU F 94 42.69 16.04 0.48
N GLN F 95 44.01 16.15 0.30
CA GLN F 95 44.68 15.78 -0.95
C GLN F 95 45.15 14.35 -0.94
N ASN F 96 45.69 13.90 0.19
CA ASN F 96 46.14 12.50 0.33
C ASN F 96 45.14 11.48 -0.27
N ARG F 97 43.85 11.72 -0.02
CA ARG F 97 42.77 10.85 -0.53
C ARG F 97 42.57 11.03 -2.05
N SER F 98 42.40 12.28 -2.50
CA SER F 98 42.19 12.62 -3.91
C SER F 98 43.48 12.43 -4.72
N GLY F 99 44.53 13.11 -4.26
CA GLY F 99 45.86 13.05 -4.87
C GLY F 99 46.82 12.16 -4.10
N ASN G 1 19.26 -16.95 37.50
CA ASN G 1 19.09 -15.96 38.61
C ASN G 1 19.20 -14.52 38.13
N LEU G 2 20.28 -14.13 37.44
CA LEU G 2 20.44 -12.74 36.94
C LEU G 2 20.19 -12.61 35.43
N SER G 3 19.68 -13.66 34.79
CA SER G 3 19.46 -13.63 33.34
C SER G 3 18.62 -12.44 32.97
N ASP G 4 17.53 -12.24 33.70
CA ASP G 4 16.63 -11.16 33.38
C ASP G 4 17.10 -9.76 33.79
N VAL G 5 17.93 -9.65 34.84
CA VAL G 5 18.48 -8.35 35.18
C VAL G 5 19.49 -7.93 34.12
N ASP G 6 20.36 -8.85 33.72
CA ASP G 6 21.33 -8.55 32.67
C ASP G 6 20.63 -8.33 31.31
N LEU G 7 19.53 -9.03 31.05
CA LEU G 7 18.79 -8.73 29.83
C LEU G 7 18.19 -7.36 29.92
N SER G 8 17.73 -6.98 31.10
CA SER G 8 17.15 -5.66 31.29
C SER G 8 18.19 -4.54 31.16
N LYS G 9 19.36 -4.72 31.74
CA LYS G 9 20.43 -3.73 31.60
C LYS G 9 20.76 -3.53 30.14
N TYR G 10 20.90 -4.62 29.41
CA TYR G 10 21.20 -4.58 27.99
C TYR G 10 20.12 -3.83 27.22
N ILE G 11 18.87 -4.27 27.33
CA ILE G 11 17.78 -3.66 26.56
C ILE G 11 17.57 -2.21 26.98
N THR G 12 17.81 -1.89 28.24
CA THR G 12 17.78 -0.49 28.65
C THR G 12 18.84 0.32 27.92
N THR G 13 20.04 -0.22 27.77
CA THR G 13 21.09 0.48 27.05
C THR G 13 20.70 0.78 25.60
N ILE G 14 20.13 -0.20 24.89
CA ILE G 14 19.65 0.03 23.53
C ILE G 14 18.48 1.05 23.54
N ALA G 15 17.53 0.90 24.45
CA ALA G 15 16.44 1.88 24.49
C ALA G 15 16.96 3.31 24.65
N GLY G 16 18.03 3.47 25.42
CA GLY G 16 18.55 4.80 25.75
C GLY G 16 19.11 5.51 24.54
N VAL G 17 19.37 4.76 23.49
CA VAL G 17 20.05 5.24 22.33
C VAL G 17 19.10 5.31 21.12
N MET G 18 17.79 5.17 21.35
CA MET G 18 16.79 5.26 20.31
C MET G 18 15.59 6.09 20.83
N THR G 19 14.88 6.76 19.93
CA THR G 19 13.66 7.48 20.34
C THR G 19 12.46 6.56 20.32
N LEU G 20 11.39 6.93 21.02
CA LEU G 20 10.17 6.09 21.07
C LEU G 20 9.67 5.78 19.66
N SER G 21 9.67 6.79 18.82
CA SER G 21 9.18 6.60 17.46
C SER G 21 10.13 5.67 16.68
N GLN G 22 11.42 5.87 16.89
CA GLN G 22 12.39 4.99 16.23
C GLN G 22 12.26 3.52 16.69
N VAL G 23 12.04 3.28 18.00
CA VAL G 23 11.82 1.90 18.51
C VAL G 23 10.53 1.30 17.94
N LYS G 24 9.46 2.10 17.92
CA LYS G 24 8.19 1.66 17.38
C LYS G 24 8.34 1.26 15.93
N GLY G 25 9.07 2.08 15.17
CA GLY G 25 9.31 1.82 13.76
C GLY G 25 10.09 0.52 13.54
N PHE G 26 11.12 0.34 14.36
CA PHE G 26 11.93 -0.85 14.24
C PHE G 26 11.20 -2.13 14.57
N VAL G 27 10.54 -2.19 15.73
CA VAL G 27 9.85 -3.40 16.12
C VAL G 27 8.67 -3.68 15.18
N ARG G 28 8.05 -2.64 14.64
CA ARG G 28 6.99 -2.86 13.66
C ARG G 28 7.51 -3.57 12.42
N LYS G 29 8.69 -3.18 11.95
CA LYS G 29 9.31 -3.82 10.79
C LYS G 29 9.77 -5.24 11.09
N ASN G 30 9.96 -5.58 12.37
CA ASN G 30 10.54 -6.87 12.72
C ASN G 30 9.67 -7.72 13.63
N GLY G 31 8.38 -7.77 13.33
CA GLY G 31 7.49 -8.78 13.90
C GLY G 31 6.63 -8.46 15.11
N VAL G 32 6.63 -7.22 15.59
CA VAL G 32 5.73 -6.82 16.65
C VAL G 32 4.52 -6.09 16.06
N ASN G 33 3.39 -6.78 15.98
CA ASN G 33 2.18 -6.19 15.38
C ASN G 33 1.59 -5.05 16.20
N GLU G 34 0.98 -4.10 15.49
CA GLU G 34 0.25 -2.96 16.08
C GLU G 34 -0.67 -3.31 17.24
N ALA G 35 -1.11 -4.55 17.32
CA ALA G 35 -1.83 -4.99 18.51
C ALA G 35 -0.91 -4.86 19.74
N LYS G 36 0.21 -5.58 19.74
CA LYS G 36 1.12 -5.59 20.90
C LYS G 36 1.66 -4.19 21.22
N ILE G 37 1.83 -3.36 20.22
CA ILE G 37 2.32 -2.01 20.45
C ILE G 37 1.32 -1.22 21.31
N ASP G 38 0.06 -1.24 20.93
CA ASP G 38 -1.00 -0.51 21.66
C ASP G 38 -1.15 -1.00 23.10
N GLU G 39 -1.15 -2.31 23.26
CA GLU G 39 -1.17 -2.93 24.56
C GLU G 39 -0.06 -2.37 25.43
N ILE G 40 1.14 -2.26 24.86
CA ILE G 40 2.30 -1.72 25.55
C ILE G 40 2.15 -0.23 25.79
N LYS G 41 1.65 0.47 24.78
CA LYS G 41 1.50 1.92 24.88
C LYS G 41 0.53 2.34 25.99
N ASN G 42 -0.51 1.55 26.22
CA ASN G 42 -1.50 1.85 27.24
C ASN G 42 -1.13 1.34 28.64
N ASP G 43 -0.13 0.47 28.71
CA ASP G 43 0.38 0.00 30.00
C ASP G 43 1.36 1.01 30.61
N ASN G 44 1.87 1.93 29.80
CA ASN G 44 2.88 2.87 30.26
C ASN G 44 2.61 4.24 29.65
N VAL G 45 1.49 4.87 29.99
CA VAL G 45 1.09 6.14 29.37
C VAL G 45 2.03 7.29 29.78
N GLN G 46 2.40 7.27 31.06
CA GLN G 46 3.35 8.22 31.64
C GLN G 46 4.81 7.92 31.27
N ASP G 47 5.17 6.64 31.29
CA ASP G 47 6.57 6.21 31.20
C ASP G 47 7.00 5.79 29.78
N THR G 48 7.44 6.76 29.00
CA THR G 48 7.92 6.51 27.63
C THR G 48 9.22 5.67 27.58
N ALA G 49 10.04 5.79 28.61
CA ALA G 49 11.24 4.98 28.70
C ALA G 49 10.87 3.50 28.84
N GLU G 50 9.90 3.19 29.68
CA GLU G 50 9.49 1.79 29.87
C GLU G 50 8.78 1.23 28.61
N GLN G 51 8.13 2.12 27.89
CA GLN G 51 7.49 1.78 26.64
C GLN G 51 8.53 1.22 25.67
N LYS G 52 9.62 1.97 25.48
CA LYS G 52 10.72 1.54 24.62
C LYS G 52 11.28 0.19 25.06
N VAL G 53 11.45 0.02 26.36
CA VAL G 53 12.03 -1.21 26.87
C VAL G 53 11.13 -2.42 26.68
N GLN G 54 9.83 -2.27 26.99
CA GLN G 54 8.88 -3.39 26.79
C GLN G 54 8.76 -3.70 25.30
N LEU G 55 8.71 -2.66 24.45
CA LEU G 55 8.68 -2.88 23.01
C LEU G 55 9.90 -3.69 22.55
N LEU G 56 11.09 -3.31 22.98
CA LEU G 56 12.29 -4.07 22.62
C LEU G 56 12.31 -5.45 23.27
N ARG G 57 11.78 -5.58 24.48
CA ARG G 57 11.71 -6.90 25.12
C ARG G 57 10.86 -7.86 24.29
N ASN G 58 9.69 -7.38 23.88
CA ASN G 58 8.80 -8.15 23.06
C ASN G 58 9.48 -8.52 21.74
N TRP G 59 10.15 -7.57 21.09
CA TRP G 59 10.90 -7.85 19.86
C TRP G 59 12.00 -8.88 20.10
N HIS G 60 12.70 -8.71 21.22
CA HIS G 60 13.87 -9.51 21.51
C HIS G 60 13.54 -10.98 21.63
N GLN G 61 12.35 -11.28 22.15
CA GLN G 61 11.89 -12.66 22.39
C GLN G 61 11.22 -13.31 21.21
N LEU G 62 11.61 -12.93 20.00
CA LEU G 62 10.93 -13.35 18.78
C LEU G 62 11.90 -13.78 17.69
N HIS G 63 13.20 -13.80 17.97
CA HIS G 63 14.16 -13.87 16.88
C HIS G 63 15.46 -14.60 17.21
N GLY G 64 15.93 -15.37 16.22
CA GLY G 64 17.28 -15.91 16.23
C GLY G 64 18.33 -14.81 16.37
N LYS G 65 19.41 -15.12 17.07
CA LYS G 65 20.50 -14.16 17.33
C LYS G 65 20.97 -13.50 16.04
N LYS G 66 21.32 -14.31 15.05
CA LYS G 66 21.81 -13.80 13.76
C LYS G 66 20.90 -12.74 13.17
N GLU G 67 19.59 -12.95 13.30
CA GLU G 67 18.60 -12.03 12.72
C GLU G 67 18.40 -10.84 13.65
N ALA G 68 18.34 -11.07 14.96
CA ALA G 68 18.27 -9.97 15.92
C ALA G 68 19.44 -9.01 15.72
N TYR G 69 20.64 -9.57 15.61
CA TYR G 69 21.85 -8.77 15.46
C TYR G 69 21.80 -7.94 14.19
N ASP G 70 21.69 -8.64 13.06
CA ASP G 70 21.73 -8.00 11.77
C ASP G 70 20.76 -6.84 11.72
N THR G 71 19.53 -7.10 12.13
CA THR G 71 18.46 -6.15 12.08
C THR G 71 18.72 -4.93 12.96
N LEU G 72 19.06 -5.17 14.23
CA LEU G 72 19.33 -4.09 15.16
C LEU G 72 20.54 -3.26 14.74
N ILE G 73 21.65 -3.93 14.41
CA ILE G 73 22.88 -3.27 13.98
C ILE G 73 22.59 -2.35 12.77
N LYS G 74 21.92 -2.89 11.76
CA LYS G 74 21.56 -2.13 10.56
C LYS G 74 20.71 -0.92 10.95
N ASP G 75 19.80 -1.11 11.91
CA ASP G 75 18.94 -0.02 12.32
C ASP G 75 19.73 1.07 12.96
N LEU G 76 20.61 0.71 13.89
CA LEU G 76 21.42 1.70 14.58
C LEU G 76 22.40 2.40 13.61
N LYS G 77 22.92 1.63 12.65
CA LYS G 77 23.86 2.17 11.69
C LYS G 77 23.21 3.29 10.89
N LYS G 78 22.01 3.03 10.37
CA LYS G 78 21.31 4.05 9.57
C LYS G 78 20.91 5.24 10.40
N ALA G 79 20.46 4.99 11.62
CA ALA G 79 20.05 6.13 12.43
C ALA G 79 21.30 6.97 12.71
N ASN G 80 22.42 6.31 13.05
CA ASN G 80 23.68 7.03 13.29
C ASN G 80 24.15 7.80 12.06
N LEU G 81 24.09 7.19 10.90
CA LEU G 81 24.54 7.86 9.71
C LEU G 81 23.66 9.07 9.42
N CYS G 82 22.37 8.98 9.63
CA CYS G 82 21.51 10.17 9.45
C CYS G 82 21.80 11.29 10.41
N THR G 83 22.05 10.95 11.67
CA THR G 83 22.30 11.99 12.66
C THR G 83 23.67 12.63 12.45
N LEU G 84 24.68 11.82 12.07
CA LEU G 84 25.98 12.36 11.67
C LEU G 84 25.87 13.35 10.52
N ALA G 85 25.14 12.95 9.48
CA ALA G 85 24.96 13.79 8.33
C ALA G 85 24.30 15.10 8.76
N GLU G 86 23.37 15.06 9.70
CA GLU G 86 22.66 16.32 10.07
C GLU G 86 23.56 17.20 10.86
N LYS G 87 24.28 16.59 11.79
CA LYS G 87 25.14 17.33 12.66
C LYS G 87 26.33 17.88 11.96
N ILE G 88 26.93 17.10 11.06
CA ILE G 88 28.09 17.61 10.33
C ILE G 88 27.66 18.70 9.37
N GLN G 89 26.51 18.53 8.73
CA GLN G 89 26.01 19.60 7.85
C GLN G 89 25.90 20.90 8.59
N THR G 90 25.38 20.85 9.81
CA THR G 90 25.18 22.08 10.57
C THR G 90 26.50 22.75 10.92
N ILE G 91 27.50 21.96 11.31
CA ILE G 91 28.82 22.55 11.59
C ILE G 91 29.33 23.20 10.31
N ILE G 92 29.31 22.46 9.20
CA ILE G 92 29.87 22.97 7.96
C ILE G 92 29.21 24.26 7.50
N LEU G 93 27.87 24.30 7.44
CA LEU G 93 27.17 25.53 7.04
C LEU G 93 27.43 26.68 8.01
N LYS G 94 27.51 26.36 9.28
CA LYS G 94 27.81 27.40 10.28
C LYS G 94 29.15 27.99 9.96
N ASP G 95 30.18 27.15 9.85
CA ASP G 95 31.53 27.65 9.59
C ASP G 95 31.74 28.24 8.19
N ILE G 96 31.02 27.77 7.17
CA ILE G 96 31.24 28.25 5.81
C ILE G 96 30.63 29.62 5.63
N THR G 97 29.75 30.03 6.52
CA THR G 97 29.02 31.30 6.38
C THR G 97 29.47 32.28 7.47
N SER G 98 30.39 31.86 8.33
CA SER G 98 31.01 32.72 9.31
C SER G 98 32.16 33.53 8.74
N ASP G 99 32.39 34.71 9.31
CA ASP G 99 33.56 35.53 8.97
C ASP G 99 34.74 35.26 9.90
N SER G 100 34.45 34.76 11.09
CA SER G 100 35.46 34.50 12.10
C SER G 100 36.17 33.22 11.77
N GLU G 101 37.29 33.01 12.43
CA GLU G 101 38.00 31.74 12.43
C GLU G 101 37.12 30.65 13.06
N ASN G 102 37.20 29.42 12.58
CA ASN G 102 36.57 28.27 13.28
C ASN G 102 37.57 27.15 13.57
N SER G 103 38.59 27.50 14.38
CA SER G 103 39.60 26.55 14.87
C SER G 103 38.97 25.34 15.59
N ASN G 104 37.65 25.40 15.78
CA ASN G 104 36.92 24.37 16.49
C ASN G 104 36.44 23.20 15.59
N PHE G 105 36.51 23.37 14.27
CA PHE G 105 35.91 22.38 13.34
C PHE G 105 36.43 20.95 13.54
N ARG G 106 37.75 20.80 13.58
CA ARG G 106 38.34 19.50 13.78
C ARG G 106 37.88 18.87 15.10
N ASN G 107 37.93 19.64 16.19
CA ASN G 107 37.50 19.17 17.51
C ASN G 107 36.03 18.76 17.46
N GLU G 108 35.22 19.59 16.81
CA GLU G 108 33.82 19.30 16.69
C GLU G 108 33.59 17.97 15.99
N ILE G 109 34.15 17.78 14.80
CA ILE G 109 34.02 16.48 14.09
C ILE G 109 34.54 15.34 14.96
N GLN G 110 35.69 15.50 15.59
CA GLN G 110 36.28 14.42 16.37
C GLN G 110 35.35 13.94 17.49
N SER G 111 34.68 14.88 18.16
CA SER G 111 33.72 14.55 19.22
C SER G 111 32.60 13.68 18.74
N LEU G 112 32.13 13.91 17.52
CA LEU G 112 30.97 13.20 16.99
C LEU G 112 31.30 11.76 16.79
N VAL G 113 32.57 11.43 16.75
CA VAL G 113 33.00 10.11 16.33
C VAL G 113 33.89 9.49 17.43
N LEU G 114 33.79 10.01 18.64
CA LEU G 114 34.60 9.58 19.78
C LEU G 114 34.38 8.12 20.15
N GLU G 115 35.46 7.39 20.32
CA GLU G 115 35.37 5.97 20.66
C GLU G 115 36.77 5.47 21.03
N GLY H 1 33.54 7.84 28.31
CA GLY H 1 34.40 7.50 29.48
C GLY H 1 33.72 6.50 30.40
N GLU H 2 33.24 6.99 31.55
CA GLU H 2 32.61 6.10 32.55
C GLU H 2 31.29 5.48 32.02
N GLU H 3 30.29 6.34 31.72
CA GLU H 3 28.97 5.86 31.22
C GLU H 3 29.09 5.11 29.89
N ASP H 4 30.04 5.49 29.03
CA ASP H 4 30.28 4.78 27.75
C ASP H 4 30.69 3.34 27.99
N LEU H 5 31.65 3.14 28.89
CA LEU H 5 32.12 1.79 29.23
C LEU H 5 31.00 0.94 29.83
N CYS H 6 30.15 1.56 30.65
CA CYS H 6 28.97 0.88 31.16
C CYS H 6 28.07 0.39 30.04
N ALA H 7 27.77 1.27 29.09
CA ALA H 7 26.94 0.91 27.97
C ALA H 7 27.59 -0.26 27.22
N ALA H 8 28.88 -0.16 26.92
CA ALA H 8 29.56 -1.26 26.23
C ALA H 8 29.43 -2.54 27.06
N PHE H 9 29.69 -2.45 28.36
CA PHE H 9 29.66 -3.62 29.24
C PHE H 9 28.32 -4.32 29.22
N ASN H 10 27.24 -3.53 29.31
CA ASN H 10 25.89 -4.05 29.23
C ASN H 10 25.60 -4.82 27.95
N VAL H 11 26.09 -4.31 26.84
CA VAL H 11 25.92 -4.99 25.54
C VAL H 11 26.74 -6.29 25.53
N ILE H 12 28.00 -6.24 25.96
CA ILE H 12 28.85 -7.41 25.94
C ILE H 12 28.35 -8.53 26.91
N CYS H 13 28.09 -8.15 28.16
CA CYS H 13 27.62 -9.08 29.19
C CYS H 13 26.45 -9.99 28.80
N ASP H 14 25.49 -9.43 28.10
CA ASP H 14 24.28 -10.18 27.81
C ASP H 14 24.36 -10.87 26.45
N ASN H 15 25.50 -10.77 25.77
CA ASN H 15 25.59 -11.27 24.41
C ASN H 15 26.82 -12.16 24.10
N VAL H 16 27.80 -12.21 24.99
CA VAL H 16 28.99 -13.04 24.79
C VAL H 16 28.75 -14.51 25.11
N GLY H 17 28.70 -14.85 26.39
CA GLY H 17 28.32 -16.20 26.81
C GLY H 17 29.37 -17.30 26.73
N LYS H 18 29.25 -18.16 25.71
CA LYS H 18 29.96 -19.46 25.72
C LYS H 18 31.49 -19.33 25.76
N ASP H 19 32.04 -18.42 24.96
CA ASP H 19 33.49 -18.30 24.80
C ASP H 19 34.08 -17.09 25.55
N TRP H 20 33.53 -16.81 26.72
CA TRP H 20 33.95 -15.63 27.48
C TRP H 20 35.42 -15.71 27.89
N ARG H 21 35.90 -16.91 28.18
CA ARG H 21 37.29 -17.10 28.59
C ARG H 21 38.26 -16.69 27.47
N ARG H 22 37.85 -16.95 26.23
CA ARG H 22 38.57 -16.46 25.05
C ARG H 22 38.72 -14.94 25.10
N LEU H 23 37.61 -14.26 25.40
CA LEU H 23 37.61 -12.79 25.46
C LEU H 23 38.45 -12.26 26.62
N ALA H 24 38.32 -12.88 27.80
CA ALA H 24 39.13 -12.51 28.96
C ALA H 24 40.63 -12.54 28.62
N ARG H 25 41.03 -13.56 27.88
CA ARG H 25 42.41 -13.71 27.47
C ARG H 25 42.86 -12.55 26.58
N GLN H 26 42.03 -12.14 25.63
CA GLN H 26 42.39 -11.01 24.75
C GLN H 26 42.51 -9.71 25.50
N LEU H 27 41.75 -9.54 26.58
CA LEU H 27 41.82 -8.34 27.40
C LEU H 27 43.00 -8.42 28.37
N LYS H 28 43.92 -9.35 28.11
CA LYS H 28 45.09 -9.56 28.94
C LYS H 28 44.73 -9.76 30.41
N VAL H 29 43.65 -10.49 30.64
CA VAL H 29 43.25 -10.90 31.98
C VAL H 29 43.96 -12.22 32.28
N SER H 30 44.81 -12.24 33.31
CA SER H 30 45.60 -13.43 33.63
C SER H 30 44.74 -14.65 33.93
N ASP H 31 45.30 -15.84 33.73
CA ASP H 31 44.66 -17.11 34.01
C ASP H 31 44.39 -17.23 35.52
N THR H 32 45.30 -16.68 36.32
CA THR H 32 45.16 -16.61 37.77
C THR H 32 43.88 -15.90 38.19
N LYS H 33 43.49 -14.90 37.42
CA LYS H 33 42.26 -14.14 37.66
C LYS H 33 41.04 -14.86 37.07
N ILE H 34 41.20 -15.45 35.88
CA ILE H 34 40.11 -16.16 35.20
C ILE H 34 39.67 -17.41 35.97
N ASP H 35 40.65 -18.10 36.61
CA ASP H 35 40.32 -19.23 37.46
C ASP H 35 39.39 -18.79 38.58
N SER H 36 39.75 -17.67 39.21
CA SER H 36 38.99 -17.15 40.35
C SER H 36 37.61 -16.59 39.96
N ILE H 37 37.47 -16.07 38.75
CA ILE H 37 36.16 -15.64 38.25
C ILE H 37 35.22 -16.84 38.08
N GLU H 38 35.79 -17.98 37.66
CA GLU H 38 35.01 -19.22 37.53
C GLU H 38 34.51 -19.65 38.89
N ASP H 39 35.33 -19.43 39.92
CA ASP H 39 35.00 -19.79 41.29
C ASP H 39 33.95 -18.88 41.91
N ARG H 40 34.14 -17.58 41.74
CA ARG H 40 33.32 -16.55 42.40
C ARG H 40 31.87 -16.54 41.91
N TYR H 41 31.65 -16.84 40.64
CA TYR H 41 30.34 -16.72 40.04
C TYR H 41 30.00 -17.93 39.16
N PRO H 42 29.80 -19.10 39.80
CA PRO H 42 29.48 -20.31 39.06
C PRO H 42 28.06 -20.32 38.51
N ARG H 43 27.18 -19.53 39.12
CA ARG H 43 25.77 -19.50 38.72
C ARG H 43 25.56 -18.85 37.35
N ASN H 44 25.85 -17.56 37.22
CA ASN H 44 25.50 -16.87 35.99
C ASN H 44 26.69 -16.55 35.08
N LEU H 45 26.59 -17.05 33.85
CA LEU H 45 27.54 -16.73 32.77
C LEU H 45 27.71 -15.24 32.57
N THR H 46 26.60 -14.50 32.63
CA THR H 46 26.63 -13.06 32.40
C THR H 46 27.38 -12.32 33.50
N GLU H 47 27.33 -12.82 34.72
CA GLU H 47 28.04 -12.20 35.84
C GLU H 47 29.56 -12.45 35.74
N ARG H 48 29.94 -13.59 35.18
CA ARG H 48 31.36 -13.92 34.98
C ARG H 48 31.97 -12.98 33.93
N VAL H 49 31.23 -12.73 32.86
CA VAL H 49 31.70 -11.86 31.79
C VAL H 49 31.91 -10.44 32.31
N ARG H 50 30.98 -9.93 33.13
CA ARG H 50 31.09 -8.57 33.66
C ARG H 50 32.33 -8.38 34.54
N GLU H 51 32.58 -9.31 35.45
CA GLU H 51 33.75 -9.18 36.34
C GLU H 51 35.06 -9.21 35.55
N SER H 52 35.09 -10.01 34.49
CA SER H 52 36.22 -10.00 33.54
C SER H 52 36.52 -8.61 33.02
N LEU H 53 35.47 -7.91 32.63
CA LEU H 53 35.60 -6.56 32.08
C LEU H 53 35.98 -5.57 33.19
N ARG H 54 35.39 -5.72 34.37
CA ARG H 54 35.72 -4.86 35.52
C ARG H 54 37.21 -4.88 35.82
N ILE H 55 37.78 -6.09 35.88
CA ILE H 55 39.21 -6.25 36.13
C ILE H 55 40.02 -5.52 35.06
N TRP H 56 39.58 -5.65 33.81
CA TRP H 56 40.22 -5.00 32.68
C TRP H 56 40.19 -3.47 32.78
N LYS H 57 39.09 -2.90 33.24
CA LYS H 57 38.98 -1.44 33.44
C LYS H 57 39.88 -0.98 34.59
N ASN H 58 39.96 -1.76 35.68
CA ASN H 58 40.84 -1.42 36.78
C ASN H 58 42.32 -1.65 36.41
N THR H 59 42.56 -2.42 35.34
CA THR H 59 43.93 -2.72 34.88
C THR H 59 44.53 -1.58 34.04
N GLU H 60 43.67 -0.77 33.41
CA GLU H 60 44.11 0.49 32.77
C GLU H 60 43.12 1.60 33.09
N LYS H 61 43.41 2.40 34.11
CA LYS H 61 42.52 3.48 34.50
C LYS H 61 42.25 4.42 33.33
N GLU H 62 43.31 4.93 32.71
CA GLU H 62 43.18 5.93 31.64
C GLU H 62 43.05 5.32 30.22
N ASN H 63 43.55 4.11 30.03
CA ASN H 63 43.62 3.49 28.69
C ASN H 63 42.47 2.52 28.38
N ALA H 64 41.55 2.35 29.33
CA ALA H 64 40.40 1.46 29.11
C ALA H 64 39.39 2.14 28.19
N THR H 65 39.60 1.99 26.89
CA THR H 65 38.74 2.64 25.90
C THR H 65 37.81 1.63 25.23
N VAL H 66 36.68 2.14 24.74
CA VAL H 66 35.74 1.31 23.98
C VAL H 66 36.39 0.79 22.70
N ALA H 67 37.22 1.65 22.08
CA ALA H 67 37.98 1.27 20.88
C ALA H 67 38.74 -0.04 21.11
N HIS H 68 39.39 -0.14 22.27
CA HIS H 68 40.16 -1.34 22.60
C HIS H 68 39.26 -2.54 22.90
N LEU H 69 38.11 -2.30 23.54
CA LEU H 69 37.13 -3.35 23.74
C LEU H 69 36.74 -3.99 22.42
N VAL H 70 36.51 -3.13 21.42
CA VAL H 70 36.08 -3.58 20.10
C VAL H 70 37.20 -4.36 19.38
N GLY H 71 38.45 -3.94 19.57
CA GLY H 71 39.56 -4.73 19.06
C GLY H 71 39.58 -6.14 19.66
N ALA H 72 39.51 -6.19 21.00
CA ALA H 72 39.43 -7.45 21.72
C ALA H 72 38.35 -8.35 21.11
N LEU H 73 37.14 -7.82 21.02
CA LEU H 73 36.02 -8.60 20.49
C LEU H 73 36.34 -9.14 19.10
N ARG H 74 36.87 -8.29 18.23
CA ARG H 74 37.11 -8.69 16.84
C ARG H 74 38.22 -9.73 16.69
N SER H 75 39.20 -9.70 17.59
CA SER H 75 40.28 -10.69 17.59
C SER H 75 39.78 -12.08 18.00
N CYS H 76 38.64 -12.13 18.68
CA CYS H 76 37.98 -13.37 19.08
C CYS H 76 36.84 -13.78 18.14
N GLN H 77 36.80 -13.15 16.96
CA GLN H 77 35.71 -13.36 15.99
C GLN H 77 34.31 -13.10 16.56
N MET H 78 34.22 -12.23 17.56
CA MET H 78 32.95 -11.83 18.14
C MET H 78 32.53 -10.54 17.46
N ASN H 79 32.36 -10.62 16.14
CA ASN H 79 32.22 -9.42 15.29
C ASN H 79 30.89 -8.74 15.42
N LEU H 80 29.82 -9.54 15.43
CA LEU H 80 28.48 -9.00 15.62
C LEU H 80 28.36 -8.26 16.95
N VAL H 81 28.99 -8.75 18.00
CA VAL H 81 28.96 -7.99 19.27
C VAL H 81 29.76 -6.72 19.12
N ALA H 82 30.95 -6.81 18.51
CA ALA H 82 31.78 -5.63 18.24
C ALA H 82 31.00 -4.58 17.44
N ASP H 83 30.34 -5.02 16.37
CA ASP H 83 29.49 -4.14 15.61
C ASP H 83 28.44 -3.43 16.49
N LEU H 84 27.74 -4.17 17.34
CA LEU H 84 26.72 -3.58 18.18
C LEU H 84 27.35 -2.59 19.16
N VAL H 85 28.49 -2.95 19.76
CA VAL H 85 29.16 -2.04 20.69
C VAL H 85 29.57 -0.74 20.02
N GLN H 86 30.04 -0.85 18.79
CA GLN H 86 30.42 0.33 18.02
C GLN H 86 29.21 1.20 17.76
N GLU H 87 28.11 0.59 17.29
CA GLU H 87 26.96 1.39 16.94
C GLU H 87 26.37 2.08 18.20
N VAL H 88 26.39 1.39 19.33
CA VAL H 88 25.83 1.97 20.55
C VAL H 88 26.69 3.14 20.94
N GLN H 89 28.01 2.96 20.83
CA GLN H 89 28.94 4.03 21.17
C GLN H 89 28.75 5.22 20.24
N GLN H 90 28.55 4.94 18.96
CA GLN H 90 28.39 6.01 17.96
C GLN H 90 27.06 6.74 18.23
N ALA H 91 26.00 5.98 18.52
CA ALA H 91 24.74 6.55 18.92
C ALA H 91 24.93 7.48 20.12
N ARG H 92 25.69 7.01 21.12
CA ARG H 92 25.91 7.85 22.31
C ARG H 92 26.68 9.12 22.02
N ASP H 93 27.66 9.04 21.10
CA ASP H 93 28.39 10.23 20.67
C ASP H 93 27.48 11.28 20.09
N LEU H 94 26.39 10.87 19.47
CA LEU H 94 25.50 11.80 18.77
C LEU H 94 24.42 12.39 19.67
N GLN H 95 24.33 11.89 20.89
CA GLN H 95 23.37 12.41 21.86
C GLN H 95 23.96 13.51 22.72
N ASN H 96 25.23 13.36 23.08
CA ASN H 96 25.95 14.41 23.83
C ASN H 96 25.70 15.85 23.28
N ARG H 97 25.73 15.99 21.95
CA ARG H 97 25.47 17.29 21.30
C ARG H 97 23.98 17.69 21.38
N SER H 98 23.08 16.79 20.96
CA SER H 98 21.63 17.07 20.99
C SER H 98 21.08 17.00 22.43
N GLY H 99 21.36 15.91 23.13
CA GLY H 99 20.95 15.72 24.52
C GLY H 99 22.07 15.89 25.56
N ASN I 1 16.74 -41.02 9.90
CA ASN I 1 16.83 -41.84 8.66
C ASN I 1 15.67 -41.60 7.72
N LEU I 2 14.41 -41.71 8.19
CA LEU I 2 13.22 -41.42 7.33
C LEU I 2 12.57 -40.08 7.65
N SER I 3 13.21 -39.23 8.45
CA SER I 3 12.59 -37.95 8.83
C SER I 3 12.23 -37.17 7.60
N ASP I 4 13.13 -37.10 6.64
CA ASP I 4 12.88 -36.31 5.44
C ASP I 4 11.96 -36.97 4.41
N VAL I 5 11.89 -38.30 4.37
CA VAL I 5 10.92 -38.94 3.48
C VAL I 5 9.51 -38.74 4.02
N ASP I 6 9.33 -38.91 5.32
CA ASP I 6 8.02 -38.67 5.92
C ASP I 6 7.66 -37.18 5.88
N LEU I 7 8.64 -36.29 5.99
CA LEU I 7 8.32 -34.87 5.81
C LEU I 7 7.89 -34.62 4.40
N SER I 8 8.54 -35.29 3.46
CA SER I 8 8.20 -35.13 2.06
C SER I 8 6.81 -35.68 1.74
N LYS I 9 6.48 -36.86 2.25
CA LYS I 9 5.13 -37.39 2.04
C LYS I 9 4.08 -36.44 2.56
N TYR I 10 4.30 -35.92 3.74
CA TYR I 10 3.37 -34.96 4.34
C TYR I 10 3.22 -33.72 3.50
N ILE I 11 4.33 -33.05 3.20
CA ILE I 11 4.27 -31.79 2.42
C ILE I 11 3.73 -32.03 1.01
N THR I 12 4.01 -33.19 0.44
CA THR I 12 3.38 -33.53 -0.82
C THR I 12 1.87 -33.60 -0.67
N THR I 13 1.40 -34.22 0.42
CA THR I 13 -0.04 -34.29 0.62
C THR I 13 -0.70 -32.91 0.69
N ILE I 14 -0.09 -31.97 1.43
CA ILE I 14 -0.62 -30.60 1.47
C ILE I 14 -0.53 -29.96 0.10
N ALA I 15 0.59 -30.10 -0.59
CA ALA I 15 0.71 -29.50 -1.91
C ALA I 15 -0.39 -29.97 -2.86
N GLY I 16 -0.78 -31.24 -2.76
CA GLY I 16 -1.74 -31.83 -3.68
C GLY I 16 -3.11 -31.22 -3.54
N VAL I 17 -3.32 -30.53 -2.43
CA VAL I 17 -4.63 -30.05 -2.07
C VAL I 17 -4.67 -28.53 -2.15
N MET I 18 -3.67 -27.91 -2.77
CA MET I 18 -3.60 -26.46 -2.97
C MET I 18 -3.09 -26.16 -4.41
N THR I 19 -3.52 -25.05 -4.98
CA THR I 19 -2.99 -24.67 -6.30
C THR I 19 -1.67 -23.92 -6.13
N LEU I 20 -0.89 -23.82 -7.22
CA LEU I 20 0.38 -23.09 -7.18
C LEU I 20 0.18 -21.67 -6.69
N SER I 21 -0.84 -21.02 -7.19
CA SER I 21 -1.09 -19.63 -6.80
C SER I 21 -1.49 -19.54 -5.34
N GLN I 22 -2.31 -20.48 -4.92
CA GLN I 22 -2.70 -20.53 -3.53
C GLN I 22 -1.52 -20.77 -2.57
N VAL I 23 -0.59 -21.69 -2.92
CA VAL I 23 0.62 -21.93 -2.12
C VAL I 23 1.51 -20.68 -2.10
N LYS I 24 1.68 -20.04 -3.26
CA LYS I 24 2.48 -18.83 -3.37
C LYS I 24 1.92 -17.75 -2.46
N GLY I 25 0.59 -17.61 -2.48
CA GLY I 25 -0.08 -16.62 -1.65
C GLY I 25 0.11 -16.90 -0.16
N PHE I 26 -0.05 -18.16 0.21
CA PHE I 26 0.10 -18.53 1.61
C PHE I 26 1.52 -18.30 2.15
N VAL I 27 2.53 -18.83 1.47
CA VAL I 27 3.89 -18.69 1.94
C VAL I 27 4.32 -17.23 1.92
N ARG I 28 3.81 -16.46 0.96
CA ARG I 28 4.10 -15.02 0.94
C ARG I 28 3.60 -14.33 2.20
N LYS I 29 2.40 -14.68 2.64
CA LYS I 29 1.82 -14.14 3.85
C LYS I 29 2.55 -14.61 5.10
N ASN I 30 3.27 -15.73 5.04
CA ASN I 30 3.87 -16.31 6.23
C ASN I 30 5.39 -16.49 6.15
N GLY I 31 6.08 -15.46 5.66
CA GLY I 31 7.52 -15.33 5.82
C GLY I 31 8.46 -15.80 4.71
N VAL I 32 7.94 -16.21 3.56
CA VAL I 32 8.81 -16.54 2.41
C VAL I 32 8.83 -15.35 1.45
N ASN I 33 9.91 -14.60 1.47
CA ASN I 33 10.02 -13.41 0.62
C ASN I 33 10.10 -13.73 -0.87
N GLU I 34 9.54 -12.82 -1.66
CA GLU I 34 9.64 -12.81 -3.13
C GLU I 34 10.96 -13.25 -3.70
N ALA I 35 12.04 -12.99 -2.97
CA ALA I 35 13.33 -13.49 -3.38
C ALA I 35 13.28 -15.02 -3.47
N LYS I 36 13.00 -15.69 -2.35
CA LYS I 36 13.03 -17.16 -2.31
C LYS I 36 12.02 -17.78 -3.26
N ILE I 37 10.91 -17.11 -3.48
CA ILE I 37 9.91 -17.62 -4.41
C ILE I 37 10.48 -17.73 -5.81
N ASP I 38 11.08 -16.65 -6.30
CA ASP I 38 11.66 -16.60 -7.65
C ASP I 38 12.73 -17.66 -7.84
N GLU I 39 13.62 -17.75 -6.87
CA GLU I 39 14.66 -18.76 -6.85
C GLU I 39 14.06 -20.14 -7.03
N ILE I 40 12.95 -20.41 -6.32
CA ILE I 40 12.25 -21.69 -6.42
C ILE I 40 11.58 -21.82 -7.76
N LYS I 41 10.96 -20.74 -8.21
CA LYS I 41 10.21 -20.75 -9.45
C LYS I 41 11.09 -21.06 -10.67
N ASN I 42 12.34 -20.60 -10.64
CA ASN I 42 13.30 -20.83 -11.72
C ASN I 42 14.06 -22.15 -11.63
N ASP I 43 14.00 -22.79 -10.47
CA ASP I 43 14.61 -24.11 -10.30
C ASP I 43 13.69 -25.22 -10.82
N ASN I 44 12.42 -24.91 -11.03
CA ASN I 44 11.45 -25.90 -11.45
C ASN I 44 10.47 -25.30 -12.45
N VAL I 45 10.97 -24.92 -13.62
CA VAL I 45 10.15 -24.20 -14.61
C VAL I 45 9.07 -25.11 -15.20
N GLN I 46 9.47 -26.35 -15.44
CA GLN I 46 8.60 -27.42 -15.94
C GLN I 46 7.70 -28.00 -14.85
N ASP I 47 8.27 -28.21 -13.66
CA ASP I 47 7.58 -28.96 -12.59
C ASP I 47 6.86 -28.09 -11.54
N THR I 48 5.60 -27.76 -11.82
CA THR I 48 4.78 -26.96 -10.90
C THR I 48 4.47 -27.69 -9.58
N ALA I 49 4.39 -29.01 -9.63
CA ALA I 49 4.17 -29.78 -8.43
C ALA I 49 5.36 -29.63 -7.48
N GLU I 50 6.58 -29.70 -8.02
CA GLU I 50 7.77 -29.56 -7.18
C GLU I 50 7.92 -28.12 -6.64
N GLN I 51 7.44 -27.16 -7.41
CA GLN I 51 7.41 -25.77 -7.02
C GLN I 51 6.63 -25.61 -5.72
N LYS I 52 5.41 -26.15 -5.69
CA LYS I 52 4.56 -26.11 -4.51
C LYS I 52 5.25 -26.78 -3.34
N VAL I 53 5.88 -27.92 -3.57
CA VAL I 53 6.53 -28.64 -2.49
C VAL I 53 7.74 -27.89 -1.91
N GLN I 54 8.61 -27.36 -2.77
CA GLN I 54 9.76 -26.58 -2.28
C GLN I 54 9.24 -25.33 -1.55
N LEU I 55 8.23 -24.66 -2.12
CA LEU I 55 7.67 -23.48 -1.46
C LEU I 55 7.18 -23.83 -0.05
N LEU I 56 6.43 -24.91 0.09
CA LEU I 56 5.97 -25.33 1.40
C LEU I 56 7.13 -25.81 2.28
N ARG I 57 8.14 -26.45 1.70
CA ARG I 57 9.29 -26.88 2.49
C ARG I 57 10.00 -25.69 3.13
N ASN I 58 10.25 -24.67 2.31
CA ASN I 58 10.87 -23.47 2.80
C ASN I 58 10.02 -22.81 3.89
N TRP I 59 8.70 -22.71 3.67
CA TRP I 59 7.81 -22.18 4.71
C TRP I 59 7.83 -23.03 5.97
N HIS I 60 7.82 -24.34 5.79
CA HIS I 60 7.74 -25.24 6.92
C HIS I 60 8.90 -25.11 7.89
N GLN I 61 10.09 -24.81 7.36
CA GLN I 61 11.31 -24.72 8.19
C GLN I 61 11.55 -23.31 8.73
N LEU I 62 10.48 -22.59 9.05
CA LEU I 62 10.56 -21.20 9.46
C LEU I 62 9.67 -20.89 10.66
N HIS I 63 9.00 -21.90 11.22
CA HIS I 63 7.91 -21.63 12.15
C HIS I 63 7.71 -22.65 13.25
N GLY I 64 7.39 -22.13 14.44
CA GLY I 64 6.89 -22.97 15.53
C GLY I 64 5.63 -23.71 15.12
N LYS I 65 5.49 -24.93 15.64
CA LYS I 65 4.35 -25.81 15.34
C LYS I 65 3.01 -25.09 15.52
N LYS I 66 2.79 -24.49 16.68
CA LYS I 66 1.52 -23.80 16.94
C LYS I 66 1.18 -22.76 15.85
N GLU I 67 2.19 -22.07 15.34
CA GLU I 67 1.98 -21.04 14.30
C GLU I 67 1.82 -21.70 12.94
N ALA I 68 2.65 -22.70 12.64
CA ALA I 68 2.51 -23.45 11.39
C ALA I 68 1.10 -24.03 11.29
N TYR I 69 0.64 -24.67 12.37
CA TYR I 69 -0.68 -25.28 12.39
C TYR I 69 -1.77 -24.25 12.15
N ASP I 70 -1.83 -23.27 13.04
CA ASP I 70 -2.87 -22.28 12.99
C ASP I 70 -2.99 -21.68 11.61
N THR I 71 -1.87 -21.24 11.06
CA THR I 71 -1.87 -20.56 9.77
C THR I 71 -2.31 -21.49 8.63
N LEU I 72 -1.73 -22.68 8.56
CA LEU I 72 -2.07 -23.64 7.51
C LEU I 72 -3.53 -24.09 7.61
N ILE I 73 -3.99 -24.47 8.81
CA ILE I 73 -5.38 -24.86 9.05
C ILE I 73 -6.35 -23.74 8.59
N LYS I 74 -6.11 -22.52 9.04
CA LYS I 74 -6.94 -21.38 8.62
C LYS I 74 -6.97 -21.24 7.12
N ASP I 75 -5.81 -21.43 6.48
CA ASP I 75 -5.71 -21.25 5.05
C ASP I 75 -6.55 -22.27 4.34
N LEU I 76 -6.41 -23.52 4.75
CA LEU I 76 -7.19 -24.59 4.14
C LEU I 76 -8.69 -24.43 4.42
N LYS I 77 -9.02 -24.00 5.63
CA LYS I 77 -10.41 -23.81 6.01
C LYS I 77 -11.07 -22.80 5.07
N LYS I 78 -10.43 -21.66 4.86
CA LYS I 78 -11.01 -20.62 3.99
C LYS I 78 -11.07 -21.08 2.53
N ALA I 79 -10.05 -21.75 2.08
CA ALA I 79 -10.08 -22.19 0.68
C ALA I 79 -11.23 -23.18 0.54
N ASN I 80 -11.35 -24.14 1.48
CA ASN I 80 -12.45 -25.11 1.46
C ASN I 80 -13.82 -24.43 1.52
N LEU I 81 -13.97 -23.44 2.39
CA LEU I 81 -15.25 -22.78 2.48
C LEU I 81 -15.61 -22.05 1.19
N CYS I 82 -14.64 -21.42 0.54
CA CYS I 82 -14.90 -20.79 -0.75
C CYS I 82 -15.29 -21.76 -1.83
N THR I 83 -14.63 -22.93 -1.87
CA THR I 83 -14.91 -23.88 -2.92
C THR I 83 -16.26 -24.54 -2.68
N LEU I 84 -16.58 -24.85 -1.41
CA LEU I 84 -17.90 -25.35 -1.06
C LEU I 84 -19.00 -24.39 -1.50
N ALA I 85 -18.82 -23.12 -1.19
CA ALA I 85 -19.76 -22.10 -1.55
C ALA I 85 -19.97 -22.09 -3.06
N GLU I 86 -18.89 -22.24 -3.84
CA GLU I 86 -19.04 -22.15 -5.30
C GLU I 86 -19.74 -23.38 -5.83
N LYS I 87 -19.35 -24.53 -5.31
CA LYS I 87 -19.94 -25.75 -5.77
C LYS I 87 -21.38 -25.90 -5.37
N ILE I 88 -21.72 -25.54 -4.15
CA ILE I 88 -23.09 -25.67 -3.72
C ILE I 88 -23.95 -24.68 -4.46
N GLN I 89 -23.43 -23.48 -4.70
CA GLN I 89 -24.21 -22.52 -5.48
C GLN I 89 -24.53 -23.06 -6.85
N THR I 90 -23.58 -23.72 -7.49
CA THR I 90 -23.80 -24.26 -8.81
C THR I 90 -24.87 -25.34 -8.81
N ILE I 91 -24.82 -26.24 -7.83
CA ILE I 91 -25.89 -27.26 -7.74
C ILE I 91 -27.24 -26.56 -7.56
N ILE I 92 -27.32 -25.65 -6.60
CA ILE I 92 -28.60 -25.00 -6.29
C ILE I 92 -29.20 -24.28 -7.48
N LEU I 93 -28.41 -23.42 -8.14
CA LEU I 93 -28.90 -22.72 -9.34
C LEU I 93 -29.27 -23.68 -10.46
N LYS I 94 -28.51 -24.73 -10.63
CA LYS I 94 -28.83 -25.72 -11.65
C LYS I 94 -30.17 -26.32 -11.34
N ASP I 95 -30.37 -26.83 -10.14
CA ASP I 95 -31.65 -27.44 -9.76
C ASP I 95 -32.82 -26.47 -9.64
N ILE I 96 -32.60 -25.21 -9.27
CA ILE I 96 -33.69 -24.28 -9.04
C ILE I 96 -34.26 -23.80 -10.36
N THR I 97 -33.52 -24.04 -11.42
CA THR I 97 -33.79 -23.50 -12.72
C THR I 97 -34.20 -24.63 -13.69
N SER I 98 -34.12 -25.86 -13.21
CA SER I 98 -34.52 -27.04 -13.97
C SER I 98 -36.01 -27.32 -13.82
N ASP I 99 -36.59 -27.94 -14.84
CA ASP I 99 -38.00 -28.37 -14.76
C ASP I 99 -38.12 -29.85 -14.36
N SER I 100 -37.05 -30.60 -14.51
CA SER I 100 -37.05 -32.03 -14.14
C SER I 100 -36.84 -32.16 -12.67
N GLU I 101 -37.08 -33.37 -12.15
CA GLU I 101 -36.72 -33.71 -10.79
C GLU I 101 -35.21 -33.66 -10.59
N ASN I 102 -34.76 -33.30 -9.39
CA ASN I 102 -33.34 -33.44 -9.05
C ASN I 102 -33.15 -34.25 -7.76
N SER I 103 -33.60 -35.51 -7.83
CA SER I 103 -33.43 -36.49 -6.75
C SER I 103 -31.95 -36.68 -6.35
N ASN I 104 -31.05 -36.05 -7.10
CA ASN I 104 -29.62 -36.14 -6.88
C ASN I 104 -29.06 -35.10 -5.87
N PHE I 105 -29.86 -34.08 -5.53
CA PHE I 105 -29.34 -32.95 -4.73
C PHE I 105 -28.70 -33.37 -3.39
N ARG I 106 -29.40 -34.21 -2.63
CA ARG I 106 -28.88 -34.69 -1.36
C ARG I 106 -27.57 -35.44 -1.56
N ASN I 107 -27.52 -36.35 -2.54
CA ASN I 107 -26.33 -37.13 -2.83
C ASN I 107 -25.20 -36.19 -3.20
N GLU I 108 -25.52 -35.20 -4.02
CA GLU I 108 -24.52 -34.26 -4.45
C GLU I 108 -23.92 -33.53 -3.27
N ILE I 109 -24.75 -32.92 -2.41
CA ILE I 109 -24.23 -32.25 -1.20
C ILE I 109 -23.42 -33.22 -0.35
N GLN I 110 -23.93 -34.42 -0.14
CA GLN I 110 -23.25 -35.37 0.74
C GLN I 110 -21.84 -35.67 0.28
N SER I 111 -21.65 -35.81 -1.03
CA SER I 111 -20.33 -36.07 -1.61
C SER I 111 -19.35 -34.98 -1.31
N LEU I 112 -19.81 -33.73 -1.31
CA LEU I 112 -18.91 -32.61 -1.14
C LEU I 112 -18.31 -32.63 0.26
N VAL I 113 -18.95 -33.35 1.16
CA VAL I 113 -18.62 -33.25 2.57
C VAL I 113 -18.26 -34.66 3.14
N LEU I 114 -17.92 -35.58 2.24
CA LEU I 114 -17.59 -36.95 2.60
C LEU I 114 -16.41 -37.05 3.55
N GLU I 115 -16.54 -37.89 4.57
CA GLU I 115 -15.45 -38.04 5.52
C GLU I 115 -15.42 -39.45 6.14
N GLY J 1 -11.66 -43.01 0.42
CA GLY J 1 -11.45 -44.46 0.75
C GLY J 1 -9.97 -44.78 0.90
N GLU J 2 -9.39 -45.42 -0.12
CA GLU J 2 -7.97 -45.81 -0.08
C GLU J 2 -7.03 -44.58 -0.05
N GLU J 3 -7.10 -43.76 -1.10
CA GLU J 3 -6.23 -42.59 -1.20
C GLU J 3 -6.49 -41.54 -0.10
N ASP J 4 -7.74 -41.41 0.35
CA ASP J 4 -8.08 -40.52 1.48
C ASP J 4 -7.34 -40.94 2.74
N LEU J 5 -7.38 -42.23 3.07
CA LEU J 5 -6.69 -42.75 4.25
C LEU J 5 -5.18 -42.55 4.15
N CYS J 6 -4.62 -42.70 2.95
CA CYS J 6 -3.22 -42.36 2.73
C CYS J 6 -2.91 -40.93 3.07
N ALA J 7 -3.73 -40.01 2.56
CA ALA J 7 -3.55 -38.60 2.83
C ALA J 7 -3.58 -38.38 4.34
N ALA J 8 -4.61 -38.91 5.00
CA ALA J 8 -4.72 -38.74 6.44
C ALA J 8 -3.45 -39.30 7.12
N PHE J 9 -3.04 -40.50 6.71
CA PHE J 9 -1.88 -41.16 7.32
C PHE J 9 -0.61 -40.32 7.21
N ASN J 10 -0.39 -39.75 6.03
CA ASN J 10 0.74 -38.85 5.79
C ASN J 10 0.74 -37.64 6.70
N VAL J 11 -0.43 -37.06 6.93
CA VAL J 11 -0.54 -35.91 7.84
C VAL J 11 -0.25 -36.34 9.29
N ILE J 12 -0.85 -37.45 9.73
CA ILE J 12 -0.69 -37.91 11.10
C ILE J 12 0.77 -38.36 11.40
N CYS J 13 1.32 -39.23 10.54
CA CYS J 13 2.69 -39.73 10.68
C CYS J 13 3.76 -38.69 10.97
N ASP J 14 3.69 -37.57 10.29
CA ASP J 14 4.75 -36.60 10.38
C ASP J 14 4.46 -35.54 11.44
N ASN J 15 3.35 -35.69 12.16
CA ASN J 15 2.95 -34.63 13.09
C ASN J 15 2.57 -35.12 14.51
N VAL J 16 2.41 -36.43 14.71
CA VAL J 16 2.05 -36.96 16.04
C VAL J 16 3.26 -37.03 16.96
N GLY J 17 4.12 -38.01 16.78
CA GLY J 17 5.38 -38.07 17.52
C GLY J 17 5.34 -38.61 18.94
N LYS J 18 5.45 -37.71 19.92
CA LYS J 18 5.80 -38.11 21.30
C LYS J 18 4.76 -39.06 21.96
N ASP J 19 3.47 -38.78 21.76
CA ASP J 19 2.39 -39.51 22.44
C ASP J 19 1.69 -40.51 21.51
N TRP J 20 2.44 -41.12 20.61
CA TRP J 20 1.84 -42.02 19.62
C TRP J 20 1.18 -43.23 20.26
N ARG J 21 1.75 -43.72 21.36
CA ARG J 21 1.18 -44.87 22.07
C ARG J 21 -0.22 -44.57 22.60
N ARG J 22 -0.43 -43.34 23.04
CA ARG J 22 -1.75 -42.85 23.42
C ARG J 22 -2.74 -42.99 22.26
N LEU J 23 -2.31 -42.60 21.07
CA LEU J 23 -3.15 -42.67 19.88
C LEU J 23 -3.44 -44.12 19.47
N ALA J 24 -2.40 -44.97 19.48
CA ALA J 24 -2.56 -46.40 19.18
C ALA J 24 -3.64 -47.03 20.06
N ARG J 25 -3.63 -46.65 21.34
CA ARG J 25 -4.60 -47.13 22.30
C ARG J 25 -6.03 -46.74 21.91
N GLN J 26 -6.23 -45.50 21.48
CA GLN J 26 -7.56 -45.04 21.09
C GLN J 26 -8.07 -45.75 19.84
N LEU J 27 -7.16 -46.16 18.96
CA LEU J 27 -7.53 -46.89 17.75
C LEU J 27 -7.75 -48.38 18.08
N LYS J 28 -7.91 -48.69 19.35
CA LYS J 28 -8.09 -50.07 19.82
C LYS J 28 -7.01 -51.01 19.28
N VAL J 29 -5.78 -50.52 19.24
CA VAL J 29 -4.62 -51.33 18.90
C VAL J 29 -4.11 -51.97 20.20
N SER J 30 -4.14 -53.29 20.27
CA SER J 30 -3.77 -54.00 21.49
C SER J 30 -2.33 -53.68 21.92
N ASP J 31 -2.06 -53.82 23.21
CA ASP J 31 -0.71 -53.63 23.77
C ASP J 31 0.25 -54.68 23.24
N THR J 32 -0.27 -55.89 23.00
CA THR J 32 0.48 -56.97 22.37
C THR J 32 1.08 -56.54 21.03
N LYS J 33 0.33 -55.71 20.31
CA LYS J 33 0.76 -55.19 19.00
C LYS J 33 1.67 -53.96 19.17
N ILE J 34 1.33 -53.09 20.12
CA ILE J 34 2.11 -51.87 20.38
C ILE J 34 3.52 -52.21 20.91
N ASP J 35 3.63 -53.27 21.68
CA ASP J 35 4.94 -53.73 22.17
C ASP J 35 5.80 -54.09 20.97
N SER J 36 5.22 -54.82 20.03
CA SER J 36 5.94 -55.29 18.84
C SER J 36 6.27 -54.16 17.85
N ILE J 37 5.44 -53.12 17.79
CA ILE J 37 5.78 -51.95 16.96
C ILE J 37 7.00 -51.22 17.52
N GLU J 38 7.13 -51.19 18.84
CA GLU J 38 8.28 -50.59 19.49
C GLU J 38 9.54 -51.36 19.11
N ASP J 39 9.40 -52.68 18.99
CA ASP J 39 10.50 -53.56 18.64
C ASP J 39 10.90 -53.45 17.18
N ARG J 40 9.91 -53.46 16.29
CA ARG J 40 10.15 -53.51 14.85
C ARG J 40 10.82 -52.24 14.28
N TYR J 41 10.49 -51.10 14.86
CA TYR J 41 10.94 -49.82 14.32
C TYR J 41 11.46 -48.89 15.42
N PRO J 42 12.61 -49.25 16.02
CA PRO J 42 13.17 -48.44 17.09
C PRO J 42 13.78 -47.15 16.58
N ARG J 43 14.18 -47.12 15.31
CA ARG J 43 14.84 -45.96 14.74
C ARG J 43 13.90 -44.75 14.58
N ASN J 44 12.87 -44.86 13.74
CA ASN J 44 12.07 -43.68 13.46
C ASN J 44 10.68 -43.67 14.09
N LEU J 45 10.44 -42.62 14.86
CA LEU J 45 9.14 -42.38 15.49
C LEU J 45 8.02 -42.29 14.48
N THR J 46 8.30 -41.71 13.31
CA THR J 46 7.29 -41.59 12.25
C THR J 46 6.90 -42.94 11.65
N GLU J 47 7.84 -43.87 11.60
CA GLU J 47 7.55 -45.20 11.05
C GLU J 47 6.70 -46.03 12.02
N ARG J 48 6.90 -45.79 13.33
CA ARG J 48 6.11 -46.47 14.34
C ARG J 48 4.66 -46.03 14.28
N VAL J 49 4.44 -44.73 14.09
CA VAL J 49 3.09 -44.19 14.00
C VAL J 49 2.37 -44.76 12.78
N ARG J 50 3.04 -44.86 11.64
CA ARG J 50 2.41 -45.41 10.43
C ARG J 50 1.95 -46.86 10.60
N GLU J 51 2.81 -47.73 11.14
CA GLU J 51 2.43 -49.14 11.34
C GLU J 51 1.21 -49.28 12.25
N SER J 52 1.15 -48.42 13.27
CA SER J 52 -0.02 -48.35 14.15
C SER J 52 -1.30 -48.16 13.38
N LEU J 53 -1.27 -47.23 12.44
CA LEU J 53 -2.43 -46.91 11.62
C LEU J 53 -2.71 -48.05 10.63
N ARG J 54 -1.66 -48.64 10.04
CA ARG J 54 -1.83 -49.78 9.13
C ARG J 54 -2.61 -50.90 9.79
N ILE J 55 -2.21 -51.27 11.00
CA ILE J 55 -2.88 -52.33 11.75
C ILE J 55 -4.34 -51.96 11.93
N TRP J 56 -4.59 -50.70 12.26
CA TRP J 56 -5.95 -50.21 12.45
C TRP J 56 -6.81 -50.34 11.19
N LYS J 57 -6.24 -50.03 10.03
CA LYS J 57 -6.96 -50.17 8.76
C LYS J 57 -7.24 -51.64 8.43
N ASN J 58 -6.29 -52.53 8.72
CA ASN J 58 -6.50 -53.96 8.54
C ASN J 58 -7.49 -54.53 9.55
N THR J 59 -7.70 -53.82 10.65
CA THR J 59 -8.57 -54.26 11.74
C THR J 59 -10.05 -54.00 11.41
N GLU J 60 -10.33 -52.99 10.57
CA GLU J 60 -11.67 -52.84 9.99
C GLU J 60 -11.58 -52.47 8.52
N LYS J 61 -11.73 -53.47 7.65
CA LYS J 61 -11.64 -53.28 6.21
C LYS J 61 -12.61 -52.19 5.75
N GLU J 62 -13.89 -52.35 6.08
CA GLU J 62 -14.95 -51.45 5.61
C GLU J 62 -15.19 -50.22 6.51
N ASN J 63 -14.87 -50.33 7.80
CA ASN J 63 -15.20 -49.28 8.77
C ASN J 63 -14.05 -48.33 9.10
N ALA J 64 -12.89 -48.53 8.45
CA ALA J 64 -11.74 -47.66 8.66
C ALA J 64 -11.96 -46.33 7.93
N THR J 65 -12.65 -45.41 8.61
CA THR J 65 -12.99 -44.12 8.02
C THR J 65 -12.12 -42.98 8.59
N VAL J 66 -11.97 -41.93 7.80
CA VAL J 66 -11.25 -40.74 8.26
C VAL J 66 -11.97 -40.11 9.45
N ALA J 67 -13.31 -40.12 9.39
CA ALA J 67 -14.14 -39.62 10.49
C ALA J 67 -13.71 -40.23 11.82
N HIS J 68 -13.49 -41.54 11.82
CA HIS J 68 -13.09 -42.24 13.04
C HIS J 68 -11.65 -41.91 13.44
N LEU J 69 -10.77 -41.74 12.46
CA LEU J 69 -9.42 -41.27 12.74
C LEU J 69 -9.46 -39.97 13.53
N VAL J 70 -10.30 -39.05 13.07
CA VAL J 70 -10.42 -37.73 13.67
C VAL J 70 -11.00 -37.81 15.10
N GLY J 71 -11.93 -38.72 15.32
CA GLY J 71 -12.41 -38.97 16.68
C GLY J 71 -11.27 -39.43 17.59
N ALA J 72 -10.53 -40.44 17.13
CA ALA J 72 -9.36 -40.95 17.84
C ALA J 72 -8.46 -39.79 18.24
N LEU J 73 -8.05 -39.00 17.25
CA LEU J 73 -7.16 -37.87 17.50
C LEU J 73 -7.70 -36.93 18.58
N ARG J 74 -8.98 -36.58 18.47
CA ARG J 74 -9.58 -35.61 19.39
C ARG J 74 -9.73 -36.14 20.82
N SER J 75 -9.90 -37.45 20.97
CA SER J 75 -9.97 -38.07 22.30
C SER J 75 -8.61 -38.05 23.00
N CYS J 76 -7.54 -37.91 22.23
CA CYS J 76 -6.18 -37.81 22.75
C CYS J 76 -5.68 -36.36 22.84
N GLN J 77 -6.60 -35.40 22.71
CA GLN J 77 -6.27 -33.98 22.71
C GLN J 77 -5.29 -33.59 21.59
N MET J 78 -5.27 -34.36 20.51
CA MET J 78 -4.44 -34.07 19.36
C MET J 78 -5.28 -33.29 18.35
N ASN J 79 -5.78 -32.15 18.81
CA ASN J 79 -6.82 -31.43 18.08
C ASN J 79 -6.33 -30.74 16.83
N LEU J 80 -5.19 -30.06 16.93
CA LEU J 80 -4.59 -29.42 15.79
C LEU J 80 -4.30 -30.42 14.68
N VAL J 81 -3.89 -31.64 14.99
CA VAL J 81 -3.70 -32.66 13.95
C VAL J 81 -5.05 -33.04 13.37
N ALA J 82 -6.03 -33.28 14.24
CA ALA J 82 -7.39 -33.61 13.80
C ALA J 82 -7.95 -32.51 12.88
N ASP J 83 -7.78 -31.26 13.27
CA ASP J 83 -8.16 -30.15 12.41
C ASP J 83 -7.52 -30.24 11.02
N LEU J 84 -6.21 -30.49 10.97
CA LEU J 84 -5.51 -30.55 9.72
C LEU J 84 -6.03 -31.74 8.89
N VAL J 85 -6.23 -32.89 9.53
CA VAL J 85 -6.72 -34.06 8.79
C VAL J 85 -8.08 -33.80 8.20
N GLN J 86 -8.94 -33.11 8.97
CA GLN J 86 -10.26 -32.76 8.49
C GLN J 86 -10.15 -31.84 7.29
N GLU J 87 -9.33 -30.79 7.38
CA GLU J 87 -9.26 -29.83 6.30
C GLU J 87 -8.68 -30.49 5.03
N VAL J 88 -7.72 -31.39 5.20
CA VAL J 88 -7.13 -32.04 4.04
C VAL J 88 -8.20 -32.89 3.39
N GLN J 89 -8.98 -33.60 4.23
CA GLN J 89 -10.03 -34.45 3.70
C GLN J 89 -11.06 -33.64 2.96
N GLN J 90 -11.41 -32.50 3.54
CA GLN J 90 -12.46 -31.64 2.96
C GLN J 90 -11.93 -31.04 1.64
N ALA J 91 -10.66 -30.66 1.62
CA ALA J 91 -10.02 -30.22 0.39
C ALA J 91 -10.14 -31.33 -0.65
N ARG J 92 -9.84 -32.55 -0.26
CA ARG J 92 -9.88 -33.66 -1.24
C ARG J 92 -11.27 -33.92 -1.76
N ASP J 93 -12.27 -33.77 -0.89
CA ASP J 93 -13.66 -33.90 -1.31
C ASP J 93 -14.03 -32.91 -2.39
N LEU J 94 -13.39 -31.74 -2.42
CA LEU J 94 -13.77 -30.67 -3.36
C LEU J 94 -13.02 -30.77 -4.67
N GLN J 95 -12.04 -31.66 -4.74
CA GLN J 95 -11.28 -31.86 -5.97
C GLN J 95 -11.87 -32.94 -6.85
N ASN J 96 -12.40 -34.00 -6.22
CA ASN J 96 -13.11 -35.05 -6.96
C ASN J 96 -14.12 -34.51 -8.02
N ARG J 97 -14.87 -33.47 -7.66
CA ARG J 97 -15.82 -32.84 -8.59
C ARG J 97 -15.09 -32.00 -9.68
N SER J 98 -14.18 -31.11 -9.26
CA SER J 98 -13.42 -30.25 -10.19
C SER J 98 -12.35 -31.07 -10.94
N GLY J 99 -11.51 -31.77 -10.16
CA GLY J 99 -10.46 -32.64 -10.71
C GLY J 99 -10.78 -34.13 -10.64
N ASN K 1 -65.41 -44.16 3.24
CA ASN K 1 -65.50 -44.06 4.72
C ASN K 1 -64.33 -43.22 5.27
N LEU K 2 -63.08 -43.60 4.98
CA LEU K 2 -61.91 -42.84 5.47
C LEU K 2 -61.26 -41.97 4.39
N SER K 3 -61.92 -41.83 3.24
CA SER K 3 -61.34 -41.10 2.14
C SER K 3 -60.97 -39.68 2.52
N ASP K 4 -61.86 -39.00 3.23
CA ASP K 4 -61.63 -37.63 3.62
C ASP K 4 -60.68 -37.47 4.81
N VAL K 5 -60.60 -38.46 5.68
CA VAL K 5 -59.66 -38.43 6.81
C VAL K 5 -58.26 -38.54 6.26
N ASP K 6 -58.05 -39.49 5.37
CA ASP K 6 -56.74 -39.68 4.75
C ASP K 6 -56.40 -38.51 3.83
N LEU K 7 -57.39 -37.93 3.17
CA LEU K 7 -57.12 -36.73 2.40
C LEU K 7 -56.72 -35.60 3.32
N SER K 8 -57.36 -35.50 4.48
CA SER K 8 -57.06 -34.46 5.46
C SER K 8 -55.67 -34.64 6.08
N LYS K 9 -55.33 -35.86 6.45
CA LYS K 9 -54.01 -36.14 6.98
C LYS K 9 -52.89 -35.73 6.00
N TYR K 10 -53.11 -36.07 4.74
CA TYR K 10 -52.21 -35.72 3.66
C TYR K 10 -52.06 -34.22 3.46
N ILE K 11 -53.18 -33.53 3.28
CA ILE K 11 -53.15 -32.08 3.10
C ILE K 11 -52.61 -31.35 4.32
N THR K 12 -52.88 -31.87 5.50
CA THR K 12 -52.30 -31.30 6.70
C THR K 12 -50.79 -31.41 6.66
N THR K 13 -50.28 -32.55 6.20
CA THR K 13 -48.86 -32.75 6.09
C THR K 13 -48.23 -31.73 5.16
N ILE K 14 -48.80 -31.51 4.00
CA ILE K 14 -48.30 -30.48 3.09
C ILE K 14 -48.46 -29.09 3.72
N ALA K 15 -49.57 -28.80 4.34
CA ALA K 15 -49.74 -27.48 4.97
C ALA K 15 -48.62 -27.21 6.00
N GLY K 16 -48.17 -28.24 6.70
CA GLY K 16 -47.22 -28.08 7.79
C GLY K 16 -45.85 -27.70 7.31
N VAL K 17 -45.64 -27.85 6.02
CA VAL K 17 -44.40 -27.70 5.42
C VAL K 17 -44.36 -26.47 4.50
N MET K 18 -45.37 -25.60 4.60
CA MET K 18 -45.49 -24.37 3.81
C MET K 18 -45.97 -23.22 4.71
N THR K 19 -45.60 -21.99 4.43
CA THR K 19 -46.12 -20.85 5.18
C THR K 19 -47.40 -20.39 4.54
N LEU K 20 -48.22 -19.66 5.31
CA LEU K 20 -49.50 -19.17 4.80
C LEU K 20 -49.34 -18.37 3.52
N SER K 21 -48.33 -17.51 3.47
CA SER K 21 -48.14 -16.70 2.27
C SER K 21 -47.64 -17.59 1.12
N GLN K 22 -46.80 -18.56 1.42
CA GLN K 22 -46.40 -19.50 0.40
C GLN K 22 -47.63 -20.28 -0.16
N VAL K 23 -48.52 -20.78 0.72
CA VAL K 23 -49.70 -21.52 0.25
C VAL K 23 -50.59 -20.62 -0.60
N LYS K 24 -50.80 -19.40 -0.12
CA LYS K 24 -51.62 -18.42 -0.83
C LYS K 24 -51.05 -18.18 -2.22
N GLY K 25 -49.73 -18.01 -2.28
CA GLY K 25 -49.04 -17.78 -3.55
C GLY K 25 -49.24 -18.92 -4.52
N PHE K 26 -49.03 -20.13 -4.01
CA PHE K 26 -49.14 -21.34 -4.81
C PHE K 26 -50.55 -21.55 -5.37
N VAL K 27 -51.57 -21.54 -4.51
CA VAL K 27 -52.94 -21.79 -4.98
C VAL K 27 -53.42 -20.67 -5.90
N ARG K 28 -52.91 -19.45 -5.69
CA ARG K 28 -53.26 -18.33 -6.58
C ARG K 28 -52.74 -18.60 -7.99
N LYS K 29 -51.53 -19.12 -8.07
CA LYS K 29 -50.92 -19.46 -9.37
C LYS K 29 -51.61 -20.65 -10.02
N ASN K 30 -52.33 -21.46 -9.26
CA ASN K 30 -52.90 -22.69 -9.77
C ASN K 30 -54.42 -22.81 -9.61
N GLY K 31 -55.13 -21.73 -9.93
CA GLY K 31 -56.58 -21.80 -10.12
C GLY K 31 -57.51 -21.42 -8.99
N VAL K 32 -56.99 -20.99 -7.85
CA VAL K 32 -57.84 -20.50 -6.75
C VAL K 32 -57.88 -18.96 -6.78
N ASN K 33 -58.96 -18.41 -7.32
CA ASN K 33 -59.08 -16.96 -7.42
C ASN K 33 -59.19 -16.27 -6.06
N GLU K 34 -58.60 -15.07 -6.00
CA GLU K 34 -58.72 -14.14 -4.88
C GLU K 34 -60.12 -14.07 -4.21
N ALA K 35 -61.19 -14.37 -4.95
CA ALA K 35 -62.48 -14.53 -4.30
C ALA K 35 -62.33 -15.60 -3.24
N LYS K 36 -62.09 -16.85 -3.68
CA LYS K 36 -62.12 -18.00 -2.77
C LYS K 36 -61.12 -17.85 -1.64
N ILE K 37 -60.01 -17.17 -1.89
CA ILE K 37 -59.01 -16.98 -0.84
C ILE K 37 -59.58 -16.14 0.30
N ASP K 38 -60.24 -15.03 -0.03
CA ASP K 38 -60.79 -14.14 1.00
C ASP K 38 -61.93 -14.80 1.78
N GLU K 39 -62.79 -15.52 1.07
CA GLU K 39 -63.85 -16.31 1.70
C GLU K 39 -63.22 -17.25 2.75
N ILE K 40 -62.11 -17.90 2.39
CA ILE K 40 -61.39 -18.80 3.28
C ILE K 40 -60.71 -18.03 4.41
N LYS K 41 -60.12 -16.90 4.06
CA LYS K 41 -59.41 -16.05 5.01
C LYS K 41 -60.30 -15.56 6.15
N ASN K 42 -61.56 -15.24 5.85
CA ASN K 42 -62.48 -14.72 6.85
C ASN K 42 -63.23 -15.81 7.61
N ASP K 43 -63.16 -17.04 7.13
CA ASP K 43 -63.76 -18.17 7.83
C ASP K 43 -62.85 -18.69 8.95
N ASN K 44 -61.57 -18.29 8.92
CA ASN K 44 -60.59 -18.75 9.89
C ASN K 44 -59.63 -17.63 10.25
N VAL K 45 -60.15 -16.59 10.91
CA VAL K 45 -59.34 -15.40 11.23
C VAL K 45 -58.27 -15.71 12.26
N GLN K 46 -58.66 -16.51 13.26
CA GLN K 46 -57.74 -16.97 14.31
C GLN K 46 -56.84 -18.11 13.84
N ASP K 47 -57.40 -19.03 13.05
CA ASP K 47 -56.76 -20.30 12.73
C ASP K 47 -56.00 -20.30 11.38
N THR K 48 -54.76 -19.83 11.38
CA THR K 48 -53.97 -19.77 10.15
C THR K 48 -53.59 -21.18 9.60
N ALA K 49 -53.49 -22.17 10.49
CA ALA K 49 -53.23 -23.54 10.07
C ALA K 49 -54.40 -24.06 9.24
N GLU K 50 -55.62 -23.80 9.69
CA GLU K 50 -56.80 -24.25 8.97
C GLU K 50 -56.97 -23.52 7.65
N GLN K 51 -56.52 -22.25 7.60
CA GLN K 51 -56.53 -21.47 6.35
C GLN K 51 -55.73 -22.20 5.28
N LYS K 52 -54.53 -22.59 5.66
CA LYS K 52 -53.65 -23.31 4.77
C LYS K 52 -54.29 -24.58 4.27
N VAL K 53 -54.92 -25.30 5.17
CA VAL K 53 -55.55 -26.56 4.82
C VAL K 53 -56.75 -26.37 3.88
N GLN K 54 -57.63 -25.43 4.20
CA GLN K 54 -58.77 -25.13 3.32
C GLN K 54 -58.29 -24.67 1.94
N LEU K 55 -57.29 -23.78 1.93
CA LEU K 55 -56.71 -23.30 0.67
C LEU K 55 -56.21 -24.46 -0.18
N LEU K 56 -55.47 -25.37 0.43
CA LEU K 56 -54.96 -26.52 -0.29
C LEU K 56 -56.08 -27.45 -0.68
N ARG K 57 -57.08 -27.58 0.17
CA ARG K 57 -58.25 -28.43 -0.15
C ARG K 57 -58.93 -27.91 -1.41
N ASN K 58 -59.21 -26.61 -1.44
CA ASN K 58 -59.81 -26.01 -2.61
C ASN K 58 -58.97 -26.21 -3.86
N TRP K 59 -57.66 -26.02 -3.75
CA TRP K 59 -56.76 -26.26 -4.87
C TRP K 59 -56.75 -27.72 -5.30
N HIS K 60 -56.75 -28.61 -4.33
CA HIS K 60 -56.62 -30.02 -4.64
C HIS K 60 -57.78 -30.56 -5.47
N GLN K 61 -58.99 -30.03 -5.22
CA GLN K 61 -60.20 -30.51 -5.91
C GLN K 61 -60.46 -29.74 -7.20
N LEU K 62 -59.40 -29.38 -7.91
CA LEU K 62 -59.49 -28.61 -9.15
C LEU K 62 -58.59 -29.18 -10.25
N HIS K 63 -57.94 -30.31 -10.02
CA HIS K 63 -56.81 -30.65 -10.88
C HIS K 63 -56.54 -32.13 -11.08
N GLY K 64 -56.20 -32.49 -12.32
CA GLY K 64 -55.70 -33.82 -12.64
C GLY K 64 -54.41 -34.14 -11.88
N LYS K 65 -54.26 -35.40 -11.47
CA LYS K 65 -53.11 -35.86 -10.69
C LYS K 65 -51.78 -35.35 -11.25
N LYS K 66 -51.52 -35.63 -12.53
CA LYS K 66 -50.26 -35.25 -13.16
C LYS K 66 -49.96 -33.75 -13.05
N GLU K 67 -51.00 -32.93 -13.07
CA GLU K 67 -50.85 -31.47 -12.90
C GLU K 67 -50.68 -31.10 -11.43
N ALA K 68 -51.52 -31.69 -10.57
CA ALA K 68 -51.39 -31.48 -9.13
C ALA K 68 -49.97 -31.82 -8.67
N TYR K 69 -49.47 -32.98 -9.11
CA TYR K 69 -48.14 -33.44 -8.74
C TYR K 69 -47.09 -32.46 -9.20
N ASP K 70 -47.01 -32.29 -10.51
CA ASP K 70 -45.95 -31.49 -11.12
C ASP K 70 -45.88 -30.14 -10.43
N THR K 71 -47.02 -29.45 -10.32
CA THR K 71 -47.07 -28.11 -9.74
C THR K 71 -46.62 -28.10 -8.28
N LEU K 72 -47.17 -28.98 -7.45
CA LEU K 72 -46.82 -29.03 -6.04
C LEU K 72 -45.36 -29.41 -5.80
N ILE K 73 -44.87 -30.43 -6.50
CA ILE K 73 -43.46 -30.85 -6.39
C ILE K 73 -42.54 -29.68 -6.74
N LYS K 74 -42.81 -29.05 -7.89
CA LYS K 74 -42.01 -27.92 -8.38
C LYS K 74 -42.02 -26.82 -7.34
N ASP K 75 -43.18 -26.61 -6.72
CA ASP K 75 -43.29 -25.54 -5.73
C ASP K 75 -42.46 -25.84 -4.49
N LEU K 76 -42.56 -27.07 -3.99
CA LEU K 76 -41.78 -27.47 -2.82
C LEU K 76 -40.26 -27.51 -3.12
N LYS K 77 -39.92 -27.93 -4.33
CA LYS K 77 -38.51 -28.00 -4.75
C LYS K 77 -37.91 -26.59 -4.66
N LYS K 78 -38.55 -25.61 -5.29
CA LYS K 78 -37.99 -24.27 -5.28
C LYS K 78 -37.93 -23.66 -3.88
N ALA K 79 -38.95 -23.89 -3.07
CA ALA K 79 -38.93 -23.35 -1.71
C ALA K 79 -37.78 -24.01 -0.96
N ASN K 80 -37.66 -25.33 -1.07
CA ASN K 80 -36.54 -26.02 -0.41
C ASN K 80 -35.19 -25.48 -0.87
N LEU K 81 -35.02 -25.32 -2.19
CA LEU K 81 -33.76 -24.90 -2.69
C LEU K 81 -33.44 -23.51 -2.15
N CYS K 82 -34.43 -22.62 -2.10
CA CYS K 82 -34.22 -21.28 -1.50
C CYS K 82 -33.82 -21.30 -0.03
N THR K 83 -34.46 -22.17 0.73
CA THR K 83 -34.17 -22.24 2.16
C THR K 83 -32.79 -22.88 2.42
N LEU K 84 -32.44 -23.91 1.65
CA LEU K 84 -31.09 -24.46 1.71
C LEU K 84 -30.03 -23.40 1.38
N ALA K 85 -30.25 -22.64 0.31
CA ALA K 85 -29.33 -21.63 -0.11
C ALA K 85 -29.11 -20.62 1.02
N GLU K 86 -30.18 -20.27 1.73
CA GLU K 86 -30.08 -19.27 2.82
C GLU K 86 -29.36 -19.88 4.01
N LYS K 87 -29.72 -21.10 4.34
CA LYS K 87 -29.17 -21.72 5.51
C LYS K 87 -27.72 -22.06 5.34
N ILE K 88 -27.35 -22.61 4.18
CA ILE K 88 -25.97 -22.93 3.94
C ILE K 88 -25.14 -21.67 3.84
N GLN K 89 -25.68 -20.63 3.22
CA GLN K 89 -24.95 -19.36 3.18
C GLN K 89 -24.59 -18.83 4.56
N THR K 90 -25.52 -18.95 5.49
CA THR K 90 -25.28 -18.49 6.82
C THR K 90 -24.20 -19.30 7.51
N ILE K 91 -24.24 -20.62 7.38
CA ILE K 91 -23.18 -21.43 7.99
C ILE K 91 -21.80 -21.02 7.40
N ILE K 92 -21.70 -20.95 6.06
CA ILE K 92 -20.44 -20.62 5.40
C ILE K 92 -19.90 -19.26 5.81
N LEU K 93 -20.72 -18.23 5.76
CA LEU K 93 -20.30 -16.89 6.25
C LEU K 93 -19.94 -16.88 7.73
N LYS K 94 -20.68 -17.60 8.54
CA LYS K 94 -20.34 -17.70 9.96
C LYS K 94 -18.93 -18.33 10.10
N ASP K 95 -18.71 -19.49 9.48
CA ASP K 95 -17.43 -20.16 9.59
C ASP K 95 -16.27 -19.45 8.93
N ILE K 96 -16.52 -18.75 7.84
CA ILE K 96 -15.43 -18.18 7.04
C ILE K 96 -14.93 -16.96 7.69
N THR K 97 -15.63 -16.49 8.69
CA THR K 97 -15.36 -15.22 9.33
C THR K 97 -15.00 -15.44 10.80
N SER K 98 -15.01 -16.70 11.24
CA SER K 98 -14.64 -17.12 12.57
C SER K 98 -13.15 -17.39 12.66
N ASP K 99 -12.57 -17.20 13.83
CA ASP K 99 -11.17 -17.57 14.02
C ASP K 99 -11.02 -18.96 14.67
N SER K 100 -12.08 -19.46 15.29
CA SER K 100 -12.09 -20.76 15.93
C SER K 100 -12.21 -21.83 14.87
N GLU K 101 -11.97 -23.08 15.28
CA GLU K 101 -12.28 -24.24 14.49
C GLU K 101 -13.79 -24.37 14.31
N ASN K 102 -14.24 -24.87 13.16
CA ASN K 102 -15.67 -25.21 12.99
C ASN K 102 -15.84 -26.66 12.54
N SER K 103 -15.40 -27.58 13.39
CA SER K 103 -15.54 -29.03 13.20
C SER K 103 -16.98 -29.47 13.02
N ASN K 104 -17.94 -28.54 13.17
CA ASN K 104 -19.35 -28.89 13.00
C ASN K 104 -19.90 -28.65 11.58
N PHE K 105 -19.12 -28.02 10.71
CA PHE K 105 -19.64 -27.71 9.37
C PHE K 105 -20.23 -28.92 8.65
N ARG K 106 -19.50 -30.03 8.58
CA ARG K 106 -20.02 -31.22 7.92
C ARG K 106 -21.32 -31.69 8.53
N ASN K 107 -21.37 -31.76 9.86
CA ASN K 107 -22.58 -32.19 10.57
C ASN K 107 -23.72 -31.26 10.26
N GLU K 108 -23.43 -29.96 10.26
CA GLU K 108 -24.46 -28.97 9.96
C GLU K 108 -25.03 -29.21 8.58
N ILE K 109 -24.18 -29.25 7.57
CA ILE K 109 -24.66 -29.53 6.22
C ILE K 109 -25.44 -30.84 6.17
N GLN K 110 -24.93 -31.91 6.78
CA GLN K 110 -25.64 -33.19 6.69
C GLN K 110 -27.03 -33.16 7.29
N SER K 111 -27.22 -32.42 8.39
CA SER K 111 -28.56 -32.31 9.00
C SER K 111 -29.57 -31.63 8.10
N LEU K 112 -29.09 -30.69 7.28
CA LEU K 112 -29.99 -29.94 6.39
C LEU K 112 -30.59 -30.85 5.34
N VAL K 113 -29.93 -31.97 5.09
CA VAL K 113 -30.25 -32.80 3.96
C VAL K 113 -30.65 -34.23 4.41
N LEU K 114 -30.94 -34.36 5.70
CA LEU K 114 -31.26 -35.64 6.35
C LEU K 114 -32.47 -36.38 5.72
N GLU K 115 -32.25 -37.63 5.40
CA GLU K 115 -33.25 -38.49 4.79
C GLU K 115 -32.78 -39.95 4.80
N GLY L 1 -37.63 -39.28 12.10
CA GLY L 1 -37.89 -40.60 12.75
C GLY L 1 -39.38 -40.90 12.77
N GLU L 2 -40.00 -40.76 13.94
CA GLU L 2 -41.40 -41.09 14.14
C GLU L 2 -42.28 -40.19 13.29
N GLU L 3 -42.23 -38.89 13.54
CA GLU L 3 -43.05 -37.92 12.82
C GLU L 3 -42.77 -37.84 11.32
N ASP L 4 -41.51 -38.03 10.94
CA ASP L 4 -41.10 -38.06 9.53
C ASP L 4 -41.80 -39.19 8.79
N LEU L 5 -41.80 -40.38 9.38
CA LEU L 5 -42.47 -41.54 8.78
C LEU L 5 -43.99 -41.33 8.65
N CYS L 6 -44.60 -40.67 9.65
CA CYS L 6 -46.01 -40.29 9.56
C CYS L 6 -46.24 -39.42 8.35
N ALA L 7 -45.43 -38.37 8.21
CA ALA L 7 -45.55 -37.45 7.09
C ALA L 7 -45.45 -38.20 5.78
N ALA L 8 -44.46 -39.07 5.67
CA ALA L 8 -44.29 -39.87 4.48
C ALA L 8 -45.52 -40.74 4.25
N PHE L 9 -46.00 -41.41 5.29
CA PHE L 9 -47.18 -42.29 5.18
C PHE L 9 -48.42 -41.56 4.66
N ASN L 10 -48.67 -40.38 5.22
CA ASN L 10 -49.80 -39.55 4.81
C ASN L 10 -49.75 -39.21 3.33
N VAL L 11 -48.55 -38.93 2.82
CA VAL L 11 -48.35 -38.61 1.40
C VAL L 11 -48.60 -39.85 0.55
N ILE L 12 -48.05 -40.99 0.97
CA ILE L 12 -48.18 -42.23 0.20
C ILE L 12 -49.61 -42.75 0.18
N CYS L 13 -50.22 -42.84 1.36
CA CYS L 13 -51.61 -43.31 1.52
C CYS L 13 -52.61 -42.73 0.57
N ASP L 14 -52.54 -41.42 0.39
CA ASP L 14 -53.57 -40.73 -0.34
C ASP L 14 -53.22 -40.57 -1.80
N ASN L 15 -52.10 -41.16 -2.22
CA ASN L 15 -51.62 -40.96 -3.59
C ASN L 15 -51.21 -42.24 -4.34
N VAL L 16 -51.10 -43.39 -3.67
CA VAL L 16 -50.73 -44.64 -4.36
C VAL L 16 -51.92 -45.27 -5.07
N GLY L 17 -52.80 -45.91 -4.33
CA GLY L 17 -54.02 -46.45 -4.90
C GLY L 17 -53.91 -47.77 -5.64
N LYS L 18 -53.98 -47.71 -6.96
CA LYS L 18 -54.31 -48.88 -7.80
C LYS L 18 -53.32 -50.05 -7.63
N ASP L 19 -52.03 -49.71 -7.62
CA ASP L 19 -50.96 -50.70 -7.64
C ASP L 19 -50.28 -50.85 -6.26
N TRP L 20 -51.07 -50.75 -5.21
CA TRP L 20 -50.53 -50.82 -3.84
C TRP L 20 -49.88 -52.18 -3.53
N ARG L 21 -50.44 -53.25 -4.08
CA ARG L 21 -49.89 -54.59 -3.87
C ARG L 21 -48.46 -54.70 -4.40
N ARG L 22 -48.21 -54.03 -5.52
CA ARG L 22 -46.86 -53.91 -6.07
C ARG L 22 -45.92 -53.26 -5.05
N LEU L 23 -46.39 -52.20 -4.41
CA LEU L 23 -45.58 -51.50 -3.42
C LEU L 23 -45.34 -52.36 -2.17
N ALA L 24 -46.39 -53.01 -1.68
CA ALA L 24 -46.27 -53.91 -0.53
C ALA L 24 -45.16 -54.93 -0.76
N ARG L 25 -45.12 -55.47 -1.99
CA ARG L 25 -44.14 -56.48 -2.39
C ARG L 25 -42.71 -55.91 -2.27
N GLN L 26 -42.50 -54.69 -2.72
CA GLN L 26 -41.18 -54.08 -2.66
C GLN L 26 -40.72 -53.84 -1.22
N LEU L 27 -41.67 -53.59 -0.33
CA LEU L 27 -41.38 -53.37 1.08
C LEU L 27 -41.19 -54.71 1.81
N LYS L 28 -40.99 -55.77 1.04
CA LYS L 28 -40.81 -57.11 1.57
C LYS L 28 -41.95 -57.50 2.54
N VAL L 29 -43.17 -57.12 2.19
CA VAL L 29 -44.35 -57.52 2.93
C VAL L 29 -44.82 -58.82 2.32
N SER L 30 -44.83 -59.89 3.11
CA SER L 30 -45.19 -61.22 2.61
C SER L 30 -46.61 -61.27 2.03
N ASP L 31 -46.83 -62.21 1.11
CA ASP L 31 -48.16 -62.41 0.52
C ASP L 31 -49.16 -62.87 1.55
N THR L 32 -48.68 -63.65 2.53
CA THR L 32 -49.51 -64.09 3.65
C THR L 32 -50.11 -62.90 4.42
N LYS L 33 -49.36 -61.80 4.46
CA LYS L 33 -49.85 -60.57 5.10
C LYS L 33 -50.69 -59.73 4.14
N ILE L 34 -50.30 -59.68 2.88
CA ILE L 34 -51.02 -58.90 1.85
C ILE L 34 -52.43 -59.46 1.59
N ASP L 35 -52.56 -60.78 1.62
CA ASP L 35 -53.88 -61.42 1.56
C ASP L 35 -54.78 -60.93 2.68
N SER L 36 -54.22 -60.90 3.90
CA SER L 36 -54.99 -60.51 5.09
C SER L 36 -55.34 -59.02 5.11
N ILE L 37 -54.48 -58.18 4.52
CA ILE L 37 -54.80 -56.74 4.39
C ILE L 37 -55.97 -56.52 3.43
N GLU L 38 -56.07 -57.35 2.39
CA GLU L 38 -57.22 -57.29 1.49
C GLU L 38 -58.51 -57.69 2.21
N ASP L 39 -58.38 -58.61 3.15
CA ASP L 39 -59.52 -59.05 3.95
C ASP L 39 -59.96 -58.01 4.96
N ARG L 40 -58.99 -57.47 5.71
CA ARG L 40 -59.29 -56.57 6.84
C ARG L 40 -59.93 -55.25 6.43
N TYR L 41 -59.56 -54.73 5.27
CA TYR L 41 -60.00 -53.40 4.84
C TYR L 41 -60.46 -53.41 3.38
N PRO L 42 -61.58 -54.09 3.10
CA PRO L 42 -62.08 -54.15 1.74
C PRO L 42 -62.69 -52.82 1.27
N ARG L 43 -63.11 -51.98 2.23
CA ARG L 43 -63.77 -50.73 1.89
C ARG L 43 -62.81 -49.68 1.29
N ASN L 44 -61.81 -49.26 2.05
CA ASN L 44 -60.99 -48.14 1.61
C ASN L 44 -59.59 -48.53 1.14
N LEU L 45 -59.30 -48.23 -0.13
CA LEU L 45 -57.99 -48.47 -0.71
C LEU L 45 -56.86 -47.76 0.05
N THR L 46 -57.15 -46.55 0.54
CA THR L 46 -56.17 -45.78 1.29
C THR L 46 -55.84 -46.42 2.64
N GLU L 47 -56.81 -47.10 3.26
CA GLU L 47 -56.57 -47.77 4.53
C GLU L 47 -55.72 -49.02 4.34
N ARG L 48 -55.87 -49.67 3.18
CA ARG L 48 -55.08 -50.86 2.85
C ARG L 48 -53.61 -50.48 2.70
N VAL L 49 -53.37 -49.37 2.01
CA VAL L 49 -52.01 -48.89 1.81
C VAL L 49 -51.34 -48.56 3.15
N ARG L 50 -52.06 -47.90 4.07
CA ARG L 50 -51.51 -47.53 5.37
C ARG L 50 -51.08 -48.75 6.20
N GLU L 51 -51.92 -49.77 6.29
CA GLU L 51 -51.56 -50.96 7.06
C GLU L 51 -50.33 -51.67 6.49
N SER L 52 -50.23 -51.68 5.17
CA SER L 52 -49.04 -52.23 4.50
C SER L 52 -47.77 -51.55 5.00
N LEU L 53 -47.81 -50.24 5.13
CA LEU L 53 -46.67 -49.48 5.63
C LEU L 53 -46.44 -49.74 7.11
N ARG L 54 -47.51 -49.77 7.89
CA ARG L 54 -47.41 -50.05 9.33
C ARG L 54 -46.66 -51.36 9.60
N ILE L 55 -47.04 -52.40 8.87
CA ILE L 55 -46.37 -53.71 8.99
C ILE L 55 -44.87 -53.57 8.68
N TRP L 56 -44.55 -52.80 7.65
CA TRP L 56 -43.17 -52.58 7.24
C TRP L 56 -42.35 -51.84 8.31
N LYS L 57 -42.96 -50.86 8.99
CA LYS L 57 -42.30 -50.15 10.10
C LYS L 57 -42.05 -51.07 11.30
N ASN L 58 -43.02 -51.92 11.61
CA ASN L 58 -42.87 -52.92 12.67
C ASN L 58 -41.86 -54.01 12.29
N THR L 59 -41.60 -54.15 10.99
CA THR L 59 -40.68 -55.19 10.49
C THR L 59 -39.22 -54.77 10.64
N GLU L 60 -38.96 -53.46 10.65
CA GLU L 60 -37.63 -52.92 10.99
C GLU L 60 -37.77 -51.72 11.91
N LYS L 61 -37.65 -51.95 13.22
CA LYS L 61 -37.77 -50.89 14.21
C LYS L 61 -36.79 -49.75 13.90
N GLU L 62 -35.51 -50.09 13.81
CA GLU L 62 -34.44 -49.09 13.64
C GLU L 62 -34.15 -48.73 12.19
N ASN L 63 -34.44 -49.63 11.26
CA ASN L 63 -34.05 -49.46 9.85
C ASN L 63 -35.17 -48.95 8.93
N ALA L 64 -36.34 -48.68 9.51
CA ALA L 64 -37.46 -48.15 8.74
C ALA L 64 -37.23 -46.67 8.44
N THR L 65 -36.50 -46.40 7.37
CA THR L 65 -36.12 -45.02 7.00
C THR L 65 -36.95 -44.51 5.81
N VAL L 66 -37.13 -43.19 5.74
CA VAL L 66 -37.82 -42.59 4.59
C VAL L 66 -37.00 -42.81 3.30
N ALA L 67 -35.68 -42.81 3.43
CA ALA L 67 -34.79 -43.11 2.30
C ALA L 67 -35.18 -44.44 1.64
N HIS L 68 -35.43 -45.45 2.46
CA HIS L 68 -35.80 -46.77 1.93
C HIS L 68 -37.23 -46.79 1.39
N LEU L 69 -38.14 -46.02 1.99
CA LEU L 69 -39.48 -45.86 1.42
C LEU L 69 -39.40 -45.33 0.00
N VAL L 70 -38.51 -44.37 -0.21
CA VAL L 70 -38.34 -43.73 -1.51
C VAL L 70 -37.78 -44.71 -2.52
N GLY L 71 -36.84 -45.53 -2.09
CA GLY L 71 -36.32 -46.60 -2.95
C GLY L 71 -37.45 -47.51 -3.39
N ALA L 72 -38.21 -48.01 -2.43
CA ALA L 72 -39.36 -48.86 -2.70
C ALA L 72 -40.24 -48.25 -3.79
N LEU L 73 -40.67 -47.01 -3.57
CA LEU L 73 -41.53 -46.31 -4.51
C LEU L 73 -40.93 -46.26 -5.90
N ARG L 74 -39.65 -45.92 -6.00
CA ARG L 74 -39.00 -45.75 -7.31
C ARG L 74 -38.83 -47.06 -8.06
N SER L 75 -38.64 -48.16 -7.32
CA SER L 75 -38.54 -49.49 -7.94
C SER L 75 -39.89 -49.96 -8.51
N CYS L 76 -40.98 -49.33 -8.06
CA CYS L 76 -42.32 -49.59 -8.59
C CYS L 76 -42.77 -48.53 -9.60
N GLN L 77 -41.83 -47.73 -10.09
CA GLN L 77 -42.13 -46.64 -11.04
C GLN L 77 -43.13 -45.62 -10.47
N MET L 78 -43.18 -45.50 -9.14
CA MET L 78 -44.06 -44.53 -8.48
C MET L 78 -43.23 -43.32 -8.17
N ASN L 79 -42.69 -42.74 -9.22
CA ASN L 79 -41.64 -41.74 -9.06
C ASN L 79 -42.15 -40.39 -8.59
N LEU L 80 -43.29 -39.95 -9.13
CA LEU L 80 -43.93 -38.71 -8.70
C LEU L 80 -44.27 -38.73 -7.19
N VAL L 81 -44.68 -39.89 -6.68
CA VAL L 81 -44.96 -40.02 -5.25
C VAL L 81 -43.67 -39.97 -4.45
N ALA L 82 -42.65 -40.68 -4.94
CA ALA L 82 -41.30 -40.62 -4.37
C ALA L 82 -40.77 -39.19 -4.30
N ASP L 83 -40.89 -38.46 -5.40
CA ASP L 83 -40.51 -37.06 -5.47
C ASP L 83 -41.16 -36.26 -4.38
N LEU L 84 -42.47 -36.43 -4.23
CA LEU L 84 -43.25 -35.68 -3.22
C LEU L 84 -42.80 -36.04 -1.81
N VAL L 85 -42.61 -37.34 -1.57
CA VAL L 85 -42.13 -37.78 -0.25
C VAL L 85 -40.79 -37.15 0.08
N GLN L 86 -39.88 -37.12 -0.90
CA GLN L 86 -38.57 -36.54 -0.75
C GLN L 86 -38.67 -35.08 -0.39
N GLU L 87 -39.45 -34.34 -1.18
CA GLU L 87 -39.57 -32.91 -0.97
C GLU L 87 -40.22 -32.57 0.38
N VAL L 88 -41.18 -33.40 0.81
CA VAL L 88 -41.79 -33.19 2.12
C VAL L 88 -40.73 -33.44 3.19
N GLN L 89 -39.99 -34.52 3.05
CA GLN L 89 -38.94 -34.83 4.04
C GLN L 89 -37.87 -33.74 4.08
N GLN L 90 -37.49 -33.24 2.92
CA GLN L 90 -36.54 -32.17 2.82
C GLN L 90 -37.05 -30.92 3.52
N ALA L 91 -38.30 -30.56 3.22
CA ALA L 91 -38.96 -29.42 3.86
C ALA L 91 -38.96 -29.58 5.37
N ARG L 92 -39.25 -30.78 5.84
CA ARG L 92 -39.23 -31.04 7.27
C ARG L 92 -37.85 -30.86 7.87
N ASP L 93 -36.81 -31.30 7.16
CA ASP L 93 -35.41 -31.10 7.61
C ASP L 93 -35.07 -29.64 7.82
N LEU L 94 -35.68 -28.76 7.05
CA LEU L 94 -35.34 -27.36 7.11
C LEU L 94 -36.13 -26.59 8.15
N GLN L 95 -37.11 -27.25 8.77
CA GLN L 95 -37.91 -26.64 9.83
C GLN L 95 -37.34 -26.90 11.20
N ASN L 96 -36.84 -28.11 11.43
CA ASN L 96 -36.20 -28.46 12.72
C ASN L 96 -35.26 -27.35 13.24
N ARG L 97 -34.47 -26.77 12.32
CA ARG L 97 -33.53 -25.69 12.66
C ARG L 97 -34.25 -24.34 12.94
N SER L 98 -35.12 -23.94 12.02
CA SER L 98 -35.90 -22.69 12.10
C SER L 98 -37.01 -22.83 13.17
N GLY L 99 -37.85 -23.85 13.00
CA GLY L 99 -38.94 -24.15 13.94
C GLY L 99 -38.61 -25.32 14.86
N ASN M 1 -37.80 -7.44 -48.58
CA ASN M 1 -36.49 -7.18 -49.15
C ASN M 1 -35.41 -7.34 -48.09
N LEU M 2 -35.51 -6.61 -46.98
CA LEU M 2 -34.53 -6.75 -45.87
C LEU M 2 -35.07 -7.56 -44.70
N SER M 3 -36.22 -8.18 -44.87
CA SER M 3 -36.85 -8.91 -43.79
C SER M 3 -35.90 -9.93 -43.18
N ASP M 4 -35.21 -10.68 -44.03
CA ASP M 4 -34.31 -11.75 -43.62
C ASP M 4 -33.00 -11.24 -43.07
N VAL M 5 -32.53 -10.09 -43.57
CA VAL M 5 -31.29 -9.51 -43.07
C VAL M 5 -31.51 -9.03 -41.65
N ASP M 6 -32.61 -8.32 -41.44
CA ASP M 6 -32.96 -7.83 -40.11
C ASP M 6 -33.32 -8.97 -39.15
N LEU M 7 -33.90 -10.04 -39.66
CA LEU M 7 -34.13 -11.22 -38.83
C LEU M 7 -32.79 -11.88 -38.48
N SER M 8 -31.86 -11.85 -39.42
CA SER M 8 -30.53 -12.42 -39.21
C SER M 8 -29.73 -11.61 -38.20
N LYS M 9 -29.75 -10.27 -38.33
CA LYS M 9 -29.08 -9.39 -37.38
C LYS M 9 -29.61 -9.60 -35.95
N TYR M 10 -30.93 -9.69 -35.82
CA TYR M 10 -31.58 -9.96 -34.54
C TYR M 10 -31.19 -11.32 -33.95
N ILE M 11 -31.36 -12.39 -34.71
CA ILE M 11 -31.00 -13.72 -34.21
C ILE M 11 -29.53 -13.87 -33.92
N THR M 12 -28.69 -13.19 -34.69
CA THR M 12 -27.27 -13.18 -34.39
C THR M 12 -27.00 -12.50 -33.05
N THR M 13 -27.71 -11.41 -32.75
CA THR M 13 -27.48 -10.76 -31.48
C THR M 13 -27.91 -11.68 -30.31
N ILE M 14 -29.04 -12.37 -30.41
CA ILE M 14 -29.40 -13.34 -29.37
C ILE M 14 -28.36 -14.46 -29.30
N ALA M 15 -27.94 -14.97 -30.44
CA ALA M 15 -26.93 -16.05 -30.45
C ALA M 15 -25.64 -15.67 -29.72
N GLY M 16 -25.27 -14.39 -29.81
CA GLY M 16 -24.00 -13.92 -29.25
C GLY M 16 -24.03 -13.84 -27.75
N VAL M 17 -25.21 -13.98 -27.18
CA VAL M 17 -25.42 -13.78 -25.78
C VAL M 17 -25.84 -15.11 -25.12
N MET M 18 -25.65 -16.21 -25.83
CA MET M 18 -25.96 -17.57 -25.34
C MET M 18 -24.83 -18.52 -25.74
N THR M 19 -24.59 -19.55 -24.96
CA THR M 19 -23.61 -20.58 -25.36
C THR M 19 -24.31 -21.62 -26.21
N LEU M 20 -23.55 -22.38 -26.97
CA LEU M 20 -24.11 -23.44 -27.83
C LEU M 20 -24.96 -24.42 -27.02
N SER M 21 -24.48 -24.81 -25.83
CA SER M 21 -25.24 -25.76 -25.01
C SER M 21 -26.52 -25.07 -24.50
N GLN M 22 -26.39 -23.82 -24.10
CA GLN M 22 -27.56 -23.06 -23.70
C GLN M 22 -28.62 -23.00 -24.82
N VAL M 23 -28.20 -22.69 -26.05
CA VAL M 23 -29.14 -22.60 -27.16
C VAL M 23 -29.79 -23.95 -27.43
N LYS M 24 -28.96 -24.99 -27.41
CA LYS M 24 -29.42 -26.36 -27.66
C LYS M 24 -30.48 -26.70 -26.62
N GLY M 25 -30.18 -26.38 -25.35
CA GLY M 25 -31.12 -26.64 -24.24
C GLY M 25 -32.45 -25.95 -24.44
N PHE M 26 -32.38 -24.66 -24.79
CA PHE M 26 -33.55 -23.84 -24.97
C PHE M 26 -34.46 -24.33 -26.09
N VAL M 27 -33.90 -24.49 -27.30
CA VAL M 27 -34.72 -24.87 -28.44
C VAL M 27 -35.25 -26.30 -28.26
N ARG M 28 -34.52 -27.14 -27.53
CA ARG M 28 -35.00 -28.49 -27.20
C ARG M 28 -36.27 -28.41 -26.37
N LYS M 29 -36.25 -27.52 -25.38
CA LYS M 29 -37.42 -27.33 -24.53
C LYS M 29 -38.60 -26.70 -25.28
N ASN M 30 -38.34 -26.05 -26.41
CA ASN M 30 -39.36 -25.29 -27.11
C ASN M 30 -39.59 -25.72 -28.56
N GLY M 31 -39.65 -27.03 -28.79
CA GLY M 31 -40.18 -27.57 -30.05
C GLY M 31 -39.22 -27.95 -31.16
N VAL M 32 -37.91 -27.84 -30.93
CA VAL M 32 -36.92 -28.31 -31.90
C VAL M 32 -36.40 -29.68 -31.49
N ASN M 33 -36.91 -30.71 -32.16
CA ASN M 33 -36.57 -32.11 -31.87
C ASN M 33 -35.11 -32.45 -32.19
N GLU M 34 -34.50 -33.30 -31.35
CA GLU M 34 -33.16 -33.86 -31.57
C GLU M 34 -32.83 -34.25 -33.03
N ALA M 35 -33.84 -34.56 -33.83
CA ALA M 35 -33.61 -34.72 -35.25
C ALA M 35 -32.98 -33.43 -35.78
N LYS M 36 -33.76 -32.35 -35.76
CA LYS M 36 -33.38 -31.09 -36.39
C LYS M 36 -32.06 -30.55 -35.82
N ILE M 37 -31.80 -30.85 -34.56
CA ILE M 37 -30.56 -30.39 -33.94
C ILE M 37 -29.35 -31.05 -34.61
N ASP M 38 -29.41 -32.37 -34.77
CA ASP M 38 -28.30 -33.12 -35.35
C ASP M 38 -28.04 -32.76 -36.82
N GLU M 39 -29.12 -32.61 -37.58
CA GLU M 39 -29.06 -32.12 -38.95
C GLU M 39 -28.31 -30.78 -39.01
N ILE M 40 -28.62 -29.88 -38.06
CA ILE M 40 -27.99 -28.57 -37.93
C ILE M 40 -26.54 -28.72 -37.47
N LYS M 41 -26.32 -29.61 -36.52
CA LYS M 41 -24.99 -29.83 -35.94
C LYS M 41 -23.98 -30.31 -36.97
N ASN M 42 -24.42 -31.14 -37.91
CA ASN M 42 -23.53 -31.70 -38.92
C ASN M 42 -23.40 -30.82 -40.16
N ASP M 43 -24.25 -29.80 -40.27
CA ASP M 43 -24.15 -28.84 -41.36
C ASP M 43 -23.11 -27.76 -41.05
N ASN M 44 -22.70 -27.66 -39.79
CA ASN M 44 -21.77 -26.63 -39.37
C ASN M 44 -20.84 -27.18 -38.29
N VAL M 45 -19.98 -28.13 -38.68
CA VAL M 45 -19.09 -28.80 -37.71
C VAL M 45 -18.02 -27.85 -37.18
N GLN M 46 -17.49 -27.03 -38.09
CA GLN M 46 -16.50 -26.01 -37.75
C GLN M 46 -17.12 -24.79 -37.07
N ASP M 47 -18.28 -24.38 -37.57
CA ASP M 47 -18.89 -23.08 -37.26
C ASP M 47 -19.95 -23.16 -36.14
N THR M 48 -19.50 -23.11 -34.89
CA THR M 48 -20.43 -23.19 -33.76
C THR M 48 -21.34 -21.94 -33.65
N ALA M 49 -20.85 -20.79 -34.13
CA ALA M 49 -21.64 -19.58 -34.18
C ALA M 49 -22.85 -19.76 -35.10
N GLU M 50 -22.62 -20.35 -36.26
CA GLU M 50 -23.70 -20.58 -37.22
C GLU M 50 -24.67 -21.64 -36.72
N GLN M 51 -24.16 -22.60 -35.94
CA GLN M 51 -25.01 -23.60 -35.31
C GLN M 51 -26.07 -22.94 -34.44
N LYS M 52 -25.63 -22.05 -33.56
CA LYS M 52 -26.53 -21.31 -32.66
C LYS M 52 -27.57 -20.54 -33.47
N VAL M 53 -27.13 -19.90 -34.56
CA VAL M 53 -28.04 -19.09 -35.38
C VAL M 53 -29.09 -19.94 -36.09
N GLN M 54 -28.67 -21.02 -36.71
CA GLN M 54 -29.62 -21.91 -37.39
C GLN M 54 -30.57 -22.52 -36.35
N LEU M 55 -30.04 -22.95 -35.22
CA LEU M 55 -30.87 -23.48 -34.13
C LEU M 55 -31.98 -22.47 -33.76
N LEU M 56 -31.56 -21.23 -33.50
CA LEU M 56 -32.51 -20.19 -33.14
C LEU M 56 -33.44 -19.90 -34.29
N ARG M 57 -32.93 -19.92 -35.51
CA ARG M 57 -33.78 -19.69 -36.68
C ARG M 57 -34.90 -20.70 -36.75
N ASN M 58 -34.53 -21.96 -36.61
CA ASN M 58 -35.51 -23.04 -36.61
C ASN M 58 -36.54 -22.85 -35.51
N TRP M 59 -36.07 -22.55 -34.30
CA TRP M 59 -36.99 -22.28 -33.18
C TRP M 59 -37.91 -21.10 -33.48
N HIS M 60 -37.34 -20.04 -34.04
CA HIS M 60 -38.06 -18.80 -34.20
C HIS M 60 -39.25 -18.96 -35.11
N GLN M 61 -39.12 -19.79 -36.15
CA GLN M 61 -40.19 -19.97 -37.15
C GLN M 61 -41.15 -21.11 -36.78
N LEU M 62 -41.46 -21.22 -35.49
CA LEU M 62 -42.33 -22.27 -34.95
C LEU M 62 -43.33 -21.73 -33.94
N HIS M 63 -43.37 -20.42 -33.72
CA HIS M 63 -44.01 -19.93 -32.51
C HIS M 63 -44.67 -18.55 -32.63
N GLY M 64 -45.84 -18.42 -32.02
CA GLY M 64 -46.48 -17.12 -31.84
C GLY M 64 -45.61 -16.19 -31.00
N LYS M 65 -45.66 -14.90 -31.33
CA LYS M 65 -44.84 -13.86 -30.70
C LYS M 65 -44.90 -13.93 -29.18
N LYS M 66 -46.11 -13.93 -28.62
CA LYS M 66 -46.29 -13.97 -27.16
C LYS M 66 -45.57 -15.15 -26.50
N GLU M 67 -45.53 -16.29 -27.19
CA GLU M 67 -44.84 -17.50 -26.69
C GLU M 67 -43.34 -17.37 -26.91
N ALA M 68 -42.94 -16.96 -28.12
CA ALA M 68 -41.52 -16.74 -28.40
C ALA M 68 -40.93 -15.77 -27.39
N TYR M 69 -41.62 -14.66 -27.14
CA TYR M 69 -41.15 -13.67 -26.17
C TYR M 69 -41.01 -14.27 -24.80
N ASP M 70 -42.13 -14.72 -24.23
CA ASP M 70 -42.15 -15.17 -22.84
C ASP M 70 -41.06 -16.20 -22.62
N THR M 71 -40.99 -17.18 -23.52
CA THR M 71 -40.06 -18.28 -23.41
C THR M 71 -38.59 -17.79 -23.48
N LEU M 72 -38.23 -16.97 -24.48
CA LEU M 72 -36.86 -16.45 -24.64
C LEU M 72 -36.45 -15.51 -23.51
N ILE M 73 -37.33 -14.57 -23.13
CA ILE M 73 -37.06 -13.64 -22.04
C ILE M 73 -36.79 -14.42 -20.73
N LYS M 74 -37.68 -15.37 -20.43
CA LYS M 74 -37.56 -16.19 -19.22
C LYS M 74 -36.23 -16.91 -19.26
N ASP M 75 -35.84 -17.39 -20.43
CA ASP M 75 -34.59 -18.14 -20.56
C ASP M 75 -33.37 -17.27 -20.30
N LEU M 76 -33.35 -16.07 -20.91
CA LEU M 76 -32.27 -15.13 -20.70
C LEU M 76 -32.21 -14.60 -19.25
N LYS M 77 -33.37 -14.42 -18.62
CA LYS M 77 -33.46 -13.94 -17.25
C LYS M 77 -32.77 -14.93 -16.32
N LYS M 78 -33.15 -16.20 -16.42
CA LYS M 78 -32.56 -17.20 -15.55
C LYS M 78 -31.06 -17.32 -15.81
N ALA M 79 -30.63 -17.29 -17.05
CA ALA M 79 -29.21 -17.42 -17.32
C ALA M 79 -28.48 -16.21 -16.72
N ASN M 80 -29.01 -15.01 -16.96
CA ASN M 80 -28.42 -13.81 -16.38
C ASN M 80 -28.36 -13.88 -14.84
N LEU M 81 -29.43 -14.36 -14.20
CA LEU M 81 -29.45 -14.40 -12.77
C LEU M 81 -28.38 -15.37 -12.28
N CYS M 82 -28.25 -16.52 -12.93
CA CYS M 82 -27.20 -17.47 -12.55
C CYS M 82 -25.80 -16.92 -12.66
N THR M 83 -25.52 -16.21 -13.75
CA THR M 83 -24.19 -15.67 -13.97
C THR M 83 -23.89 -14.51 -13.02
N LEU M 84 -24.88 -13.66 -12.74
CA LEU M 84 -24.74 -12.66 -11.68
C LEU M 84 -24.41 -13.31 -10.32
N ALA M 85 -25.15 -14.34 -9.94
CA ALA M 85 -24.95 -14.98 -8.67
C ALA M 85 -23.52 -15.47 -8.60
N GLU M 86 -23.02 -16.04 -9.70
CA GLU M 86 -21.66 -16.60 -9.65
C GLU M 86 -20.66 -15.48 -9.57
N LYS M 87 -20.86 -14.46 -10.36
CA LYS M 87 -19.88 -13.39 -10.42
C LYS M 87 -19.85 -12.60 -9.16
N ILE M 88 -21.02 -12.30 -8.58
CA ILE M 88 -21.03 -11.57 -7.31
C ILE M 88 -20.47 -12.43 -6.17
N GLN M 89 -20.81 -13.70 -6.14
CA GLN M 89 -20.24 -14.54 -5.11
C GLN M 89 -18.72 -14.51 -5.14
N THR M 90 -18.14 -14.54 -6.33
CA THR M 90 -16.69 -14.51 -6.41
C THR M 90 -16.12 -13.19 -5.85
N ILE M 91 -16.71 -12.05 -6.22
CA ILE M 91 -16.20 -10.78 -5.69
C ILE M 91 -16.30 -10.82 -4.15
N ILE M 92 -17.46 -11.20 -3.63
CA ILE M 92 -17.69 -11.16 -2.16
C ILE M 92 -16.73 -12.07 -1.42
N LEU M 93 -16.60 -13.33 -1.86
CA LEU M 93 -15.61 -14.25 -1.25
C LEU M 93 -14.18 -13.77 -1.40
N LYS M 94 -13.85 -13.16 -2.53
CA LYS M 94 -12.50 -12.60 -2.68
C LYS M 94 -12.30 -11.47 -1.62
N ASP M 95 -13.22 -10.52 -1.58
CA ASP M 95 -13.07 -9.40 -0.66
C ASP M 95 -13.18 -9.78 0.80
N ILE M 96 -13.99 -10.77 1.12
CA ILE M 96 -14.25 -11.10 2.53
C ILE M 96 -13.09 -11.84 3.09
N THR M 97 -12.20 -12.24 2.23
CA THR M 97 -11.11 -13.10 2.61
C THR M 97 -9.77 -12.39 2.45
N SER M 98 -9.80 -11.17 1.92
CA SER M 98 -8.65 -10.32 1.73
C SER M 98 -8.35 -9.53 2.97
N ASP M 99 -7.10 -9.14 3.13
CA ASP M 99 -6.72 -8.23 4.23
C ASP M 99 -6.65 -6.77 3.76
N SER M 100 -6.45 -6.58 2.47
CA SER M 100 -6.33 -5.24 1.91
C SER M 100 -7.71 -4.62 1.83
N GLU M 101 -7.74 -3.31 1.56
CA GLU M 101 -8.97 -2.61 1.22
C GLU M 101 -9.49 -3.08 -0.13
N ASN M 102 -10.81 -3.10 -0.29
CA ASN M 102 -11.40 -3.36 -1.61
C ASN M 102 -12.34 -2.24 -2.02
N SER M 103 -11.78 -1.05 -2.18
CA SER M 103 -12.50 0.14 -2.66
C SER M 103 -13.17 -0.06 -4.02
N ASN M 104 -12.89 -1.19 -4.69
CA ASN M 104 -13.48 -1.44 -6.00
C ASN M 104 -14.79 -2.24 -5.99
N PHE M 105 -15.21 -2.70 -4.80
CA PHE M 105 -16.41 -3.52 -4.72
C PHE M 105 -17.63 -2.90 -5.40
N ARG M 106 -17.95 -1.64 -5.03
CA ARG M 106 -19.09 -0.94 -5.61
C ARG M 106 -18.97 -0.87 -7.11
N ASN M 107 -17.79 -0.47 -7.59
CA ASN M 107 -17.56 -0.31 -9.04
C ASN M 107 -17.74 -1.67 -9.71
N GLU M 108 -17.23 -2.71 -9.06
CA GLU M 108 -17.37 -4.05 -9.59
C GLU M 108 -18.84 -4.40 -9.76
N ILE M 109 -19.60 -4.31 -8.68
CA ILE M 109 -21.04 -4.60 -8.74
C ILE M 109 -21.73 -3.73 -9.80
N GLN M 110 -21.44 -2.43 -9.84
CA GLN M 110 -22.10 -1.55 -10.79
C GLN M 110 -21.87 -1.96 -12.24
N SER M 111 -20.64 -2.40 -12.58
CA SER M 111 -20.36 -2.82 -13.97
C SER M 111 -21.13 -4.04 -14.38
N LEU M 112 -21.45 -4.90 -13.41
CA LEU M 112 -22.17 -6.14 -13.72
C LEU M 112 -23.59 -5.85 -14.17
N VAL M 113 -24.06 -4.67 -13.86
CA VAL M 113 -25.45 -4.34 -14.01
C VAL M 113 -25.63 -3.08 -14.91
N LEU M 114 -24.58 -2.73 -15.65
CA LEU M 114 -24.55 -1.52 -16.48
C LEU M 114 -25.64 -1.47 -17.54
N GLU M 115 -26.33 -0.34 -17.66
CA GLU M 115 -27.38 -0.20 -18.68
C GLU M 115 -27.57 1.22 -19.18
N GLY N 1 -21.94 0.85 -25.28
CA GLY N 1 -21.96 2.10 -26.09
C GLY N 1 -22.37 1.83 -27.52
N GLU N 2 -21.38 1.76 -28.41
CA GLU N 2 -21.61 1.56 -29.85
C GLU N 2 -22.27 0.20 -30.11
N GLU N 3 -21.55 -0.88 -29.79
CA GLU N 3 -22.03 -2.23 -30.02
C GLU N 3 -23.30 -2.57 -29.23
N ASP N 4 -23.44 -2.02 -28.02
CA ASP N 4 -24.63 -2.21 -27.19
C ASP N 4 -25.87 -1.67 -27.90
N LEU N 5 -25.78 -0.45 -28.42
CA LEU N 5 -26.90 0.16 -29.14
C LEU N 5 -27.26 -0.63 -30.41
N CYS N 6 -26.26 -1.18 -31.09
CA CYS N 6 -26.51 -2.08 -32.21
C CYS N 6 -27.36 -3.26 -31.80
N ALA N 7 -26.91 -3.93 -30.73
CA ALA N 7 -27.63 -5.08 -30.20
C ALA N 7 -29.06 -4.72 -29.89
N ALA N 8 -29.25 -3.59 -29.21
CA ALA N 8 -30.59 -3.13 -28.87
C ALA N 8 -31.39 -2.89 -30.16
N PHE N 9 -30.80 -2.19 -31.12
CA PHE N 9 -31.49 -1.87 -32.38
C PHE N 9 -31.94 -3.13 -33.12
N ASN N 10 -31.06 -4.13 -33.17
CA ASN N 10 -31.37 -5.39 -33.82
C ASN N 10 -32.56 -6.09 -33.19
N VAL N 11 -32.68 -6.02 -31.87
CA VAL N 11 -33.82 -6.61 -31.16
C VAL N 11 -35.09 -5.82 -31.47
N ILE N 12 -35.00 -4.50 -31.40
CA ILE N 12 -36.15 -3.62 -31.60
C ILE N 12 -36.69 -3.69 -33.04
N CYS N 13 -35.78 -3.55 -34.01
CA CYS N 13 -36.14 -3.59 -35.44
C CYS N 13 -37.01 -4.76 -35.88
N ASP N 14 -36.67 -5.95 -35.39
CA ASP N 14 -37.32 -7.14 -35.86
C ASP N 14 -38.52 -7.52 -35.00
N ASN N 15 -38.87 -6.68 -34.03
CA ASN N 15 -39.93 -7.04 -33.10
C ASN N 15 -40.98 -5.96 -32.83
N VAL N 16 -40.76 -4.73 -33.28
CA VAL N 16 -41.73 -3.64 -33.08
C VAL N 16 -42.88 -3.73 -34.08
N GLY N 17 -42.63 -3.30 -35.31
CA GLY N 17 -43.63 -3.45 -36.37
C GLY N 17 -44.75 -2.42 -36.39
N LYS N 18 -45.95 -2.85 -35.99
CA LYS N 18 -47.20 -2.13 -36.36
C LYS N 18 -47.25 -0.69 -35.82
N ASP N 19 -46.81 -0.51 -34.58
CA ASP N 19 -46.94 0.77 -33.87
C ASP N 19 -45.61 1.52 -33.78
N TRP N 20 -44.81 1.43 -34.82
CA TRP N 20 -43.48 2.05 -34.80
C TRP N 20 -43.55 3.58 -34.70
N ARG N 21 -44.55 4.17 -35.32
CA ARG N 21 -44.72 5.63 -35.28
C ARG N 21 -44.92 6.13 -33.86
N ARG N 22 -45.66 5.34 -33.06
CA ARG N 22 -45.81 5.60 -31.64
C ARG N 22 -44.44 5.65 -30.93
N LEU N 23 -43.57 4.70 -31.27
CA LEU N 23 -42.23 4.64 -30.67
C LEU N 23 -41.37 5.83 -31.12
N ALA N 24 -41.39 6.14 -32.42
CA ALA N 24 -40.67 7.30 -32.96
C ALA N 24 -41.01 8.55 -32.18
N ARG N 25 -42.29 8.72 -31.88
CA ARG N 25 -42.77 9.88 -31.13
C ARG N 25 -42.15 9.93 -29.72
N GLN N 26 -42.08 8.80 -29.04
CA GLN N 26 -41.48 8.75 -27.70
C GLN N 26 -40.00 9.09 -27.71
N LEU N 27 -39.32 8.76 -28.79
CA LEU N 27 -37.89 9.07 -28.93
C LEU N 27 -37.69 10.51 -29.39
N LYS N 28 -38.74 11.32 -29.26
CA LYS N 28 -38.71 12.73 -29.65
C LYS N 28 -38.22 12.91 -31.09
N VAL N 29 -38.66 12.00 -31.97
CA VAL N 29 -38.41 12.12 -33.40
C VAL N 29 -39.54 12.94 -34.00
N SER N 30 -39.21 14.09 -34.57
CA SER N 30 -40.22 15.00 -35.12
C SER N 30 -41.08 14.35 -36.19
N ASP N 31 -42.31 14.86 -36.35
CA ASP N 31 -43.21 14.39 -37.40
C ASP N 31 -42.65 14.69 -38.78
N THR N 32 -41.90 15.80 -38.90
CA THR N 32 -41.26 16.20 -40.14
C THR N 32 -40.29 15.11 -40.60
N LYS N 33 -39.69 14.41 -39.63
CA LYS N 33 -38.76 13.33 -39.91
C LYS N 33 -39.50 12.00 -40.13
N ILE N 34 -40.55 11.75 -39.34
CA ILE N 34 -41.35 10.52 -39.44
C ILE N 34 -42.09 10.42 -40.77
N ASP N 35 -42.58 11.56 -41.27
CA ASP N 35 -43.18 11.61 -42.60
C ASP N 35 -42.17 11.13 -43.65
N SER N 36 -40.95 11.65 -43.57
CA SER N 36 -39.91 11.33 -44.55
C SER N 36 -39.42 9.88 -44.44
N ILE N 37 -39.45 9.30 -43.24
CA ILE N 37 -39.13 7.87 -43.07
C ILE N 37 -40.18 7.00 -43.76
N GLU N 38 -41.44 7.40 -43.72
CA GLU N 38 -42.50 6.67 -44.43
C GLU N 38 -42.27 6.73 -45.94
N ASP N 39 -41.72 7.84 -46.41
CA ASP N 39 -41.42 8.02 -47.83
C ASP N 39 -40.21 7.21 -48.26
N ARG N 40 -39.12 7.29 -47.50
CA ARG N 40 -37.85 6.68 -47.90
C ARG N 40 -37.88 5.14 -47.94
N TYR N 41 -38.66 4.52 -47.06
CA TYR N 41 -38.66 3.07 -46.93
C TYR N 41 -40.08 2.51 -46.86
N PRO N 42 -40.83 2.64 -47.98
CA PRO N 42 -42.21 2.12 -48.00
C PRO N 42 -42.27 0.59 -48.01
N ARG N 43 -41.20 -0.07 -48.46
CA ARG N 43 -41.16 -1.52 -48.62
C ARG N 43 -41.15 -2.24 -47.26
N ASN N 44 -40.09 -2.04 -46.47
CA ASN N 44 -39.92 -2.85 -45.28
C ASN N 44 -40.17 -2.09 -43.97
N LEU N 45 -41.13 -2.60 -43.20
CA LEU N 45 -41.47 -2.04 -41.89
C LEU N 45 -40.29 -2.05 -40.92
N THR N 46 -39.44 -3.07 -41.02
CA THR N 46 -38.25 -3.18 -40.18
C THR N 46 -37.19 -2.12 -40.52
N GLU N 47 -37.10 -1.75 -41.79
CA GLU N 47 -36.14 -0.73 -42.19
C GLU N 47 -36.57 0.65 -41.69
N ARG N 48 -37.88 0.86 -41.62
CA ARG N 48 -38.43 2.13 -41.13
C ARG N 48 -38.13 2.31 -39.66
N VAL N 49 -38.28 1.23 -38.91
CA VAL N 49 -37.98 1.27 -37.48
C VAL N 49 -36.50 1.58 -37.24
N ARG N 50 -35.61 0.98 -38.03
CA ARG N 50 -34.17 1.21 -37.85
C ARG N 50 -33.77 2.66 -38.07
N GLU N 51 -34.24 3.27 -39.15
CA GLU N 51 -33.90 4.66 -39.45
C GLU N 51 -34.39 5.62 -38.34
N SER N 52 -35.56 5.31 -37.79
CA SER N 52 -36.11 6.03 -36.64
C SER N 52 -35.13 6.08 -35.49
N LEU N 53 -34.53 4.92 -35.20
CA LEU N 53 -33.54 4.80 -34.12
C LEU N 53 -32.25 5.52 -34.47
N ARG N 54 -31.79 5.36 -35.71
CA ARG N 54 -30.57 6.01 -36.17
C ARG N 54 -30.63 7.52 -35.96
N ILE N 55 -31.75 8.13 -36.36
CA ILE N 55 -31.97 9.58 -36.16
C ILE N 55 -31.88 9.94 -34.67
N TRP N 56 -32.48 9.08 -33.83
CA TRP N 56 -32.46 9.28 -32.39
C TRP N 56 -31.03 9.22 -31.81
N LYS N 57 -30.20 8.32 -32.31
CA LYS N 57 -28.78 8.23 -31.88
C LYS N 57 -27.99 9.47 -32.31
N ASN N 58 -28.24 9.92 -33.54
CA ASN N 58 -27.63 11.16 -34.05
C ASN N 58 -28.11 12.39 -33.28
N THR N 59 -29.28 12.29 -32.66
CA THR N 59 -29.91 13.41 -31.96
C THR N 59 -29.30 13.64 -30.57
N GLU N 60 -28.75 12.59 -29.97
CA GLU N 60 -27.92 12.74 -28.75
C GLU N 60 -26.69 11.82 -28.83
N LYS N 61 -25.57 12.40 -29.24
CA LYS N 61 -24.31 11.67 -29.38
C LYS N 61 -23.98 10.94 -28.08
N GLU N 62 -23.88 11.71 -27.00
CA GLU N 62 -23.44 11.17 -25.70
C GLU N 62 -24.56 10.59 -24.83
N ASN N 63 -25.80 11.04 -25.05
CA ASN N 63 -26.94 10.68 -24.19
C ASN N 63 -27.82 9.54 -24.74
N ALA N 64 -27.46 9.00 -25.90
CA ALA N 64 -28.20 7.89 -26.51
C ALA N 64 -27.90 6.58 -25.79
N THR N 65 -28.61 6.34 -24.69
CA THR N 65 -28.38 5.18 -23.85
C THR N 65 -29.44 4.12 -24.04
N VAL N 66 -29.06 2.87 -23.80
CA VAL N 66 -30.00 1.74 -23.84
C VAL N 66 -31.09 1.93 -22.76
N ALA N 67 -30.69 2.45 -21.61
CA ALA N 67 -31.63 2.77 -20.52
C ALA N 67 -32.79 3.61 -21.02
N HIS N 68 -32.48 4.63 -21.82
CA HIS N 68 -33.50 5.53 -22.33
C HIS N 68 -34.32 4.89 -23.46
N LEU N 69 -33.70 4.01 -24.26
CA LEU N 69 -34.45 3.20 -25.24
C LEU N 69 -35.53 2.39 -24.52
N VAL N 70 -35.16 1.81 -23.38
CA VAL N 70 -36.07 0.95 -22.62
C VAL N 70 -37.20 1.76 -21.99
N GLY N 71 -36.92 2.99 -21.56
CA GLY N 71 -37.97 3.90 -21.14
C GLY N 71 -38.96 4.17 -22.26
N ALA N 72 -38.43 4.58 -23.41
CA ALA N 72 -39.22 4.80 -24.61
C ALA N 72 -40.19 3.64 -24.85
N LEU N 73 -39.63 2.43 -24.95
CA LEU N 73 -40.44 1.24 -25.20
C LEU N 73 -41.56 1.07 -24.16
N ARG N 74 -41.22 1.23 -22.90
CA ARG N 74 -42.18 1.01 -21.82
C ARG N 74 -43.31 2.04 -21.78
N SER N 75 -43.02 3.27 -22.20
CA SER N 75 -44.03 4.31 -22.28
C SER N 75 -45.03 4.07 -23.43
N CYS N 76 -44.65 3.23 -24.39
CA CYS N 76 -45.54 2.82 -25.47
C CYS N 76 -46.15 1.44 -25.25
N GLN N 77 -46.10 0.95 -24.01
CA GLN N 77 -46.58 -0.39 -23.64
C GLN N 77 -45.94 -1.52 -24.45
N MET N 78 -44.71 -1.28 -24.93
CA MET N 78 -43.94 -2.29 -25.66
C MET N 78 -43.03 -2.96 -24.65
N ASN N 79 -43.67 -3.58 -23.67
CA ASN N 79 -42.99 -4.08 -22.49
C ASN N 79 -42.13 -5.28 -22.76
N LEU N 80 -42.70 -6.27 -23.45
CA LEU N 80 -41.99 -7.48 -23.84
C LEU N 80 -40.72 -7.19 -24.64
N VAL N 81 -40.78 -6.20 -25.52
CA VAL N 81 -39.59 -5.81 -26.28
C VAL N 81 -38.56 -5.17 -25.34
N ALA N 82 -39.04 -4.29 -24.48
CA ALA N 82 -38.21 -3.66 -23.46
C ALA N 82 -37.49 -4.70 -22.61
N ASP N 83 -38.25 -5.68 -22.14
CA ASP N 83 -37.74 -6.79 -21.37
C ASP N 83 -36.60 -7.46 -22.12
N LEU N 84 -36.83 -7.80 -23.38
CA LEU N 84 -35.82 -8.49 -24.19
C LEU N 84 -34.57 -7.61 -24.35
N VAL N 85 -34.77 -6.33 -24.62
CA VAL N 85 -33.65 -5.42 -24.76
C VAL N 85 -32.82 -5.39 -23.49
N GLN N 86 -33.50 -5.32 -22.35
CA GLN N 86 -32.83 -5.28 -21.05
C GLN N 86 -32.01 -6.57 -20.81
N GLU N 87 -32.63 -7.71 -21.06
CA GLU N 87 -31.94 -8.97 -20.85
C GLU N 87 -30.74 -9.14 -21.80
N VAL N 88 -30.86 -8.67 -23.04
CA VAL N 88 -29.73 -8.77 -23.95
C VAL N 88 -28.61 -7.88 -23.44
N GLN N 89 -28.96 -6.66 -23.02
CA GLN N 89 -27.96 -5.73 -22.49
C GLN N 89 -27.29 -6.30 -21.24
N GLN N 90 -28.08 -6.92 -20.38
CA GLN N 90 -27.56 -7.49 -19.17
C GLN N 90 -26.62 -8.64 -19.50
N ALA N 91 -27.02 -9.49 -20.44
CA ALA N 91 -26.16 -10.57 -20.95
C ALA N 91 -24.85 -10.03 -21.47
N ARG N 92 -24.93 -8.96 -22.24
CA ARG N 92 -23.71 -8.36 -22.76
C ARG N 92 -22.81 -7.83 -21.65
N ASP N 93 -23.39 -7.21 -20.63
CA ASP N 93 -22.59 -6.74 -19.48
C ASP N 93 -21.78 -7.85 -18.83
N LEU N 94 -22.31 -9.06 -18.86
CA LEU N 94 -21.68 -10.15 -18.16
C LEU N 94 -20.65 -10.89 -19.01
N GLN N 95 -20.55 -10.52 -20.29
CA GLN N 95 -19.54 -11.09 -21.18
C GLN N 95 -18.26 -10.28 -21.20
N ASN N 96 -18.37 -8.95 -21.16
CA ASN N 96 -17.20 -8.06 -21.11
C ASN N 96 -16.11 -8.55 -20.13
N ARG N 97 -16.56 -9.00 -18.95
CA ARG N 97 -15.68 -9.56 -17.91
C ARG N 97 -15.08 -10.92 -18.30
N SER N 98 -15.96 -11.86 -18.67
CA SER N 98 -15.55 -13.23 -19.04
C SER N 98 -14.91 -13.24 -20.43
N GLY N 99 -15.62 -12.69 -21.40
CA GLY N 99 -15.13 -12.58 -22.79
C GLY N 99 -14.67 -11.18 -23.18
N ASN O 1 -13.27 21.78 24.46
CA ASN O 1 -14.65 22.34 24.66
C ASN O 1 -15.70 21.47 23.99
N LEU O 2 -15.57 21.22 22.68
CA LEU O 2 -16.50 20.32 21.95
C LEU O 2 -15.91 18.96 21.65
N SER O 3 -14.74 18.66 22.21
CA SER O 3 -14.07 17.40 21.91
C SER O 3 -15.01 16.25 22.17
N ASP O 4 -15.68 16.26 23.32
CA ASP O 4 -16.56 15.15 23.70
C ASP O 4 -17.87 15.10 22.92
N VAL O 5 -18.39 16.25 22.50
CA VAL O 5 -19.62 16.27 21.70
C VAL O 5 -19.32 15.65 20.34
N ASP O 6 -18.21 16.07 19.75
CA ASP O 6 -17.82 15.53 18.46
C ASP O 6 -17.46 14.06 18.57
N LEU O 7 -16.84 13.67 19.67
CA LEU O 7 -16.55 12.24 19.87
C LEU O 7 -17.87 11.49 20.02
N SER O 8 -18.84 12.12 20.67
CA SER O 8 -20.15 11.48 20.84
C SER O 8 -20.92 11.37 19.53
N LYS O 9 -20.93 12.44 18.74
CA LYS O 9 -21.57 12.37 17.42
C LYS O 9 -20.97 11.24 16.58
N TYR O 10 -19.64 11.16 16.58
CA TYR O 10 -18.95 10.10 15.84
C TYR O 10 -19.31 8.71 16.32
N ILE O 11 -19.13 8.43 17.60
CA ILE O 11 -19.43 7.10 18.13
C ILE O 11 -20.90 6.76 17.99
N THR O 12 -21.78 7.75 18.07
CA THR O 12 -23.19 7.49 17.80
C THR O 12 -23.38 7.01 16.36
N THR O 13 -22.71 7.67 15.42
CA THR O 13 -22.83 7.27 14.03
C THR O 13 -22.40 5.81 13.83
N ILE O 14 -21.27 5.41 14.42
CA ILE O 14 -20.88 4.01 14.34
C ILE O 14 -21.90 3.12 15.05
N ALA O 15 -22.37 3.51 16.24
CA ALA O 15 -23.36 2.68 16.94
C ALA O 15 -24.58 2.40 16.06
N GLY O 16 -24.98 3.39 15.29
CA GLY O 16 -26.23 3.32 14.54
C GLY O 16 -26.15 2.33 13.39
N VAL O 17 -24.94 1.94 13.07
CA VAL O 17 -24.65 1.10 11.94
C VAL O 17 -24.23 -0.29 12.39
N MET O 18 -24.43 -0.64 13.66
CA MET O 18 -24.09 -1.95 14.22
C MET O 18 -25.20 -2.40 15.20
N THR O 19 -25.42 -3.69 15.33
CA THR O 19 -26.38 -4.19 16.31
C THR O 19 -25.70 -4.38 17.64
N LEU O 20 -26.49 -4.43 18.72
CA LEU O 20 -25.95 -4.58 20.08
C LEU O 20 -25.04 -5.80 20.17
N SER O 21 -25.48 -6.90 19.60
CA SER O 21 -24.69 -8.12 19.64
C SER O 21 -23.41 -7.96 18.83
N GLN O 22 -23.53 -7.33 17.68
CA GLN O 22 -22.35 -7.04 16.89
C GLN O 22 -21.34 -6.14 17.63
N VAL O 23 -21.81 -5.10 18.33
CA VAL O 23 -20.91 -4.23 19.10
C VAL O 23 -20.27 -4.99 20.24
N LYS O 24 -21.07 -5.79 20.94
CA LYS O 24 -20.58 -6.59 22.07
C LYS O 24 -19.48 -7.52 21.58
N GLY O 25 -19.73 -8.15 20.42
CA GLY O 25 -18.77 -9.09 19.81
C GLY O 25 -17.45 -8.39 19.48
N PHE O 26 -17.56 -7.23 18.85
CA PHE O 26 -16.40 -6.47 18.46
C PHE O 26 -15.54 -6.00 19.62
N VAL O 27 -16.16 -5.31 20.59
CA VAL O 27 -15.41 -4.80 21.72
C VAL O 27 -14.81 -5.93 22.57
N ARG O 28 -15.50 -7.07 22.63
CA ARG O 28 -14.96 -8.24 23.33
C ARG O 28 -13.65 -8.70 22.69
N LYS O 29 -13.63 -8.73 21.36
CA LYS O 29 -12.44 -9.13 20.61
C LYS O 29 -11.32 -8.12 20.75
N ASN O 30 -11.62 -6.87 21.11
CA ASN O 30 -10.61 -5.82 21.12
C ASN O 30 -10.46 -5.10 22.47
N GLY O 31 -10.38 -5.88 23.54
CA GLY O 31 -9.91 -5.40 24.83
C GLY O 31 -10.90 -4.95 25.88
N VAL O 32 -12.21 -5.09 25.61
CA VAL O 32 -13.23 -4.81 26.65
C VAL O 32 -13.70 -6.11 27.29
N ASN O 33 -13.19 -6.39 28.48
CA ASN O 33 -13.52 -7.62 29.20
C ASN O 33 -14.98 -7.69 29.63
N GLU O 34 -15.51 -8.91 29.65
CA GLU O 34 -16.87 -9.22 30.13
C GLU O 34 -17.25 -8.52 31.44
N ALA O 35 -16.26 -8.15 32.25
CA ALA O 35 -16.55 -7.31 33.40
C ALA O 35 -17.21 -6.03 32.90
N LYS O 36 -16.45 -5.23 32.15
CA LYS O 36 -16.88 -3.89 31.71
C LYS O 36 -18.17 -3.94 30.90
N ILE O 37 -18.39 -5.03 30.19
CA ILE O 37 -19.63 -5.18 29.43
C ILE O 37 -20.84 -5.22 30.35
N ASP O 38 -20.78 -6.07 31.36
CA ASP O 38 -21.92 -6.26 32.26
C ASP O 38 -22.21 -5.00 33.06
N GLU O 39 -21.16 -4.34 33.55
CA GLU O 39 -21.28 -3.03 34.21
C GLU O 39 -22.04 -2.03 33.31
N ILE O 40 -21.72 -2.02 32.01
CA ILE O 40 -22.40 -1.17 31.04
C ILE O 40 -23.82 -1.66 30.79
N LYS O 41 -23.97 -2.98 30.68
CA LYS O 41 -25.27 -3.59 30.39
C LYS O 41 -26.31 -3.27 31.46
N ASN O 42 -25.89 -3.22 32.73
CA ASN O 42 -26.81 -2.96 33.84
C ASN O 42 -27.02 -1.47 34.13
N ASP O 43 -26.20 -0.64 33.51
CA ASP O 43 -26.32 0.81 33.61
C ASP O 43 -27.38 1.35 32.65
N ASN O 44 -27.74 0.55 31.65
CA ASN O 44 -28.67 0.96 30.60
C ASN O 44 -29.56 -0.21 30.21
N VAL O 45 -30.39 -0.67 31.13
CA VAL O 45 -31.23 -1.86 30.89
C VAL O 45 -32.31 -1.58 29.84
N GLN O 46 -32.88 -0.40 29.91
CA GLN O 46 -33.88 0.08 28.96
C GLN O 46 -33.27 0.57 27.65
N ASP O 47 -32.12 1.25 27.73
CA ASP O 47 -31.54 1.97 26.59
C ASP O 47 -30.42 1.18 25.85
N THR O 48 -30.82 0.35 24.89
CA THR O 48 -29.87 -0.44 24.10
C THR O 48 -28.97 0.43 23.22
N ALA O 49 -29.49 1.58 22.78
CA ALA O 49 -28.70 2.49 21.96
C ALA O 49 -27.53 3.04 22.77
N GLU O 50 -27.80 3.42 24.02
CA GLU O 50 -26.78 3.95 24.90
C GLU O 50 -25.77 2.88 25.31
N GLN O 51 -26.23 1.64 25.41
CA GLN O 51 -25.38 0.50 25.66
C GLN O 51 -24.28 0.41 24.58
N LYS O 52 -24.70 0.43 23.32
CA LYS O 52 -23.77 0.40 22.19
C LYS O 52 -22.78 1.56 22.27
N VAL O 53 -23.26 2.76 22.58
CA VAL O 53 -22.38 3.93 22.59
C VAL O 53 -21.36 3.84 23.72
N GLN O 54 -21.79 3.45 24.91
CA GLN O 54 -20.87 3.29 26.06
C GLN O 54 -19.83 2.20 25.74
N LEU O 55 -20.31 1.07 25.19
CA LEU O 55 -19.42 -0.02 24.80
C LEU O 55 -18.35 0.47 23.84
N LEU O 56 -18.75 1.21 22.83
CA LEU O 56 -17.79 1.75 21.86
C LEU O 56 -16.92 2.83 22.49
N ARG O 57 -17.48 3.63 23.40
CA ARG O 57 -16.69 4.65 24.11
C ARG O 57 -15.56 4.00 24.90
N ASN O 58 -15.90 2.96 25.65
CA ASN O 58 -14.92 2.23 26.42
C ASN O 58 -13.85 1.62 25.50
N TRP O 59 -14.27 1.01 24.39
CA TRP O 59 -13.34 0.44 23.41
C TRP O 59 -12.44 1.53 22.81
N HIS O 60 -13.04 2.66 22.49
CA HIS O 60 -12.33 3.71 21.78
C HIS O 60 -11.16 4.29 22.59
N GLN O 61 -11.32 4.35 23.91
CA GLN O 61 -10.30 4.94 24.80
C GLN O 61 -9.30 3.92 25.29
N LEU O 62 -8.96 2.96 24.44
CA LEU O 62 -8.07 1.86 24.79
C LEU O 62 -7.06 1.59 23.67
N HIS O 63 -7.03 2.41 22.61
CA HIS O 63 -6.32 2.00 21.40
C HIS O 63 -5.69 3.13 20.60
N GLY O 64 -4.49 2.88 20.09
CA GLY O 64 -3.87 3.71 19.06
C GLY O 64 -4.76 3.77 17.82
N LYS O 65 -4.73 4.92 17.16
CA LYS O 65 -5.55 5.19 15.97
C LYS O 65 -5.38 4.08 14.92
N LYS O 66 -4.14 3.78 14.53
CA LYS O 66 -3.85 2.75 13.53
C LYS O 66 -4.56 1.42 13.82
N GLU O 67 -4.64 1.06 15.11
CA GLU O 67 -5.27 -0.18 15.56
C GLU O 67 -6.78 -0.02 15.64
N ALA O 68 -7.23 1.10 16.19
CA ALA O 68 -8.69 1.38 16.22
C ALA O 68 -9.29 1.40 14.80
N TYR O 69 -8.57 2.04 13.86
CA TYR O 69 -8.98 2.08 12.48
C TYR O 69 -9.09 0.70 11.89
N ASP O 70 -7.94 0.03 11.83
CA ASP O 70 -7.87 -1.26 11.14
C ASP O 70 -8.94 -2.19 11.67
N THR O 71 -9.07 -2.28 12.99
CA THR O 71 -10.01 -3.21 13.59
C THR O 71 -11.46 -2.87 13.29
N LEU O 72 -11.85 -1.62 13.46
CA LEU O 72 -13.21 -1.20 13.16
C LEU O 72 -13.55 -1.33 11.67
N ILE O 73 -12.65 -0.87 10.82
CA ILE O 73 -12.86 -0.95 9.36
C ILE O 73 -13.05 -2.39 8.93
N LYS O 74 -12.17 -3.26 9.41
CA LYS O 74 -12.29 -4.70 9.15
C LYS O 74 -13.62 -5.23 9.62
N ASP O 75 -14.03 -4.81 10.81
CA ASP O 75 -15.29 -5.31 11.37
C ASP O 75 -16.48 -4.89 10.51
N LEU O 76 -16.53 -3.61 10.13
CA LEU O 76 -17.64 -3.11 9.33
C LEU O 76 -17.64 -3.73 7.91
N LYS O 77 -16.45 -3.93 7.37
CA LYS O 77 -16.26 -4.55 6.06
C LYS O 77 -16.89 -5.94 6.03
N LYS O 78 -16.55 -6.77 7.00
CA LYS O 78 -17.10 -8.12 7.03
C LYS O 78 -18.60 -8.13 7.31
N ALA O 79 -19.09 -7.25 8.18
CA ALA O 79 -20.50 -7.22 8.43
C ALA O 79 -21.19 -6.80 7.13
N ASN O 80 -20.67 -5.76 6.48
CA ASN O 80 -21.22 -5.30 5.21
C ASN O 80 -21.23 -6.41 4.18
N LEU O 81 -20.14 -7.11 4.06
CA LEU O 81 -20.07 -8.15 3.04
C LEU O 81 -21.06 -9.27 3.33
N CYS O 82 -21.25 -9.66 4.58
CA CYS O 82 -22.28 -10.66 4.90
C CYS O 82 -23.71 -10.17 4.60
N THR O 83 -24.01 -8.92 4.93
CA THR O 83 -25.35 -8.44 4.68
C THR O 83 -25.63 -8.32 3.19
N LEU O 84 -24.65 -7.82 2.43
CA LEU O 84 -24.76 -7.77 0.97
C LEU O 84 -25.01 -9.16 0.39
N ALA O 85 -24.26 -10.14 0.84
CA ALA O 85 -24.42 -11.49 0.37
C ALA O 85 -25.84 -11.97 0.67
N GLU O 86 -26.40 -11.62 1.82
CA GLU O 86 -27.72 -12.15 2.19
C GLU O 86 -28.79 -11.48 1.35
N LYS O 87 -28.63 -10.17 1.21
CA LYS O 87 -29.61 -9.39 0.53
C LYS O 87 -29.58 -9.64 -0.97
N ILE O 88 -28.40 -9.79 -1.55
CA ILE O 88 -28.33 -10.09 -2.98
C ILE O 88 -28.81 -11.50 -3.24
N GLN O 89 -28.51 -12.45 -2.36
CA GLN O 89 -29.05 -13.81 -2.53
C GLN O 89 -30.58 -13.82 -2.56
N THR O 90 -31.19 -13.03 -1.69
CA THR O 90 -32.62 -12.98 -1.66
C THR O 90 -33.22 -12.41 -2.95
N ILE O 91 -32.63 -11.35 -3.46
CA ILE O 91 -33.09 -10.78 -4.72
C ILE O 91 -32.99 -11.82 -5.86
N ILE O 92 -31.83 -12.44 -5.97
CA ILE O 92 -31.58 -13.43 -7.03
C ILE O 92 -32.55 -14.61 -6.96
N LEU O 93 -32.68 -15.25 -5.79
CA LEU O 93 -33.63 -16.37 -5.66
C LEU O 93 -35.06 -15.95 -5.92
N LYS O 94 -35.40 -14.75 -5.51
CA LYS O 94 -36.73 -14.23 -5.77
C LYS O 94 -36.95 -14.16 -7.27
N ASP O 95 -36.06 -13.47 -7.97
CA ASP O 95 -36.20 -13.29 -9.42
C ASP O 95 -36.00 -14.54 -10.26
N ILE O 96 -35.18 -15.49 -9.81
CA ILE O 96 -34.87 -16.68 -10.60
C ILE O 96 -36.03 -17.66 -10.51
N THR O 97 -36.93 -17.47 -9.56
CA THR O 97 -38.05 -18.41 -9.36
C THR O 97 -39.38 -17.75 -9.68
N SER O 98 -39.34 -16.50 -10.11
CA SER O 98 -40.52 -15.78 -10.58
C SER O 98 -40.78 -16.05 -12.06
N ASP O 99 -42.05 -15.97 -12.45
CA ASP O 99 -42.44 -16.10 -13.87
C ASP O 99 -42.57 -14.72 -14.54
N SER O 100 -42.71 -13.69 -13.74
CA SER O 100 -42.84 -12.36 -14.28
C SER O 100 -41.50 -11.81 -14.68
N GLU O 101 -41.50 -10.65 -15.34
CA GLU O 101 -40.28 -9.86 -15.50
C GLU O 101 -39.82 -9.27 -14.20
N ASN O 102 -38.51 -9.12 -14.04
CA ASN O 102 -38.01 -8.32 -12.92
C ASN O 102 -37.05 -7.23 -13.37
N SER O 103 -37.64 -6.31 -14.12
CA SER O 103 -36.96 -5.10 -14.57
C SER O 103 -36.36 -4.28 -13.39
N ASN O 104 -36.64 -4.70 -12.16
CA ASN O 104 -36.16 -4.01 -10.95
C ASN O 104 -34.80 -4.52 -10.44
N PHE O 105 -34.31 -5.63 -10.98
CA PHE O 105 -33.06 -6.22 -10.45
C PHE O 105 -31.87 -5.24 -10.41
N ARG O 106 -31.60 -4.57 -11.52
CA ARG O 106 -30.51 -3.61 -11.59
C ARG O 106 -30.68 -2.52 -10.55
N ASN O 107 -31.88 -1.96 -10.48
CA ASN O 107 -32.18 -0.90 -9.50
C ASN O 107 -31.98 -1.42 -8.10
N GLU O 108 -32.46 -2.63 -7.84
CA GLU O 108 -32.32 -3.22 -6.53
C GLU O 108 -30.85 -3.32 -6.13
N ILE O 109 -30.03 -3.94 -6.97
CA ILE O 109 -28.60 -4.04 -6.69
C ILE O 109 -28.00 -2.65 -6.51
N GLN O 110 -28.30 -1.72 -7.41
CA GLN O 110 -27.67 -0.40 -7.31
C GLN O 110 -27.94 0.32 -5.99
N SER O 111 -29.15 0.16 -5.45
CA SER O 111 -29.50 0.80 -4.20
C SER O 111 -28.71 0.23 -3.05
N LEU O 112 -28.35 -1.05 -3.10
CA LEU O 112 -27.59 -1.68 -2.01
C LEU O 112 -26.19 -1.11 -1.91
N VAL O 113 -25.73 -0.48 -2.97
CA VAL O 113 -24.34 -0.06 -3.06
C VAL O 113 -24.26 1.47 -3.32
N LEU O 114 -25.33 2.17 -3.00
CA LEU O 114 -25.44 3.62 -3.21
C LEU O 114 -24.37 4.40 -2.47
N GLU O 115 -23.74 5.36 -3.14
CA GLU O 115 -22.70 6.17 -2.50
C GLU O 115 -22.61 7.57 -3.08
N GLY P 1 -28.34 10.69 1.26
CA GLY P 1 -28.51 12.13 0.94
C GLY P 1 -28.16 13.01 2.14
N GLU P 2 -29.20 13.54 2.79
CA GLU P 2 -29.00 14.43 3.95
C GLU P 2 -28.33 13.69 5.11
N GLU P 3 -29.00 12.65 5.63
CA GLU P 3 -28.48 11.89 6.77
C GLU P 3 -27.16 11.16 6.45
N ASP P 4 -26.97 10.73 5.19
CA ASP P 4 -25.71 10.09 4.78
C ASP P 4 -24.54 11.07 4.91
N LEU P 5 -24.71 12.27 4.40
CA LEU P 5 -23.65 13.27 4.49
C LEU P 5 -23.33 13.62 5.94
N CYS P 6 -24.35 13.66 6.79
CA CYS P 6 -24.17 13.83 8.23
C CYS P 6 -23.28 12.74 8.82
N ALA P 7 -23.59 11.50 8.51
CA ALA P 7 -22.82 10.37 8.98
C ALA P 7 -21.38 10.53 8.54
N ALA P 8 -21.18 10.81 7.26
CA ALA P 8 -19.82 10.99 6.72
C ALA P 8 -19.12 12.12 7.47
N PHE P 9 -19.81 13.24 7.63
CA PHE P 9 -19.23 14.42 8.30
C PHE P 9 -18.76 14.07 9.71
N ASN P 10 -19.58 13.36 10.46
CA ASN P 10 -19.21 12.97 11.82
C ASN P 10 -17.97 12.08 11.86
N VAL P 11 -17.81 11.21 10.88
CA VAL P 11 -16.63 10.36 10.82
C VAL P 11 -15.40 11.20 10.47
N ILE P 12 -15.53 12.10 9.49
CA ILE P 12 -14.41 12.91 9.03
C ILE P 12 -13.96 13.88 10.11
N CYS P 13 -14.91 14.62 10.66
CA CYS P 13 -14.70 15.63 11.69
C CYS P 13 -13.81 15.17 12.86
N ASP P 14 -14.06 13.97 13.34
CA ASP P 14 -13.42 13.48 14.55
C ASP P 14 -12.16 12.68 14.22
N ASN P 15 -11.75 12.64 12.95
CA ASN P 15 -10.61 11.81 12.58
C ASN P 15 -9.58 12.46 11.63
N VAL P 16 -9.89 13.62 11.07
CA VAL P 16 -8.95 14.30 10.17
C VAL P 16 -7.86 15.02 10.95
N GLY P 17 -8.18 16.19 11.51
CA GLY P 17 -7.25 16.92 12.38
C GLY P 17 -6.16 17.75 11.72
N LYS P 18 -4.94 17.22 11.72
CA LYS P 18 -3.73 18.02 11.47
C LYS P 18 -3.70 18.67 10.08
N ASP P 19 -4.06 17.90 9.06
CA ASP P 19 -3.93 18.34 7.66
C ASP P 19 -5.28 18.71 7.05
N TRP P 20 -6.15 19.31 7.84
CA TRP P 20 -7.50 19.64 7.37
C TRP P 20 -7.49 20.66 6.24
N ARG P 21 -6.55 21.60 6.26
CA ARG P 21 -6.44 22.62 5.20
C ARG P 21 -6.16 21.98 3.85
N ARG P 22 -5.37 20.90 3.85
CA ARG P 22 -5.14 20.09 2.65
C ARG P 22 -6.46 19.54 2.11
N LEU P 23 -7.31 19.06 3.02
CA LEU P 23 -8.61 18.52 2.65
C LEU P 23 -9.53 19.61 2.09
N ALA P 24 -9.61 20.74 2.78
CA ALA P 24 -10.41 21.88 2.34
C ALA P 24 -10.07 22.25 0.89
N ARG P 25 -8.78 22.25 0.58
CA ARG P 25 -8.30 22.57 -0.76
C ARG P 25 -8.82 21.59 -1.80
N GLN P 26 -8.82 20.30 -1.48
CA GLN P 26 -9.32 19.29 -2.41
C GLN P 26 -10.83 19.43 -2.67
N LEU P 27 -11.56 19.91 -1.67
CA LEU P 27 -13.00 20.13 -1.80
C LEU P 27 -13.29 21.44 -2.54
N LYS P 28 -12.26 21.99 -3.18
CA LYS P 28 -12.35 23.27 -3.89
C LYS P 28 -12.94 24.36 -3.00
N VAL P 29 -12.54 24.37 -1.73
CA VAL P 29 -12.88 25.45 -0.81
C VAL P 29 -11.80 26.52 -0.93
N SER P 30 -12.20 27.72 -1.36
CA SER P 30 -11.25 28.80 -1.63
C SER P 30 -10.44 29.16 -0.39
N ASP P 31 -9.24 29.71 -0.60
CA ASP P 31 -8.38 30.15 0.50
C ASP P 31 -9.00 31.34 1.24
N THR P 32 -9.76 32.16 0.51
CA THR P 32 -10.52 33.26 1.10
C THR P 32 -11.49 32.77 2.18
N LYS P 33 -12.02 31.56 1.98
CA LYS P 33 -12.91 30.93 2.95
C LYS P 33 -12.12 30.21 4.05
N ILE P 34 -11.03 29.53 3.68
CA ILE P 34 -10.21 28.78 4.63
C ILE P 34 -9.51 29.71 5.65
N ASP P 35 -9.09 30.90 5.21
CA ASP P 35 -8.57 31.91 6.12
C ASP P 35 -9.60 32.26 7.19
N SER P 36 -10.85 32.45 6.75
CA SER P 36 -11.94 32.83 7.65
C SER P 36 -12.36 31.70 8.59
N ILE P 37 -12.25 30.45 8.16
CA ILE P 37 -12.52 29.31 9.06
C ILE P 37 -11.47 29.22 10.17
N GLU P 38 -10.22 29.58 9.87
CA GLU P 38 -9.16 29.62 10.87
C GLU P 38 -9.47 30.70 11.91
N ASP P 39 -10.10 31.76 11.44
CA ASP P 39 -10.50 32.86 12.26
C ASP P 39 -11.69 32.51 13.16
N ARG P 40 -12.75 31.98 12.55
CA ARG P 40 -14.04 31.70 13.19
C ARG P 40 -13.97 30.70 14.36
N TYR P 41 -13.09 29.73 14.23
CA TYR P 41 -13.02 28.64 15.19
C TYR P 41 -11.58 28.29 15.56
N PRO P 42 -10.89 29.20 16.28
CA PRO P 42 -9.50 28.94 16.65
C PRO P 42 -9.38 27.88 17.75
N ARG P 43 -10.46 27.67 18.52
CA ARG P 43 -10.42 26.72 19.64
C ARG P 43 -10.35 25.25 19.18
N ASN P 44 -11.38 24.77 18.49
CA ASN P 44 -11.43 23.34 18.19
C ASN P 44 -11.16 22.97 16.74
N LEU P 45 -10.13 22.14 16.55
CA LEU P 45 -9.74 21.64 15.24
C LEU P 45 -10.90 20.89 14.58
N THR P 46 -11.68 20.17 15.38
CA THR P 46 -12.83 19.41 14.87
C THR P 46 -13.94 20.31 14.32
N GLU P 47 -14.12 21.48 14.93
CA GLU P 47 -15.17 22.39 14.49
C GLU P 47 -14.75 23.13 13.20
N ARG P 48 -13.44 23.29 13.00
CA ARG P 48 -12.90 23.86 11.75
C ARG P 48 -13.13 22.92 10.57
N VAL P 49 -12.89 21.63 10.80
CA VAL P 49 -13.11 20.61 9.80
C VAL P 49 -14.59 20.58 9.36
N ARG P 50 -15.51 20.64 10.32
CA ARG P 50 -16.95 20.56 10.01
C ARG P 50 -17.41 21.73 9.12
N GLU P 51 -17.02 22.96 9.46
CA GLU P 51 -17.45 24.12 8.67
C GLU P 51 -16.90 24.09 7.24
N SER P 52 -15.69 23.56 7.07
CA SER P 52 -15.12 23.32 5.73
C SER P 52 -16.03 22.43 4.89
N LEU P 53 -16.55 21.38 5.50
CA LEU P 53 -17.45 20.46 4.81
C LEU P 53 -18.79 21.14 4.55
N ARG P 54 -19.31 21.87 5.53
CA ARG P 54 -20.58 22.57 5.38
C ARG P 54 -20.57 23.48 4.16
N ILE P 55 -19.50 24.27 4.02
CA ILE P 55 -19.32 25.15 2.87
C ILE P 55 -19.35 24.36 1.57
N TRP P 56 -18.68 23.20 1.56
CA TRP P 56 -18.65 22.33 0.40
C TRP P 56 -20.04 21.81 0.00
N LYS P 57 -20.86 21.45 1.00
CA LYS P 57 -22.24 20.98 0.73
C LYS P 57 -23.10 22.11 0.17
N ASN P 58 -22.94 23.32 0.71
CA ASN P 58 -23.65 24.49 0.18
C ASN P 58 -23.14 24.90 -1.20
N THR P 59 -21.93 24.46 -1.55
CA THR P 59 -21.31 24.80 -2.83
C THR P 59 -21.86 23.94 -3.99
N GLU P 60 -22.34 22.74 -3.66
CA GLU P 60 -23.06 21.90 -4.62
C GLU P 60 -24.27 21.27 -3.96
N LYS P 61 -25.44 21.89 -4.12
CA LYS P 61 -26.67 21.37 -3.52
C LYS P 61 -26.91 19.92 -3.93
N GLU P 62 -26.98 19.67 -5.24
CA GLU P 62 -27.33 18.35 -5.77
C GLU P 62 -26.13 17.41 -5.94
N ASN P 63 -24.94 17.96 -6.09
CA ASN P 63 -23.75 17.18 -6.43
C ASN P 63 -22.86 16.82 -5.24
N ALA P 64 -23.25 17.25 -4.04
CA ALA P 64 -22.49 16.93 -2.82
C ALA P 64 -22.72 15.48 -2.43
N THR P 65 -21.94 14.58 -3.02
CA THR P 65 -22.11 13.16 -2.81
C THR P 65 -21.00 12.61 -1.92
N VAL P 66 -21.31 11.53 -1.19
CA VAL P 66 -20.32 10.85 -0.33
C VAL P 66 -19.19 10.33 -1.21
N ALA P 67 -19.53 9.81 -2.39
CA ALA P 67 -18.54 9.32 -3.36
C ALA P 67 -17.44 10.37 -3.60
N HIS P 68 -17.85 11.62 -3.77
CA HIS P 68 -16.89 12.71 -4.00
C HIS P 68 -16.08 13.05 -2.75
N LEU P 69 -16.73 12.96 -1.58
CA LEU P 69 -16.03 13.12 -0.31
C LEU P 69 -14.87 12.13 -0.22
N VAL P 70 -15.14 10.89 -0.62
CA VAL P 70 -14.16 9.82 -0.55
C VAL P 70 -13.02 10.07 -1.53
N GLY P 71 -13.34 10.57 -2.71
CA GLY P 71 -12.31 10.96 -3.66
C GLY P 71 -11.39 12.00 -3.05
N ALA P 72 -11.99 13.07 -2.53
CA ALA P 72 -11.26 14.14 -1.84
C ALA P 72 -10.29 13.54 -0.82
N LEU P 73 -10.82 12.74 0.10
CA LEU P 73 -9.97 12.12 1.14
C LEU P 73 -8.79 11.38 0.53
N ARG P 74 -9.06 10.56 -0.48
CA ARG P 74 -8.03 9.70 -1.05
C ARG P 74 -6.95 10.48 -1.78
N SER P 75 -7.32 11.61 -2.37
CA SER P 75 -6.36 12.49 -3.03
C SER P 75 -5.38 13.16 -2.07
N CYS P 76 -5.78 13.26 -0.80
CA CYS P 76 -4.88 13.79 0.24
C CYS P 76 -4.27 12.68 1.11
N GLN P 77 -4.26 11.45 0.58
CA GLN P 77 -3.70 10.28 1.27
C GLN P 77 -4.34 10.03 2.64
N MET P 78 -5.60 10.44 2.79
CA MET P 78 -6.37 10.18 4.01
C MET P 78 -7.19 8.93 3.80
N ASN P 79 -6.49 7.84 3.51
CA ASN P 79 -7.13 6.62 3.00
C ASN P 79 -7.90 5.86 4.05
N LEU P 80 -7.33 5.71 5.24
CA LEU P 80 -8.02 5.08 6.35
C LEU P 80 -9.34 5.78 6.70
N VAL P 81 -9.37 7.11 6.61
CA VAL P 81 -10.61 7.85 6.86
C VAL P 81 -11.60 7.60 5.74
N ALA P 82 -11.11 7.63 4.50
CA ALA P 82 -11.92 7.29 3.32
C ALA P 82 -12.52 5.87 3.45
N ASP P 83 -11.69 4.91 3.83
CA ASP P 83 -12.14 3.57 4.09
C ASP P 83 -13.31 3.56 5.07
N LEU P 84 -13.13 4.21 6.20
CA LEU P 84 -14.14 4.21 7.24
C LEU P 84 -15.45 4.90 6.76
N VAL P 85 -15.32 6.00 6.02
CA VAL P 85 -16.48 6.66 5.46
C VAL P 85 -17.22 5.72 4.51
N GLN P 86 -16.48 5.01 3.67
CA GLN P 86 -17.08 4.10 2.71
C GLN P 86 -17.86 3.00 3.46
N GLU P 87 -17.19 2.38 4.44
CA GLU P 87 -17.82 1.28 5.16
C GLU P 87 -19.08 1.74 5.90
N VAL P 88 -19.05 2.96 6.44
CA VAL P 88 -20.23 3.46 7.16
C VAL P 88 -21.33 3.69 6.15
N GLN P 89 -21.00 4.28 5.01
CA GLN P 89 -22.00 4.52 3.98
C GLN P 89 -22.58 3.19 3.49
N GLN P 90 -21.73 2.18 3.34
CA GLN P 90 -22.20 0.90 2.84
C GLN P 90 -23.09 0.25 3.90
N ALA P 91 -22.69 0.36 5.17
CA ALA P 91 -23.52 -0.13 6.25
C ALA P 91 -24.88 0.52 6.15
N ARG P 92 -24.88 1.84 6.00
CA ARG P 92 -26.15 2.57 5.94
C ARG P 92 -27.03 2.13 4.77
N ASP P 93 -26.42 1.85 3.62
CA ASP P 93 -27.18 1.34 2.48
C ASP P 93 -27.90 0.04 2.79
N LEU P 94 -27.35 -0.76 3.68
CA LEU P 94 -27.89 -2.07 3.97
C LEU P 94 -28.94 -2.04 5.07
N GLN P 95 -29.11 -0.90 5.70
CA GLN P 95 -30.14 -0.75 6.73
C GLN P 95 -31.46 -0.25 6.16
N ASN P 96 -31.39 0.67 5.20
CA ASN P 96 -32.59 1.18 4.54
C ASN P 96 -33.60 0.05 4.17
N ARG P 97 -33.07 -1.08 3.65
CA ARG P 97 -33.93 -2.23 3.29
C ARG P 97 -34.45 -3.00 4.52
N SER P 98 -33.55 -3.34 5.44
CA SER P 98 -33.92 -4.08 6.67
C SER P 98 -34.64 -3.14 7.65
N GLY P 99 -34.00 -2.01 7.95
CA GLY P 99 -34.58 -0.99 8.85
C GLY P 99 -35.12 0.24 8.14
S SO4 Q . 29.52 3.97 -18.35
O1 SO4 Q . 30.34 4.25 -17.16
O2 SO4 Q . 28.41 4.93 -18.47
O3 SO4 Q . 30.34 4.05 -19.56
O4 SO4 Q . 29.01 2.62 -18.23
NA NA R . 22.25 18.20 0.61
NA NA S . 13.54 9.65 -6.74
S SO4 T . 11.85 34.42 16.23
O1 SO4 T . 12.07 35.86 16.33
O2 SO4 T . 10.49 34.07 16.62
O3 SO4 T . 11.97 33.98 14.85
O4 SO4 T . 12.87 33.76 17.04
S SO4 U . 45.92 22.11 -10.75
O1 SO4 U . 46.74 22.44 -9.58
O2 SO4 U . 44.55 22.60 -10.72
O3 SO4 U . 46.56 22.75 -11.90
O4 SO4 U . 45.94 20.65 -10.91
S SO4 V . 67.04 23.66 1.23
O1 SO4 V . 67.34 25.08 1.44
O2 SO4 V . 66.09 23.54 0.14
O3 SO4 V . 68.26 22.93 0.90
O4 SO4 V . 66.46 23.10 2.45
NA NA W . 27.24 16.42 4.47
S SO4 X . 12.40 9.56 23.41
O1 SO4 X . 13.25 8.39 23.54
O2 SO4 X . 13.10 10.65 24.07
O3 SO4 X . 12.14 9.91 22.02
O4 SO4 X . 11.09 9.32 24.02
NA NA Y . 28.83 4.11 12.00
S SO4 Z . -1.94 -26.19 -9.76
O1 SO4 Z . -2.08 -27.14 -8.66
O2 SO4 Z . -2.01 -24.80 -9.31
O3 SO4 Z . -0.61 -26.32 -10.38
O4 SO4 Z . -2.99 -26.41 -10.74
S SO4 AA . -4.66 -38.94 -4.73
O1 SO4 AA . -4.14 -39.54 -3.50
O2 SO4 AA . -6.12 -38.95 -4.74
O3 SO4 AA . -4.18 -37.56 -4.83
O4 SO4 AA . -4.20 -39.72 -5.88
NA NA BA . -14.52 -27.09 6.76
S SO4 CA . -47.26 -19.78 8.90
O1 SO4 CA . -46.47 -19.57 10.12
O2 SO4 CA . -48.58 -19.16 9.03
O3 SO4 CA . -46.63 -19.08 7.77
O4 SO4 CA . -47.44 -21.22 8.71
S SO4 DA . -19.44 -24.88 14.58
O1 SO4 DA . -19.19 -25.79 15.70
O2 SO4 DA . -20.88 -24.64 14.43
O3 SO4 DA . -18.83 -23.59 14.87
O4 SO4 DA . -18.91 -25.48 13.36
NA NA EA . -24.60 -20.59 -1.19
S SO4 FA . -20.19 -21.06 -27.47
O1 SO4 FA . -20.65 -22.02 -26.46
O2 SO4 FA . -21.31 -20.30 -27.98
O3 SO4 FA . -19.17 -20.12 -26.95
O4 SO4 FA . -19.62 -21.82 -28.58
S SO4 GA . -10.77 -4.65 -5.49
O1 SO4 GA . -10.12 -3.45 -4.99
O2 SO4 GA . -12.21 -4.61 -5.18
O3 SO4 GA . -10.58 -4.74 -6.93
O4 SO4 GA . -10.16 -5.82 -4.87
NA NA HA . -24.75 -14.49 -3.63
S SO4 IA . -29.86 -3.19 17.72
O1 SO4 IA . -28.63 -2.86 18.42
O2 SO4 IA . -30.96 -2.78 18.59
O3 SO4 IA . -29.94 -2.44 16.46
O4 SO4 IA . -29.91 -4.63 17.49
NA NA JA . -17.30 -3.22 1.57
#